data_1D83
# 
_entry.id   1D83 
# 
_audit_conform.dict_name       mmcif_pdbx.dic 
_audit_conform.dict_version    5.392 
_audit_conform.dict_location   http://mmcif.pdb.org/dictionaries/ascii/mmcif_pdbx.dic 
# 
loop_
_database_2.database_id 
_database_2.database_code 
_database_2.pdbx_database_accession 
_database_2.pdbx_DOI 
PDB   1D83         pdb_00001d83 10.2210/pdb1d83/pdb 
WWPDB D_1000172681 ?            ?                   
# 
loop_
_pdbx_audit_revision_history.ordinal 
_pdbx_audit_revision_history.data_content_type 
_pdbx_audit_revision_history.major_revision 
_pdbx_audit_revision_history.minor_revision 
_pdbx_audit_revision_history.revision_date 
1 'Structure model' 1 0 1993-07-15 
2 'Structure model' 1 1 2008-03-24 
3 'Structure model' 1 2 2011-07-13 
4 'Structure model' 2 0 2020-07-29 
5 'Structure model' 3 0 2023-08-02 
6 'Structure model' 3 1 2024-05-22 
# 
loop_
_pdbx_audit_revision_details.ordinal 
_pdbx_audit_revision_details.revision_ordinal 
_pdbx_audit_revision_details.data_content_type 
_pdbx_audit_revision_details.provider 
_pdbx_audit_revision_details.type 
_pdbx_audit_revision_details.description 
_pdbx_audit_revision_details.details 
1 1 'Structure model' repository 'Initial release' ?                          ? 
2 4 'Structure model' repository Remediation       'Carbohydrate remediation' ? 
# 
loop_
_pdbx_audit_revision_group.ordinal 
_pdbx_audit_revision_group.revision_ordinal 
_pdbx_audit_revision_group.data_content_type 
_pdbx_audit_revision_group.group 
1  2 'Structure model' 'Version format compliance' 
2  3 'Structure model' 'Version format compliance' 
3  4 'Structure model' Advisory                    
4  4 'Structure model' 'Atomic model'              
5  4 'Structure model' 'Data collection'           
6  4 'Structure model' 'Derived calculations'      
7  4 'Structure model' Other                       
8  4 'Structure model' 'Structure summary'         
9  5 'Structure model' 'Atomic model'              
10 5 'Structure model' 'Database references'       
11 5 'Structure model' 'Derived calculations'      
12 5 'Structure model' 'Structure summary'         
13 6 'Structure model' 'Data collection'           
# 
loop_
_pdbx_audit_revision_category.ordinal 
_pdbx_audit_revision_category.revision_ordinal 
_pdbx_audit_revision_category.data_content_type 
_pdbx_audit_revision_category.category 
1  4 'Structure model' atom_site                     
2  4 'Structure model' chem_comp                     
3  4 'Structure model' entity                        
4  4 'Structure model' pdbx_branch_scheme            
5  4 'Structure model' pdbx_chem_comp_identifier     
6  4 'Structure model' pdbx_database_status          
7  4 'Structure model' pdbx_entity_branch            
8  4 'Structure model' pdbx_entity_branch_descriptor 
9  4 'Structure model' pdbx_entity_branch_link       
10 4 'Structure model' pdbx_entity_branch_list       
11 4 'Structure model' pdbx_entity_nonpoly           
12 4 'Structure model' pdbx_nonpoly_scheme           
13 4 'Structure model' pdbx_struct_assembly          
14 4 'Structure model' pdbx_struct_conn_angle        
15 4 'Structure model' pdbx_struct_oper_list         
16 4 'Structure model' pdbx_unobs_or_zero_occ_atoms  
17 4 'Structure model' struct_asym                   
18 4 'Structure model' struct_conn                   
19 4 'Structure model' struct_site                   
20 4 'Structure model' struct_site_gen               
21 5 'Structure model' atom_site                     
22 5 'Structure model' chem_comp                     
23 5 'Structure model' database_2                    
24 5 'Structure model' struct_conn                   
25 6 'Structure model' chem_comp_atom                
26 6 'Structure model' chem_comp_bond                
# 
loop_
_pdbx_audit_revision_item.ordinal 
_pdbx_audit_revision_item.revision_ordinal 
_pdbx_audit_revision_item.data_content_type 
_pdbx_audit_revision_item.item 
1  4 'Structure model' '_atom_site.B_iso_or_equiv'                   
2  4 'Structure model' '_atom_site.Cartn_x'                          
3  4 'Structure model' '_atom_site.Cartn_y'                          
4  4 'Structure model' '_atom_site.Cartn_z'                          
5  4 'Structure model' '_atom_site.auth_asym_id'                     
6  4 'Structure model' '_atom_site.auth_atom_id'                     
7  4 'Structure model' '_atom_site.auth_comp_id'                     
8  4 'Structure model' '_atom_site.auth_seq_id'                      
9  4 'Structure model' '_atom_site.label_asym_id'                    
10 4 'Structure model' '_atom_site.label_atom_id'                    
11 4 'Structure model' '_atom_site.label_comp_id'                    
12 4 'Structure model' '_atom_site.label_entity_id'                  
13 4 'Structure model' '_atom_site.type_symbol'                      
14 4 'Structure model' '_chem_comp.mon_nstd_flag'                    
15 4 'Structure model' '_chem_comp.name'                             
16 4 'Structure model' '_chem_comp.type'                             
17 4 'Structure model' '_pdbx_database_status.process_site'          
18 4 'Structure model' '_pdbx_struct_conn_angle.ptnr1_auth_asym_id'  
19 4 'Structure model' '_pdbx_struct_conn_angle.ptnr1_auth_seq_id'   
20 4 'Structure model' '_pdbx_struct_conn_angle.ptnr1_label_asym_id' 
21 4 'Structure model' '_pdbx_struct_conn_angle.ptnr1_label_atom_id' 
22 4 'Structure model' '_pdbx_struct_conn_angle.ptnr2_label_asym_id' 
23 4 'Structure model' '_pdbx_struct_conn_angle.ptnr3_auth_asym_id'  
24 4 'Structure model' '_pdbx_struct_conn_angle.ptnr3_auth_seq_id'   
25 4 'Structure model' '_pdbx_struct_conn_angle.ptnr3_label_asym_id' 
26 4 'Structure model' '_pdbx_struct_conn_angle.ptnr3_label_atom_id' 
27 4 'Structure model' '_pdbx_struct_conn_angle.value'               
28 4 'Structure model' '_struct_conn.conn_type_id'                   
29 4 'Structure model' '_struct_conn.id'                             
30 4 'Structure model' '_struct_conn.pdbx_dist_value'                
31 4 'Structure model' '_struct_conn.pdbx_leaving_atom_flag'         
32 4 'Structure model' '_struct_conn.ptnr1_auth_asym_id'             
33 4 'Structure model' '_struct_conn.ptnr1_auth_comp_id'             
34 4 'Structure model' '_struct_conn.ptnr1_auth_seq_id'              
35 4 'Structure model' '_struct_conn.ptnr1_label_asym_id'            
36 4 'Structure model' '_struct_conn.ptnr1_label_atom_id'            
37 4 'Structure model' '_struct_conn.ptnr1_label_comp_id'            
38 4 'Structure model' '_struct_conn.ptnr2_auth_asym_id'             
39 4 'Structure model' '_struct_conn.ptnr2_auth_comp_id'             
40 4 'Structure model' '_struct_conn.ptnr2_auth_seq_id'              
41 4 'Structure model' '_struct_conn.ptnr2_label_asym_id'            
42 4 'Structure model' '_struct_conn.ptnr2_label_atom_id'            
43 4 'Structure model' '_struct_conn.ptnr2_label_comp_id'            
44 5 'Structure model' '_atom_site.B_iso_or_equiv'                   
45 5 'Structure model' '_atom_site.Cartn_x'                          
46 5 'Structure model' '_atom_site.Cartn_y'                          
47 5 'Structure model' '_atom_site.Cartn_z'                          
48 5 'Structure model' '_atom_site.auth_atom_id'                     
49 5 'Structure model' '_atom_site.label_atom_id'                    
50 5 'Structure model' '_chem_comp.pdbx_synonyms'                    
51 5 'Structure model' '_database_2.pdbx_DOI'                        
52 5 'Structure model' '_database_2.pdbx_database_accession'         
53 5 'Structure model' '_struct_conn.pdbx_leaving_atom_flag'         
# 
_pdbx_database_status.status_code                     REL 
_pdbx_database_status.entry_id                        1D83 
_pdbx_database_status.recvd_initial_deposition_date   1992-07-22 
_pdbx_database_status.deposit_site                    ? 
_pdbx_database_status.process_site                    BNL 
_pdbx_database_status.SG_entry                        . 
_pdbx_database_status.pdb_format_compatible           Y 
_pdbx_database_status.status_code_mr                  ? 
_pdbx_database_status.status_code_sf                  ? 
_pdbx_database_status.status_code_cs                  ? 
_pdbx_database_status.status_code_nmr_data            ? 
_pdbx_database_status.methods_development_category    ? 
# 
loop_
_audit_author.name 
_audit_author.pdbx_ordinal 
'Gao, X.'     1 
'Mirau, P.'   2 
'Patel, D.J.' 3 
# 
_citation.id                        primary 
_citation.title                     'Structure refinement of the chromomycin dimer-DNA oligomer complex in solution.' 
_citation.journal_abbrev            J.Mol.Biol. 
_citation.journal_volume            223 
_citation.page_first                259 
_citation.page_last                 279 
_citation.year                      1992 
_citation.journal_id_ASTM           JMOBAK 
_citation.country                   UK 
_citation.journal_id_ISSN           0022-2836 
_citation.journal_id_CSD            0070 
_citation.book_publisher            ? 
_citation.pdbx_database_id_PubMed   1731073 
_citation.pdbx_database_id_DOI      '10.1016/0022-2836(92)90730-8' 
# 
loop_
_citation_author.citation_id 
_citation_author.name 
_citation_author.ordinal 
_citation_author.identifier_ORCID 
primary 'Gao, X.L.'   1 ? 
primary 'Mirau, P.'   2 ? 
primary 'Patel, D.J.' 3 ? 
# 
loop_
_entity.id 
_entity.type 
_entity.src_method 
_entity.pdbx_description 
_entity.formula_weight 
_entity.pdbx_number_of_molecules 
_entity.pdbx_ec 
_entity.pdbx_mutation 
_entity.pdbx_fragment 
_entity.details 
1 polymer     syn 
;DNA (5'-D(*AP*AP*GP*GP*CP*CP*TP*T)-3')
;
2426.617 2 ? ? ? ? 
2 branched    man 
;3-C-methyl-4-O-acetyl-alpha-L-Olivopyranose-(1-3)-(2R,5S,6R)-6-methyltetrahydro-2H-pyran-2,5-diol-(1-3)-(2R,5S,6R)-6-methyltetrahydro-2H-pyran-2,5-diol
;
432.506  2 ? ? ? ? 
3 branched    man 
'2,6-dideoxy-4-O-methyl-alpha-D-galactopyranose-(1-3)-(2R,3R,6R)-6-hydroxy-2-methyltetrahydro-2H-pyran-3-yl acetate' 318.363  2 ? 
? ? ? 
4 non-polymer syn 
'(1S)-5-deoxy-1-O-methyl-1-C-[(2R,3S)-3,5,7,10-tetrahydroxy-6-methyl-4-oxo-1,2,3,4-tetrahydroanthracen-2-yl]-D-xylulose' 420.410  
2 ? ? ? ? 
5 non-polymer syn 'MAGNESIUM ION' 24.305   1 ? ? ? ? 
# 
_entity_keywords.entity_id   1 
_entity_keywords.text        'DEOXYRIBONUCLEIC ACID' 
# 
_entity_poly.entity_id                      1 
_entity_poly.type                           polydeoxyribonucleotide 
_entity_poly.nstd_linkage                   no 
_entity_poly.nstd_monomer                   no 
_entity_poly.pdbx_seq_one_letter_code       '(DA)(DA)(DG)(DG)(DC)(DC)(DT)(DT)' 
_entity_poly.pdbx_seq_one_letter_code_can   AAGGCCTT 
_entity_poly.pdbx_strand_id                 A,B 
_entity_poly.pdbx_target_identifier         ? 
# 
loop_
_pdbx_entity_nonpoly.entity_id 
_pdbx_entity_nonpoly.name 
_pdbx_entity_nonpoly.comp_id 
4 '(1S)-5-deoxy-1-O-methyl-1-C-[(2R,3S)-3,5,7,10-tetrahydroxy-6-methyl-4-oxo-1,2,3,4-tetrahydroanthracen-2-yl]-D-xylulose' CPH 
5 'MAGNESIUM ION'                                                                                                          MG  
# 
loop_
_entity_poly_seq.entity_id 
_entity_poly_seq.num 
_entity_poly_seq.mon_id 
_entity_poly_seq.hetero 
1 1 DA n 
1 2 DA n 
1 3 DG n 
1 4 DG n 
1 5 DC n 
1 6 DC n 
1 7 DT n 
1 8 DT n 
# 
_pdbx_entity_src_syn.entity_id              1 
_pdbx_entity_src_syn.pdbx_src_id            1 
_pdbx_entity_src_syn.pdbx_alt_source_flag   sample 
_pdbx_entity_src_syn.pdbx_beg_seq_num       ? 
_pdbx_entity_src_syn.pdbx_end_seq_num       ? 
_pdbx_entity_src_syn.organism_scientific    ? 
_pdbx_entity_src_syn.organism_common_name   ? 
_pdbx_entity_src_syn.ncbi_taxonomy_id       ? 
_pdbx_entity_src_syn.details                'CHEMICALY SYNTHESIZED' 
# 
loop_
_pdbx_entity_branch.entity_id 
_pdbx_entity_branch.type 
2 oligosaccharide 
3 oligosaccharide 
# 
loop_
_pdbx_entity_branch_descriptor.ordinal 
_pdbx_entity_branch_descriptor.entity_id 
_pdbx_entity_branch_descriptor.descriptor 
_pdbx_entity_branch_descriptor.type 
_pdbx_entity_branch_descriptor.program 
_pdbx_entity_branch_descriptor.program_version 
1 2 'WURCS=2.0/2,3,2/[ad222m-1b_1-5][ad611m-1a_1-5_3*C_4*OCC/3=O]/1-1-2/a3-b1_b3-c1'        WURCS  PDB2Glycan 1.1.0 
2 2 '[][b-D-2,6-deoxy-Glcp]{[(3+1)][b-D-2,6-deoxy-Glcp]{[(3+1)][a-L-2,6-deoxy-Glcp4Ac]{}}}' LINUCS PDB-CARE   ?     
3 3 'WURCS=2.0/2,2,1/[ad212m-1b_1-5_4*OCC/3=O][ad112m-1a_1-5_4*OC]/1-2/a3-b1'               WURCS  PDB2Glycan 1.1.0 
4 3 '[][b-D-2-deoxy-Fucp4Ac]{[(3+1)][a-D-2-deoxy-Fucp4Me]{}}'                               LINUCS PDB-CARE   ?     
# 
loop_
_pdbx_entity_branch_link.link_id 
_pdbx_entity_branch_link.entity_id 
_pdbx_entity_branch_link.entity_branch_list_num_1 
_pdbx_entity_branch_link.comp_id_1 
_pdbx_entity_branch_link.atom_id_1 
_pdbx_entity_branch_link.leaving_atom_id_1 
_pdbx_entity_branch_link.entity_branch_list_num_2 
_pdbx_entity_branch_link.comp_id_2 
_pdbx_entity_branch_link.atom_id_2 
_pdbx_entity_branch_link.leaving_atom_id_2 
_pdbx_entity_branch_link.value_order 
_pdbx_entity_branch_link.details 
1 2 1 CDR C3 H3 2 CDR O1 HO1 sing ? 
2 2 2 CDR C3 H3 3 ERI O1 HO1 sing ? 
3 3 1 ARI C3 H3 2 1GL O1 HO1 sing ? 
# 
loop_
_chem_comp.id 
_chem_comp.type 
_chem_comp.mon_nstd_flag 
_chem_comp.name 
_chem_comp.pdbx_synonyms 
_chem_comp.formula 
_chem_comp.formula_weight 
1GL 'D-saccharide, alpha linking' . 2,6-dideoxy-4-O-methyl-alpha-D-galactopyranose 
;4-O-METHYL-2,6-DIDEOXY-ALPHA-D-GALACTO-HEXOPYRANOSE; 2-deoxy-4-O-methyl-alpha-D-fucopyranose; 2,6-dideoxy-4-O-methyl-alpha-D-galactose; 2,6-dideoxy-4-O-methyl-D-galactose; 2,6-dideoxy-4-O-methyl-galactose
;
'C7 H14 O4'       162.184 
ARI 'D-saccharide, beta linking'  . '(2R,3R,6R)-6-hydroxy-2-methyltetrahydro-2H-pyran-3-yl acetate' 
'[O4]-ACETOXY-2,3-DIDEOXYFUCOSE' 'C8 H14 O4'       174.194 
CDR 'D-saccharide, beta linking'  . '(2R,5S,6R)-6-methyltetrahydro-2H-pyran-2,5-diol' 2,3-DIDEOXYFUCOSE 'C6 H12 O3'       132.158 
CPH non-polymer                   . 
'(1S)-5-deoxy-1-O-methyl-1-C-[(2R,3S)-3,5,7,10-tetrahydroxy-6-methyl-4-oxo-1,2,3,4-tetrahydroanthracen-2-yl]-D-xylulose' None 
'C21 H24 O9'      420.410 
DA  'DNA linking'                 y "2'-DEOXYADENOSINE-5'-MONOPHOSPHATE" ? 'C10 H14 N5 O6 P' 331.222 
DC  'DNA linking'                 y "2'-DEOXYCYTIDINE-5'-MONOPHOSPHATE" ? 'C9 H14 N3 O7 P'  307.197 
DG  'DNA linking'                 y "2'-DEOXYGUANOSINE-5'-MONOPHOSPHATE" ? 'C10 H14 N5 O7 P' 347.221 
DT  'DNA linking'                 y "THYMIDINE-5'-MONOPHOSPHATE" ? 'C10 H15 N2 O8 P' 322.208 
ERI 'L-saccharide, alpha linking' n 3-C-methyl-4-O-acetyl-alpha-L-Olivopyranose 
;4-O-ACETYL-2,6-DIDEOXY-3-C-METHYL-BETA-L-ARABINO-HEXOPYRANOSE; 3-C-methyl-4-O-acetyl-alpha-L-Olivose; 3-C-methyl-4-O-acetyl-L-Olivose; 3-C-methyl-4-O-acetyl-Olivose
;
'C9 H16 O5'       204.220 
MG  non-polymer                   . 'MAGNESIUM ION' ? 'Mg 2'            24.305  
# 
_pdbx_chem_comp_identifier.comp_id           1GL 
_pdbx_chem_comp_identifier.type              'IUPAC CARBOHYDRATE SYMBOL' 
_pdbx_chem_comp_identifier.program           PDB-CARE 
_pdbx_chem_comp_identifier.program_version   1.0 
_pdbx_chem_comp_identifier.identifier        a-D-2-deoxy-Fucp4OMe 
# 
loop_
_pdbx_poly_seq_scheme.asym_id 
_pdbx_poly_seq_scheme.entity_id 
_pdbx_poly_seq_scheme.seq_id 
_pdbx_poly_seq_scheme.mon_id 
_pdbx_poly_seq_scheme.ndb_seq_num 
_pdbx_poly_seq_scheme.pdb_seq_num 
_pdbx_poly_seq_scheme.auth_seq_num 
_pdbx_poly_seq_scheme.pdb_mon_id 
_pdbx_poly_seq_scheme.auth_mon_id 
_pdbx_poly_seq_scheme.pdb_strand_id 
_pdbx_poly_seq_scheme.pdb_ins_code 
_pdbx_poly_seq_scheme.hetero 
A 1 1 DA 1 1  1  DA A A . n 
A 1 2 DA 2 2  2  DA A A . n 
A 1 3 DG 3 3  3  DG G A . n 
A 1 4 DG 4 4  4  DG G A . n 
A 1 5 DC 5 5  5  DC C A . n 
A 1 6 DC 6 6  6  DC C A . n 
A 1 7 DT 7 7  7  DT T A . n 
A 1 8 DT 8 8  8  DT T A . n 
B 1 1 DA 1 11 11 DA A B . n 
B 1 2 DA 2 12 12 DA A B . n 
B 1 3 DG 3 13 13 DG G B . n 
B 1 4 DG 4 14 14 DG G B . n 
B 1 5 DC 5 15 15 DC C B . n 
B 1 6 DC 6 16 16 DC C B . n 
B 1 7 DT 7 17 17 DT T B . n 
B 1 8 DT 8 18 18 DT T B . n 
# 
loop_
_pdbx_branch_scheme.asym_id 
_pdbx_branch_scheme.entity_id 
_pdbx_branch_scheme.mon_id 
_pdbx_branch_scheme.num 
_pdbx_branch_scheme.pdb_asym_id 
_pdbx_branch_scheme.pdb_mon_id 
_pdbx_branch_scheme.pdb_seq_num 
_pdbx_branch_scheme.auth_asym_id 
_pdbx_branch_scheme.auth_mon_id 
_pdbx_branch_scheme.auth_seq_num 
_pdbx_branch_scheme.hetero 
C 2 CDR 1 C CDR 1 ? CDR 24 n 
C 2 CDR 2 C CDR 2 ? CDR 25 n 
C 2 ERI 3 C ERI 3 ? ERI 26 n 
D 3 ARI 1 D ARI 1 ? ARI 32 n 
D 3 1GL 2 D 1GL 2 ? BRI 31 n 
E 3 ARI 1 E ARI 1 ? ARI 22 n 
E 3 1GL 2 E 1GL 2 ? BRI 21 n 
F 2 CDR 1 F CDR 1 ? CDR 34 n 
F 2 CDR 2 F CDR 2 ? CDR 35 n 
F 2 ERI 3 F ERI 3 ? ERI 36 n 
# 
loop_
_pdbx_nonpoly_scheme.asym_id 
_pdbx_nonpoly_scheme.entity_id 
_pdbx_nonpoly_scheme.mon_id 
_pdbx_nonpoly_scheme.ndb_seq_num 
_pdbx_nonpoly_scheme.pdb_seq_num 
_pdbx_nonpoly_scheme.auth_seq_num 
_pdbx_nonpoly_scheme.pdb_mon_id 
_pdbx_nonpoly_scheme.auth_mon_id 
_pdbx_nonpoly_scheme.pdb_strand_id 
_pdbx_nonpoly_scheme.pdb_ins_code 
G 4 CPH 1 33 33 CPH CPH A . 
H 5 MG  1 1  1  MG  MG  B . 
I 4 CPH 1 23 23 CPH CPH B . 
# 
loop_
_software.name 
_software.classification 
_software.version 
_software.citation_id 
_software.pdbx_ordinal 
X-PLOR 'model building' . ? 1 
X-PLOR refinement       . ? 2 
X-PLOR phasing          . ? 3 
# 
_cell.entry_id           1D83 
_cell.length_a           1.000 
_cell.length_b           1.000 
_cell.length_c           1.000 
_cell.angle_alpha        90.00 
_cell.angle_beta         90.00 
_cell.angle_gamma        90.00 
_cell.Z_PDB              1 
_cell.pdbx_unique_axis   ? 
# 
_symmetry.entry_id                         1D83 
_symmetry.space_group_name_H-M             'P 1' 
_symmetry.pdbx_full_space_group_name_H-M   ? 
_symmetry.cell_setting                     ? 
_symmetry.Int_Tables_number                1 
# 
_exptl.entry_id          1D83 
_exptl.method            'SOLUTION NMR' 
_exptl.crystals_number   ? 
# 
_struct.entry_id                  1D83 
_struct.title                     'STRUCTURE REFINEMENT OF THE CHROMOMYCIN DIMER/DNA OLIGOMER COMPLEX IN SOLUTION' 
_struct.pdbx_model_details        ? 
_struct.pdbx_CASP_flag            ? 
_struct.pdbx_model_type_details   ? 
# 
_struct_keywords.entry_id        1D83 
_struct_keywords.pdbx_keywords   DNA 
_struct_keywords.text            'DNA, DOUBLE HELIX, CHROMOMYCIN' 
# 
loop_
_struct_asym.id 
_struct_asym.pdbx_blank_PDB_chainid_flag 
_struct_asym.pdbx_modified 
_struct_asym.entity_id 
_struct_asym.details 
A N N 1 ? 
B N N 1 ? 
C N N 2 ? 
D N N 3 ? 
E N N 3 ? 
F N N 2 ? 
G N N 4 ? 
H N N 5 ? 
I N N 4 ? 
# 
_struct_ref.id                         1 
_struct_ref.entity_id                  1 
_struct_ref.db_name                    PDB 
_struct_ref.db_code                    1D83 
_struct_ref.pdbx_db_accession          1D83 
_struct_ref.pdbx_db_isoform            ? 
_struct_ref.pdbx_seq_one_letter_code   ? 
_struct_ref.pdbx_align_begin           ? 
# 
loop_
_struct_ref_seq.align_id 
_struct_ref_seq.ref_id 
_struct_ref_seq.pdbx_PDB_id_code 
_struct_ref_seq.pdbx_strand_id 
_struct_ref_seq.seq_align_beg 
_struct_ref_seq.pdbx_seq_align_beg_ins_code 
_struct_ref_seq.seq_align_end 
_struct_ref_seq.pdbx_seq_align_end_ins_code 
_struct_ref_seq.pdbx_db_accession 
_struct_ref_seq.db_align_beg 
_struct_ref_seq.pdbx_db_align_beg_ins_code 
_struct_ref_seq.db_align_end 
_struct_ref_seq.pdbx_db_align_end_ins_code 
_struct_ref_seq.pdbx_auth_seq_align_beg 
_struct_ref_seq.pdbx_auth_seq_align_end 
1 1 1D83 A 1 ? 8 ? 1D83 1  ? 8  ? 1  8  
2 1 1D83 B 1 ? 8 ? 1D83 11 ? 18 ? 11 18 
# 
_pdbx_struct_assembly.id                   1 
_pdbx_struct_assembly.details              author_defined_assembly 
_pdbx_struct_assembly.method_details       ? 
_pdbx_struct_assembly.oligomeric_details   dimeric 
_pdbx_struct_assembly.oligomeric_count     2 
# 
_pdbx_struct_assembly_gen.assembly_id       1 
_pdbx_struct_assembly_gen.oper_expression   1 
_pdbx_struct_assembly_gen.asym_id_list      A,B,C,D,E,F,G,H,I 
# 
_pdbx_struct_oper_list.id                   1 
_pdbx_struct_oper_list.type                 'identity operation' 
_pdbx_struct_oper_list.name                 1_555 
_pdbx_struct_oper_list.symmetry_operation   x,y,z 
_pdbx_struct_oper_list.matrix[1][1]         1.0000000000 
_pdbx_struct_oper_list.matrix[1][2]         0.0000000000 
_pdbx_struct_oper_list.matrix[1][3]         0.0000000000 
_pdbx_struct_oper_list.vector[1]            0.0000000000 
_pdbx_struct_oper_list.matrix[2][1]         0.0000000000 
_pdbx_struct_oper_list.matrix[2][2]         1.0000000000 
_pdbx_struct_oper_list.matrix[2][3]         0.0000000000 
_pdbx_struct_oper_list.vector[2]            0.0000000000 
_pdbx_struct_oper_list.matrix[3][1]         0.0000000000 
_pdbx_struct_oper_list.matrix[3][2]         0.0000000000 
_pdbx_struct_oper_list.matrix[3][3]         1.0000000000 
_pdbx_struct_oper_list.vector[3]            0.0000000000 
# 
_struct_biol.id   1 
# 
loop_
_struct_conn.id 
_struct_conn.conn_type_id 
_struct_conn.pdbx_leaving_atom_flag 
_struct_conn.pdbx_PDB_id 
_struct_conn.ptnr1_label_asym_id 
_struct_conn.ptnr1_label_comp_id 
_struct_conn.ptnr1_label_seq_id 
_struct_conn.ptnr1_label_atom_id 
_struct_conn.pdbx_ptnr1_label_alt_id 
_struct_conn.pdbx_ptnr1_PDB_ins_code 
_struct_conn.pdbx_ptnr1_standard_comp_id 
_struct_conn.ptnr1_symmetry 
_struct_conn.ptnr2_label_asym_id 
_struct_conn.ptnr2_label_comp_id 
_struct_conn.ptnr2_label_seq_id 
_struct_conn.ptnr2_label_atom_id 
_struct_conn.pdbx_ptnr2_label_alt_id 
_struct_conn.pdbx_ptnr2_PDB_ins_code 
_struct_conn.ptnr1_auth_asym_id 
_struct_conn.ptnr1_auth_comp_id 
_struct_conn.ptnr1_auth_seq_id 
_struct_conn.ptnr2_auth_asym_id 
_struct_conn.ptnr2_auth_comp_id 
_struct_conn.ptnr2_auth_seq_id 
_struct_conn.ptnr2_symmetry 
_struct_conn.pdbx_ptnr3_label_atom_id 
_struct_conn.pdbx_ptnr3_label_seq_id 
_struct_conn.pdbx_ptnr3_label_comp_id 
_struct_conn.pdbx_ptnr3_label_asym_id 
_struct_conn.pdbx_ptnr3_label_alt_id 
_struct_conn.pdbx_ptnr3_PDB_ins_code 
_struct_conn.details 
_struct_conn.pdbx_dist_value 
_struct_conn.pdbx_value_order 
_struct_conn.pdbx_role 
covale1  covale one ? G CPH . C6 ? ? ? 1_555 D ARI . O1 ? ? A CPH 33 D ARI 1  1_555 ? ? ? ? ? ? ?            1.387 ? ? 
covale2  covale one ? G CPH . C2 ? ? ? 1_555 F CDR . O1 ? ? A CPH 33 F CDR 1  1_555 ? ? ? ? ? ? ?            1.434 ? ? 
covale3  covale one ? I CPH . C2 ? ? ? 1_555 C CDR . O1 ? ? B CPH 23 C CDR 1  1_555 ? ? ? ? ? ? ?            1.434 ? ? 
covale4  covale one ? I CPH . C6 ? ? ? 1_555 E ARI . O1 ? ? B CPH 23 E ARI 1  1_555 ? ? ? ? ? ? ?            1.385 ? ? 
covale5  covale one ? C CDR . C3 ? ? ? 1_555 C CDR . O1 ? ? C CDR 1  C CDR 2  1_555 ? ? ? ? ? ? ?            1.449 ? ? 
covale6  covale one ? C CDR . C3 ? ? ? 1_555 C ERI . O1 ? ? C CDR 2  C ERI 3  1_555 ? ? ? ? ? ? ?            1.437 ? ? 
covale7  covale one ? D ARI . C3 ? ? ? 1_555 D 1GL . O1 ? ? D ARI 1  D 1GL 2  1_555 ? ? ? ? ? ? ?            1.446 ? ? 
covale8  covale one ? E ARI . C3 ? ? ? 1_555 E 1GL . O1 ? ? E ARI 1  E 1GL 2  1_555 ? ? ? ? ? ? ?            1.445 ? ? 
covale9  covale one ? F CDR . C3 ? ? ? 1_555 F CDR . O1 ? ? F CDR 1  F CDR 2  1_555 ? ? ? ? ? ? ?            1.447 ? ? 
covale10 covale one ? F CDR . C3 ? ? ? 1_555 F ERI . O1 ? ? F CDR 2  F ERI 3  1_555 ? ? ? ? ? ? ?            1.438 ? ? 
metalc1  metalc ?   ? G CPH . O1 ? ? ? 1_555 H MG  . MG ? ? A CPH 33 B MG  1  1_555 ? ? ? ? ? ? ?            1.890 ? ? 
metalc2  metalc ?   ? G CPH . O9 ? ? ? 1_555 H MG  . MG ? ? A CPH 33 B MG  1  1_555 ? ? ? ? ? ? ?            2.068 ? ? 
metalc3  metalc ?   ? H MG  . MG ? ? ? 1_555 I CPH . O1 ? ? B MG  1  B CPH 23 1_555 ? ? ? ? ? ? ?            1.888 ? ? 
metalc4  metalc ?   ? H MG  . MG ? ? ? 1_555 I CPH . O9 ? ? B MG  1  B CPH 23 1_555 ? ? ? ? ? ? ?            1.953 ? ? 
hydrog1  hydrog ?   ? A DA  1 N1 ? ? ? 1_555 B DT  8 N3 ? ? A DA  1  B DT  18 1_555 ? ? ? ? ? ? WATSON-CRICK ?     ? ? 
hydrog2  hydrog ?   ? A DA  1 N6 ? ? ? 1_555 B DT  8 O4 ? ? A DA  1  B DT  18 1_555 ? ? ? ? ? ? WATSON-CRICK ?     ? ? 
hydrog3  hydrog ?   ? A DA  2 N1 ? ? ? 1_555 B DT  7 N3 ? ? A DA  2  B DT  17 1_555 ? ? ? ? ? ? WATSON-CRICK ?     ? ? 
hydrog4  hydrog ?   ? A DA  2 N6 ? ? ? 1_555 B DT  7 O4 ? ? A DA  2  B DT  17 1_555 ? ? ? ? ? ? WATSON-CRICK ?     ? ? 
hydrog5  hydrog ?   ? A DG  3 N1 ? ? ? 1_555 B DC  6 N3 ? ? A DG  3  B DC  16 1_555 ? ? ? ? ? ? WATSON-CRICK ?     ? ? 
hydrog6  hydrog ?   ? A DG  3 N2 ? ? ? 1_555 B DC  6 O2 ? ? A DG  3  B DC  16 1_555 ? ? ? ? ? ? WATSON-CRICK ?     ? ? 
hydrog7  hydrog ?   ? A DG  3 O6 ? ? ? 1_555 B DC  6 N4 ? ? A DG  3  B DC  16 1_555 ? ? ? ? ? ? WATSON-CRICK ?     ? ? 
hydrog8  hydrog ?   ? A DG  4 N1 ? ? ? 1_555 B DC  5 N3 ? ? A DG  4  B DC  15 1_555 ? ? ? ? ? ? WATSON-CRICK ?     ? ? 
hydrog9  hydrog ?   ? A DG  4 N2 ? ? ? 1_555 B DC  5 O2 ? ? A DG  4  B DC  15 1_555 ? ? ? ? ? ? WATSON-CRICK ?     ? ? 
hydrog10 hydrog ?   ? A DG  4 O6 ? ? ? 1_555 B DC  5 N4 ? ? A DG  4  B DC  15 1_555 ? ? ? ? ? ? WATSON-CRICK ?     ? ? 
hydrog11 hydrog ?   ? A DC  5 N3 ? ? ? 1_555 B DG  4 N1 ? ? A DC  5  B DG  14 1_555 ? ? ? ? ? ? WATSON-CRICK ?     ? ? 
hydrog12 hydrog ?   ? A DC  5 N4 ? ? ? 1_555 B DG  4 O6 ? ? A DC  5  B DG  14 1_555 ? ? ? ? ? ? WATSON-CRICK ?     ? ? 
hydrog13 hydrog ?   ? A DC  5 O2 ? ? ? 1_555 B DG  4 N2 ? ? A DC  5  B DG  14 1_555 ? ? ? ? ? ? WATSON-CRICK ?     ? ? 
hydrog14 hydrog ?   ? A DC  6 N3 ? ? ? 1_555 B DG  3 N1 ? ? A DC  6  B DG  13 1_555 ? ? ? ? ? ? WATSON-CRICK ?     ? ? 
hydrog15 hydrog ?   ? A DC  6 N4 ? ? ? 1_555 B DG  3 O6 ? ? A DC  6  B DG  13 1_555 ? ? ? ? ? ? WATSON-CRICK ?     ? ? 
hydrog16 hydrog ?   ? A DC  6 O2 ? ? ? 1_555 B DG  3 N2 ? ? A DC  6  B DG  13 1_555 ? ? ? ? ? ? WATSON-CRICK ?     ? ? 
hydrog17 hydrog ?   ? A DT  7 N3 ? ? ? 1_555 B DA  2 N1 ? ? A DT  7  B DA  12 1_555 ? ? ? ? ? ? WATSON-CRICK ?     ? ? 
hydrog18 hydrog ?   ? A DT  7 O4 ? ? ? 1_555 B DA  2 N6 ? ? A DT  7  B DA  12 1_555 ? ? ? ? ? ? WATSON-CRICK ?     ? ? 
hydrog19 hydrog ?   ? A DT  8 N3 ? ? ? 1_555 B DA  1 N1 ? ? A DT  8  B DA  11 1_555 ? ? ? ? ? ? WATSON-CRICK ?     ? ? 
hydrog20 hydrog ?   ? A DT  8 O4 ? ? ? 1_555 B DA  1 N6 ? ? A DT  8  B DA  11 1_555 ? ? ? ? ? ? WATSON-CRICK ?     ? ? 
# 
loop_
_struct_conn_type.id 
_struct_conn_type.criteria 
_struct_conn_type.reference 
covale ? ? 
metalc ? ? 
hydrog ? ? 
# 
loop_
_pdbx_struct_conn_angle.id 
_pdbx_struct_conn_angle.ptnr1_label_atom_id 
_pdbx_struct_conn_angle.ptnr1_label_alt_id 
_pdbx_struct_conn_angle.ptnr1_label_asym_id 
_pdbx_struct_conn_angle.ptnr1_label_comp_id 
_pdbx_struct_conn_angle.ptnr1_label_seq_id 
_pdbx_struct_conn_angle.ptnr1_auth_atom_id 
_pdbx_struct_conn_angle.ptnr1_auth_asym_id 
_pdbx_struct_conn_angle.ptnr1_auth_comp_id 
_pdbx_struct_conn_angle.ptnr1_auth_seq_id 
_pdbx_struct_conn_angle.ptnr1_PDB_ins_code 
_pdbx_struct_conn_angle.ptnr1_symmetry 
_pdbx_struct_conn_angle.ptnr2_label_atom_id 
_pdbx_struct_conn_angle.ptnr2_label_alt_id 
_pdbx_struct_conn_angle.ptnr2_label_asym_id 
_pdbx_struct_conn_angle.ptnr2_label_comp_id 
_pdbx_struct_conn_angle.ptnr2_label_seq_id 
_pdbx_struct_conn_angle.ptnr2_auth_atom_id 
_pdbx_struct_conn_angle.ptnr2_auth_asym_id 
_pdbx_struct_conn_angle.ptnr2_auth_comp_id 
_pdbx_struct_conn_angle.ptnr2_auth_seq_id 
_pdbx_struct_conn_angle.ptnr2_PDB_ins_code 
_pdbx_struct_conn_angle.ptnr2_symmetry 
_pdbx_struct_conn_angle.ptnr3_label_atom_id 
_pdbx_struct_conn_angle.ptnr3_label_alt_id 
_pdbx_struct_conn_angle.ptnr3_label_asym_id 
_pdbx_struct_conn_angle.ptnr3_label_comp_id 
_pdbx_struct_conn_angle.ptnr3_label_seq_id 
_pdbx_struct_conn_angle.ptnr3_auth_atom_id 
_pdbx_struct_conn_angle.ptnr3_auth_asym_id 
_pdbx_struct_conn_angle.ptnr3_auth_comp_id 
_pdbx_struct_conn_angle.ptnr3_auth_seq_id 
_pdbx_struct_conn_angle.ptnr3_PDB_ins_code 
_pdbx_struct_conn_angle.ptnr3_symmetry 
_pdbx_struct_conn_angle.value 
_pdbx_struct_conn_angle.value_esd 
1 O1 ? G CPH . ? A CPH 33 ? 1_555 MG ? H MG . ? B MG 1 ? 1_555 O9 ? G CPH . ? A CPH 33 ? 1_555 76.7  ? 
2 O1 ? G CPH . ? A CPH 33 ? 1_555 MG ? H MG . ? B MG 1 ? 1_555 O1 ? I CPH . ? B CPH 23 ? 1_555 108.8 ? 
3 O9 ? G CPH . ? A CPH 33 ? 1_555 MG ? H MG . ? B MG 1 ? 1_555 O1 ? I CPH . ? B CPH 23 ? 1_555 105.3 ? 
4 O1 ? G CPH . ? A CPH 33 ? 1_555 MG ? H MG . ? B MG 1 ? 1_555 O9 ? I CPH . ? B CPH 23 ? 1_555 109.5 ? 
5 O9 ? G CPH . ? A CPH 33 ? 1_555 MG ? H MG . ? B MG 1 ? 1_555 O9 ? I CPH . ? B CPH 23 ? 1_555 170.1 ? 
6 O1 ? I CPH . ? B CPH 23 ? 1_555 MG ? H MG . ? B MG 1 ? 1_555 O9 ? I CPH . ? B CPH 23 ? 1_555 80.4  ? 
# 
loop_
_pdbx_validate_close_contact.id 
_pdbx_validate_close_contact.PDB_model_num 
_pdbx_validate_close_contact.auth_atom_id_1 
_pdbx_validate_close_contact.auth_asym_id_1 
_pdbx_validate_close_contact.auth_comp_id_1 
_pdbx_validate_close_contact.auth_seq_id_1 
_pdbx_validate_close_contact.PDB_ins_code_1 
_pdbx_validate_close_contact.label_alt_id_1 
_pdbx_validate_close_contact.auth_atom_id_2 
_pdbx_validate_close_contact.auth_asym_id_2 
_pdbx_validate_close_contact.auth_comp_id_2 
_pdbx_validate_close_contact.auth_seq_id_2 
_pdbx_validate_close_contact.PDB_ins_code_2 
_pdbx_validate_close_contact.label_alt_id_2 
_pdbx_validate_close_contact.dist 
1 1 H22 B DG 14 ? ? HO8 B CPH 23 ? ? 1.19 
2 1 H22 A DG 4  ? ? HO8 A CPH 33 ? ? 1.20 
3 1 H22 A DG 4  ? ? O8  A CPH 33 ? ? 1.56 
4 1 H22 B DG 14 ? ? O8  B CPH 23 ? ? 1.56 
# 
loop_
_pdbx_validate_rmsd_bond.id 
_pdbx_validate_rmsd_bond.PDB_model_num 
_pdbx_validate_rmsd_bond.auth_atom_id_1 
_pdbx_validate_rmsd_bond.auth_asym_id_1 
_pdbx_validate_rmsd_bond.auth_comp_id_1 
_pdbx_validate_rmsd_bond.auth_seq_id_1 
_pdbx_validate_rmsd_bond.PDB_ins_code_1 
_pdbx_validate_rmsd_bond.label_alt_id_1 
_pdbx_validate_rmsd_bond.auth_atom_id_2 
_pdbx_validate_rmsd_bond.auth_asym_id_2 
_pdbx_validate_rmsd_bond.auth_comp_id_2 
_pdbx_validate_rmsd_bond.auth_seq_id_2 
_pdbx_validate_rmsd_bond.PDB_ins_code_2 
_pdbx_validate_rmsd_bond.label_alt_id_2 
_pdbx_validate_rmsd_bond.bond_value 
_pdbx_validate_rmsd_bond.bond_target_value 
_pdbx_validate_rmsd_bond.bond_deviation 
_pdbx_validate_rmsd_bond.bond_standard_deviation 
_pdbx_validate_rmsd_bond.linker_flag 
1  1 "C5'" A DA 1  ? ? "C4'" A DA 1  ? ? 1.558 1.512 0.046  0.007 N 
2  1 "C2'" A DA 1  ? ? "C1'" A DA 1  ? ? 1.604 1.519 0.085  0.010 N 
3  1 "O4'" A DA 1  ? ? "C1'" A DA 1  ? ? 1.486 1.420 0.066  0.011 N 
4  1 "O4'" A DA 1  ? ? "C4'" A DA 1  ? ? 1.503 1.449 0.054  0.009 N 
5  1 C6    A DA 1  ? ? N1    A DA 1  ? ? 1.303 1.351 -0.048 0.007 N 
6  1 C8    A DA 1  ? ? N9    A DA 1  ? ? 1.294 1.373 -0.079 0.008 N 
7  1 N9    A DA 1  ? ? C4    A DA 1  ? ? 1.419 1.374 0.045  0.006 N 
8  1 "C5'" A DA 2  ? ? "C4'" A DA 2  ? ? 1.555 1.512 0.043  0.007 N 
9  1 C5    A DA 2  ? ? N7    A DA 2  ? ? 1.427 1.388 0.039  0.006 N 
10 1 N9    A DA 2  ? ? C4    A DA 2  ? ? 1.422 1.374 0.048  0.006 N 
11 1 "C4'" A DG 3  ? ? "C3'" A DG 3  ? ? 1.603 1.529 0.074  0.010 N 
12 1 "C2'" A DG 3  ? ? "C1'" A DG 3  ? ? 1.691 1.519 0.172  0.010 N 
13 1 "O3'" A DG 3  ? ? P     A DG 4  ? ? 1.688 1.607 0.081  0.012 Y 
14 1 P     A DG 4  ? ? "O5'" A DG 4  ? ? 1.680 1.593 0.087  0.010 N 
15 1 "C4'" A DG 4  ? ? "C3'" A DG 4  ? ? 1.589 1.529 0.060  0.010 N 
16 1 N3    A DG 4  ? ? C4    A DG 4  ? ? 1.484 1.350 0.134  0.007 N 
17 1 C5    A DG 4  ? ? N7    A DG 4  ? ? 1.428 1.388 0.040  0.006 N 
18 1 C8    A DG 4  ? ? N9    A DG 4  ? ? 1.423 1.374 0.049  0.007 N 
19 1 N9    A DG 4  ? ? C4    A DG 4  ? ? 1.463 1.375 0.088  0.008 N 
20 1 "C5'" A DC 5  ? ? "C4'" A DC 5  ? ? 1.570 1.512 0.058  0.007 N 
21 1 "C5'" A DC 6  ? ? "C4'" A DC 6  ? ? 1.575 1.512 0.063  0.007 N 
22 1 "O4'" A DC 6  ? ? "C1'" A DC 6  ? ? 1.493 1.420 0.073  0.011 N 
23 1 "O4'" A DC 6  ? ? "C4'" A DC 6  ? ? 1.507 1.449 0.058  0.009 N 
24 1 "C5'" A DT 7  ? ? "C4'" A DT 7  ? ? 1.637 1.512 0.125  0.007 N 
25 1 "C3'" A DT 7  ? ? "C2'" A DT 7  ? ? 1.600 1.518 0.082  0.012 N 
26 1 "O4'" A DT 7  ? ? "C1'" A DT 7  ? ? 1.487 1.420 0.067  0.011 N 
27 1 C4    A DT 7  ? ? C5    A DT 7  ? ? 1.501 1.445 0.056  0.009 N 
28 1 C5    A DT 7  ? ? C7    A DT 7  ? ? 1.643 1.496 0.147  0.006 N 
29 1 "C5'" B DA 11 ? ? "C4'" B DA 11 ? ? 1.557 1.512 0.045  0.007 N 
30 1 "C2'" B DA 11 ? ? "C1'" B DA 11 ? ? 1.603 1.519 0.084  0.010 N 
31 1 "O4'" B DA 11 ? ? "C1'" B DA 11 ? ? 1.486 1.420 0.066  0.011 N 
32 1 "O4'" B DA 11 ? ? "C4'" B DA 11 ? ? 1.503 1.449 0.054  0.009 N 
33 1 C6    B DA 11 ? ? N1    B DA 11 ? ? 1.302 1.351 -0.049 0.007 N 
34 1 C8    B DA 11 ? ? N9    B DA 11 ? ? 1.295 1.373 -0.078 0.008 N 
35 1 N9    B DA 11 ? ? C4    B DA 11 ? ? 1.417 1.374 0.043  0.006 N 
36 1 "C5'" B DA 12 ? ? "C4'" B DA 12 ? ? 1.559 1.512 0.047  0.007 N 
37 1 C5    B DA 12 ? ? C6    B DA 12 ? ? 1.460 1.406 0.054  0.009 N 
38 1 C5    B DA 12 ? ? N7    B DA 12 ? ? 1.426 1.388 0.038  0.006 N 
39 1 N9    B DA 12 ? ? C4    B DA 12 ? ? 1.420 1.374 0.046  0.006 N 
40 1 "C4'" B DG 13 ? ? "C3'" B DG 13 ? ? 1.604 1.529 0.075  0.010 N 
41 1 "C2'" B DG 13 ? ? "C1'" B DG 13 ? ? 1.684 1.519 0.165  0.010 N 
42 1 "O3'" B DG 13 ? ? P     B DG 14 ? ? 1.688 1.607 0.081  0.012 Y 
43 1 P     B DG 14 ? ? "O5'" B DG 14 ? ? 1.681 1.593 0.088  0.010 N 
44 1 "C4'" B DG 14 ? ? "C3'" B DG 14 ? ? 1.611 1.529 0.082  0.010 N 
45 1 N3    B DG 14 ? ? C4    B DG 14 ? ? 1.487 1.350 0.137  0.007 N 
46 1 C5    B DG 14 ? ? N7    B DG 14 ? ? 1.428 1.388 0.040  0.006 N 
47 1 N9    B DG 14 ? ? C4    B DG 14 ? ? 1.463 1.375 0.088  0.008 N 
48 1 "C5'" B DC 15 ? ? "C4'" B DC 15 ? ? 1.567 1.512 0.055  0.007 N 
49 1 "C5'" B DC 16 ? ? "C4'" B DC 16 ? ? 1.577 1.512 0.065  0.007 N 
50 1 "O4'" B DC 16 ? ? "C1'" B DC 16 ? ? 1.490 1.420 0.070  0.011 N 
51 1 "O4'" B DC 16 ? ? "C4'" B DC 16 ? ? 1.505 1.449 0.056  0.009 N 
52 1 "C5'" B DT 17 ? ? "C4'" B DT 17 ? ? 1.632 1.512 0.120  0.007 N 
53 1 "C3'" B DT 17 ? ? "C2'" B DT 17 ? ? 1.594 1.518 0.076  0.012 N 
54 1 "O4'" B DT 17 ? ? "C1'" B DT 17 ? ? 1.486 1.420 0.066  0.011 N 
55 1 C5    B DT 17 ? ? C7    B DT 17 ? ? 1.647 1.496 0.151  0.006 N 
# 
loop_
_pdbx_validate_rmsd_angle.id 
_pdbx_validate_rmsd_angle.PDB_model_num 
_pdbx_validate_rmsd_angle.auth_atom_id_1 
_pdbx_validate_rmsd_angle.auth_asym_id_1 
_pdbx_validate_rmsd_angle.auth_comp_id_1 
_pdbx_validate_rmsd_angle.auth_seq_id_1 
_pdbx_validate_rmsd_angle.PDB_ins_code_1 
_pdbx_validate_rmsd_angle.label_alt_id_1 
_pdbx_validate_rmsd_angle.auth_atom_id_2 
_pdbx_validate_rmsd_angle.auth_asym_id_2 
_pdbx_validate_rmsd_angle.auth_comp_id_2 
_pdbx_validate_rmsd_angle.auth_seq_id_2 
_pdbx_validate_rmsd_angle.PDB_ins_code_2 
_pdbx_validate_rmsd_angle.label_alt_id_2 
_pdbx_validate_rmsd_angle.auth_atom_id_3 
_pdbx_validate_rmsd_angle.auth_asym_id_3 
_pdbx_validate_rmsd_angle.auth_comp_id_3 
_pdbx_validate_rmsd_angle.auth_seq_id_3 
_pdbx_validate_rmsd_angle.PDB_ins_code_3 
_pdbx_validate_rmsd_angle.label_alt_id_3 
_pdbx_validate_rmsd_angle.angle_value 
_pdbx_validate_rmsd_angle.angle_target_value 
_pdbx_validate_rmsd_angle.angle_deviation 
_pdbx_validate_rmsd_angle.angle_standard_deviation 
_pdbx_validate_rmsd_angle.linker_flag 
1   1 "C1'" A DA 1  ? ? "O4'" A DA 1  ? ? "C4'" A DA 1  ? ? 115.48 110.30 5.18   0.70 N 
2   1 "O4'" A DA 1  ? ? "C1'" A DA 1  ? ? "C2'" A DA 1  ? ? 97.22  105.90 -8.68  0.80 N 
3   1 "O4'" A DA 1  ? ? "C1'" A DA 1  ? ? N9    A DA 1  ? ? 123.09 108.30 14.79  0.30 N 
4   1 N1    A DA 1  ? ? C2    A DA 1  ? ? N3    A DA 1  ? ? 133.75 129.30 4.45   0.50 N 
5   1 C5    A DA 1  ? ? N7    A DA 1  ? ? C8    A DA 1  ? ? 98.53  103.90 -5.37  0.50 N 
6   1 N7    A DA 1  ? ? C8    A DA 1  ? ? N9    A DA 1  ? ? 125.48 113.80 11.68  0.50 N 
7   1 C8    A DA 1  ? ? N9    A DA 1  ? ? C4    A DA 1  ? ? 98.47  105.80 -7.33  0.40 N 
8   1 C4    A DA 1  ? ? N9    A DA 1  ? ? "C1'" A DA 1  ? ? 138.06 126.30 11.76  1.80 N 
9   1 "C5'" A DA 2  ? ? "C4'" A DA 2  ? ? "O4'" A DA 2  ? ? 117.25 109.80 7.45   1.10 N 
10  1 "C4'" A DA 2  ? ? "C3'" A DA 2  ? ? "O3'" A DA 2  ? ? 85.79  109.70 -23.91 2.50 N 
11  1 N9    A DA 2  ? ? "C1'" A DA 2  ? ? "C2'" A DA 2  ? ? 123.03 114.30 8.73   1.40 N 
12  1 "O4'" A DA 2  ? ? "C1'" A DA 2  ? ? N9    A DA 2  ? ? 121.79 108.30 13.49  0.30 N 
13  1 N1    A DA 2  ? ? C6    A DA 2  ? ? N6    A DA 2  ? ? 112.61 118.60 -5.99  0.60 N 
14  1 C5    A DA 2  ? ? C6    A DA 2  ? ? N6    A DA 2  ? ? 129.12 123.70 5.42   0.80 N 
15  1 "C3'" A DA 2  ? ? "O3'" A DA 2  ? ? P     A DG 3  ? ? 133.45 119.70 13.75  1.20 Y 
16  1 "C3'" A DG 3  ? ? "C2'" A DG 3  ? ? "C1'" A DG 3  ? ? 111.75 102.50 9.25   1.20 N 
17  1 "O4'" A DG 3  ? ? "C1'" A DG 3  ? ? "C2'" A DG 3  ? ? 95.70  105.90 -10.20 0.80 N 
18  1 "O4'" A DG 3  ? ? "C1'" A DG 3  ? ? N9    A DG 3  ? ? 120.19 108.30 11.89  0.30 N 
19  1 C5    A DG 3  ? ? N7    A DG 3  ? ? C8    A DG 3  ? ? 101.21 104.30 -3.09  0.50 N 
20  1 N7    A DG 3  ? ? C8    A DG 3  ? ? N9    A DG 3  ? ? 119.40 113.10 6.30   0.50 N 
21  1 C8    A DG 3  ? ? N9    A DG 3  ? ? C4    A DG 3  ? ? 100.51 106.40 -5.89  0.40 N 
22  1 C8    A DG 3  ? ? N9    A DG 3  ? ? "C1'" A DG 3  ? ? 135.10 127.00 8.10   1.30 N 
23  1 "C3'" A DG 3  ? ? "O3'" A DG 3  ? ? P     A DG 4  ? ? 127.05 119.70 7.35   1.20 Y 
24  1 "O4'" A DG 4  ? ? "C1'" A DG 4  ? ? "C2'" A DG 4  ? ? 109.89 106.80 3.09   0.50 N 
25  1 N9    A DG 4  ? ? "C1'" A DG 4  ? ? "C2'" A DG 4  ? ? 97.55  112.60 -15.05 1.90 N 
26  1 "O4'" A DG 4  ? ? "C1'" A DG 4  ? ? N9    A DG 4  ? ? 112.76 108.30 4.46   0.30 N 
27  1 C2    A DG 4  ? ? N3    A DG 4  ? ? C4    A DG 4  ? ? 108.01 111.90 -3.89  0.50 N 
28  1 C4    A DG 4  ? ? C5    A DG 4  ? ? N7    A DG 4  ? ? 113.83 110.80 3.03   0.40 N 
29  1 C5    A DG 4  ? ? N7    A DG 4  ? ? C8    A DG 4  ? ? 107.96 104.30 3.66   0.50 N 
30  1 N7    A DG 4  ? ? C8    A DG 4  ? ? N9    A DG 4  ? ? 107.45 113.10 -5.65  0.50 N 
31  1 C8    A DG 4  ? ? N9    A DG 4  ? ? C4    A DG 4  ? ? 111.90 106.40 5.50   0.40 N 
32  1 N9    A DG 4  ? ? C4    A DG 4  ? ? C5    A DG 4  ? ? 98.83  105.40 -6.57  0.40 N 
33  1 N3    A DG 4  ? ? C4    A DG 4  ? ? N9    A DG 4  ? ? 133.10 126.00 7.10   0.60 N 
34  1 "O4'" A DC 5  ? ? "C4'" A DC 5  ? ? "C3'" A DC 5  ? ? 100.98 104.50 -3.52  0.40 N 
35  1 "O4'" A DC 5  ? ? "C1'" A DC 5  ? ? "C2'" A DC 5  ? ? 100.46 105.90 -5.44  0.80 N 
36  1 "O4'" A DC 5  ? ? "C1'" A DC 5  ? ? N1    A DC 5  ? ? 119.79 108.30 11.49  0.30 N 
37  1 "C1'" A DC 6  ? ? "O4'" A DC 6  ? ? "C4'" A DC 6  ? ? 115.86 110.30 5.56   0.70 N 
38  1 "O4'" A DC 6  ? ? "C1'" A DC 6  ? ? "C2'" A DC 6  ? ? 95.53  105.90 -10.37 0.80 N 
39  1 "O4'" A DC 6  ? ? "C1'" A DC 6  ? ? N1    A DC 6  ? ? 117.89 108.30 9.59   0.30 N 
40  1 N3    A DC 6  ? ? C4    A DC 6  ? ? N4    A DC 6  ? ? 124.69 118.00 6.69   0.70 N 
41  1 C5    A DC 6  ? ? C4    A DC 6  ? ? N4    A DC 6  ? ? 114.75 120.20 -5.45  0.70 N 
42  1 "C1'" A DT 7  ? ? "O4'" A DT 7  ? ? "C4'" A DT 7  ? ? 117.94 110.30 7.64   0.70 N 
43  1 "O4'" A DT 7  ? ? "C1'" A DT 7  ? ? "C2'" A DT 7  ? ? 100.79 105.90 -5.11  0.80 N 
44  1 "O4'" A DT 7  ? ? "C1'" A DT 7  ? ? N1    A DT 7  ? ? 118.03 108.30 9.73   0.30 N 
45  1 N3    A DT 7  ? ? C4    A DT 7  ? ? O4    A DT 7  ? ? 114.89 119.90 -5.01  0.60 N 
46  1 C5    A DT 7  ? ? C4    A DT 7  ? ? O4    A DT 7  ? ? 130.59 124.90 5.69   0.70 N 
47  1 C4    A DT 7  ? ? C5    A DT 7  ? ? C7    A DT 7  ? ? 125.22 119.00 6.22   0.60 N 
48  1 C6    A DT 7  ? ? C5    A DT 7  ? ? C7    A DT 7  ? ? 117.32 122.90 -5.58  0.60 N 
49  1 "C5'" A DT 8  ? ? "C4'" A DT 8  ? ? "C3'" A DT 8  ? ? 123.85 115.70 8.15   1.20 N 
50  1 "O4'" A DT 8  ? ? "C1'" A DT 8  ? ? N1    A DT 8  ? ? 129.37 108.30 21.07  0.30 N 
51  1 C4    A DT 8  ? ? C5    A DT 8  ? ? C6    A DT 8  ? ? 122.23 118.00 4.23   0.60 N 
52  1 C5    A DT 8  ? ? C6    A DT 8  ? ? N1    A DT 8  ? ? 119.15 123.70 -4.55  0.60 N 
53  1 C6    A DT 8  ? ? C5    A DT 8  ? ? C7    A DT 8  ? ? 118.77 122.90 -4.13  0.60 N 
54  1 "C1'" B DA 11 ? ? "O4'" B DA 11 ? ? "C4'" B DA 11 ? ? 115.46 110.30 5.16   0.70 N 
55  1 "O4'" B DA 11 ? ? "C1'" B DA 11 ? ? "C2'" B DA 11 ? ? 97.27  105.90 -8.63  0.80 N 
56  1 "O4'" B DA 11 ? ? "C1'" B DA 11 ? ? N9    B DA 11 ? ? 123.08 108.30 14.78  0.30 N 
57  1 N1    B DA 11 ? ? C2    B DA 11 ? ? N3    B DA 11 ? ? 134.08 129.30 4.78   0.50 N 
58  1 C5    B DA 11 ? ? N7    B DA 11 ? ? C8    B DA 11 ? ? 98.52  103.90 -5.38  0.50 N 
59  1 N7    B DA 11 ? ? C8    B DA 11 ? ? N9    B DA 11 ? ? 125.43 113.80 11.63  0.50 N 
60  1 C8    B DA 11 ? ? N9    B DA 11 ? ? C4    B DA 11 ? ? 98.46  105.80 -7.34  0.40 N 
61  1 C4    B DA 11 ? ? N9    B DA 11 ? ? "C1'" B DA 11 ? ? 138.16 126.30 11.86  1.80 N 
62  1 "C5'" B DA 12 ? ? "C4'" B DA 12 ? ? "O4'" B DA 12 ? ? 116.76 109.80 6.96   1.10 N 
63  1 "C4'" B DA 12 ? ? "C3'" B DA 12 ? ? "O3'" B DA 12 ? ? 85.35  109.70 -24.35 2.50 N 
64  1 N9    B DA 12 ? ? "C1'" B DA 12 ? ? "C2'" B DA 12 ? ? 123.45 114.30 9.15   1.40 N 
65  1 "O4'" B DA 12 ? ? "C1'" B DA 12 ? ? N9    B DA 12 ? ? 121.94 108.30 13.64  0.30 N 
66  1 N1    B DA 12 ? ? C6    B DA 12 ? ? N6    B DA 12 ? ? 112.43 118.60 -6.17  0.60 N 
67  1 C5    B DA 12 ? ? C6    B DA 12 ? ? N6    B DA 12 ? ? 129.09 123.70 5.39   0.80 N 
68  1 "C3'" B DA 12 ? ? "O3'" B DA 12 ? ? P     B DG 13 ? ? 133.80 119.70 14.10  1.20 Y 
69  1 "C3'" B DG 13 ? ? "C2'" B DG 13 ? ? "C1'" B DG 13 ? ? 111.70 102.50 9.20   1.20 N 
70  1 "O4'" B DG 13 ? ? "C1'" B DG 13 ? ? "C2'" B DG 13 ? ? 96.17  105.90 -9.73  0.80 N 
71  1 "O4'" B DG 13 ? ? "C1'" B DG 13 ? ? N9    B DG 13 ? ? 120.71 108.30 12.41  0.30 N 
72  1 C5    B DG 13 ? ? N7    B DG 13 ? ? C8    B DG 13 ? ? 100.79 104.30 -3.51  0.50 N 
73  1 N7    B DG 13 ? ? C8    B DG 13 ? ? N9    B DG 13 ? ? 120.27 113.10 7.17   0.50 N 
74  1 C8    B DG 13 ? ? N9    B DG 13 ? ? C4    B DG 13 ? ? 100.15 106.40 -6.25  0.40 N 
75  1 "C3'" B DG 13 ? ? "O3'" B DG 13 ? ? P     B DG 14 ? ? 127.04 119.70 7.34   1.20 Y 
76  1 "O4'" B DG 14 ? ? "C4'" B DG 14 ? ? "C3'" B DG 14 ? ? 101.93 104.50 -2.57  0.40 N 
77  1 "O4'" B DG 14 ? ? "C1'" B DG 14 ? ? "C2'" B DG 14 ? ? 110.13 106.80 3.33   0.50 N 
78  1 N9    B DG 14 ? ? "C1'" B DG 14 ? ? "C2'" B DG 14 ? ? 97.46  112.60 -15.14 1.90 N 
79  1 "O4'" B DG 14 ? ? "C1'" B DG 14 ? ? N9    B DG 14 ? ? 113.59 108.30 5.29   0.30 N 
80  1 C2    B DG 14 ? ? N3    B DG 14 ? ? C4    B DG 14 ? ? 107.75 111.90 -4.15  0.50 N 
81  1 C4    B DG 14 ? ? C5    B DG 14 ? ? N7    B DG 14 ? ? 113.83 110.80 3.03   0.40 N 
82  1 C5    B DG 14 ? ? N7    B DG 14 ? ? C8    B DG 14 ? ? 107.66 104.30 3.36   0.50 N 
83  1 N7    B DG 14 ? ? C8    B DG 14 ? ? N9    B DG 14 ? ? 107.84 113.10 -5.26  0.50 N 
84  1 C8    B DG 14 ? ? N9    B DG 14 ? ? C4    B DG 14 ? ? 111.90 106.40 5.50   0.40 N 
85  1 N9    B DG 14 ? ? C4    B DG 14 ? ? C5    B DG 14 ? ? 98.75  105.40 -6.65  0.40 N 
86  1 N3    B DG 14 ? ? C4    B DG 14 ? ? N9    B DG 14 ? ? 133.10 126.00 7.10   0.60 N 
87  1 "O4'" B DC 15 ? ? "C4'" B DC 15 ? ? "C3'" B DC 15 ? ? 101.09 104.50 -3.41  0.40 N 
88  1 "O4'" B DC 15 ? ? "C1'" B DC 15 ? ? "C2'" B DC 15 ? ? 100.51 105.90 -5.39  0.80 N 
89  1 "O4'" B DC 15 ? ? "C1'" B DC 15 ? ? N1    B DC 15 ? ? 119.75 108.30 11.45  0.30 N 
90  1 "C1'" B DC 16 ? ? "O4'" B DC 16 ? ? "C4'" B DC 16 ? ? 115.48 110.30 5.18   0.70 N 
91  1 "O4'" B DC 16 ? ? "C1'" B DC 16 ? ? "C2'" B DC 16 ? ? 95.81  105.90 -10.09 0.80 N 
92  1 "O4'" B DC 16 ? ? "C1'" B DC 16 ? ? N1    B DC 16 ? ? 117.85 108.30 9.55   0.30 N 
93  1 N3    B DC 16 ? ? C4    B DC 16 ? ? N4    B DC 16 ? ? 125.06 118.00 7.06   0.70 N 
94  1 C5    B DC 16 ? ? C4    B DC 16 ? ? N4    B DC 16 ? ? 114.85 120.20 -5.35  0.70 N 
95  1 "C1'" B DT 17 ? ? "O4'" B DT 17 ? ? "C4'" B DT 17 ? ? 117.65 110.30 7.35   0.70 N 
96  1 "O4'" B DT 17 ? ? "C1'" B DT 17 ? ? "C2'" B DT 17 ? ? 100.82 105.90 -5.08  0.80 N 
97  1 "O4'" B DT 17 ? ? "C1'" B DT 17 ? ? N1    B DT 17 ? ? 118.22 108.30 9.92   0.30 N 
98  1 N3    B DT 17 ? ? C4    B DT 17 ? ? O4    B DT 17 ? ? 115.24 119.90 -4.66  0.60 N 
99  1 C5    B DT 17 ? ? C4    B DT 17 ? ? O4    B DT 17 ? ? 130.26 124.90 5.36   0.70 N 
100 1 C4    B DT 17 ? ? C5    B DT 17 ? ? C7    B DT 17 ? ? 125.46 119.00 6.46   0.60 N 
101 1 C6    B DT 17 ? ? C5    B DT 17 ? ? C7    B DT 17 ? ? 117.74 122.90 -5.16  0.60 N 
102 1 "O4'" B DT 18 ? ? "C1'" B DT 18 ? ? N1    B DT 18 ? ? 129.39 108.30 21.09  0.30 N 
103 1 C4    B DT 18 ? ? C5    B DT 18 ? ? C6    B DT 18 ? ? 122.13 118.00 4.13   0.60 N 
104 1 C5    B DT 18 ? ? C6    B DT 18 ? ? N1    B DT 18 ? ? 119.30 123.70 -4.40  0.60 N 
105 1 C6    B DT 18 ? ? C5    B DT 18 ? ? C7    B DT 18 ? ? 118.94 122.90 -3.96  0.60 N 
# 
loop_
_pdbx_validate_planes.id 
_pdbx_validate_planes.PDB_model_num 
_pdbx_validate_planes.auth_comp_id 
_pdbx_validate_planes.auth_asym_id 
_pdbx_validate_planes.auth_seq_id 
_pdbx_validate_planes.PDB_ins_code 
_pdbx_validate_planes.label_alt_id 
_pdbx_validate_planes.rmsd 
_pdbx_validate_planes.type 
1 1 DA A 1  ? ? 0.098 'SIDE CHAIN' 
2 1 DC A 5  ? ? 0.074 'SIDE CHAIN' 
3 1 DC A 6  ? ? 0.092 'SIDE CHAIN' 
4 1 DA B 11 ? ? 0.099 'SIDE CHAIN' 
5 1 DC B 15 ? ? 0.074 'SIDE CHAIN' 
6 1 DC B 16 ? ? 0.091 'SIDE CHAIN' 
# 
_pdbx_nmr_ensemble.entry_id                                      1D83 
_pdbx_nmr_ensemble.conformers_calculated_total_number            ? 
_pdbx_nmr_ensemble.conformers_submitted_total_number             1 
_pdbx_nmr_ensemble.conformer_selection_criteria                  ? 
_pdbx_nmr_ensemble.average_constraints_per_residue               ? 
_pdbx_nmr_ensemble.average_constraint_violations_per_residue     ? 
_pdbx_nmr_ensemble.maximum_distance_constraint_violation         ? 
_pdbx_nmr_ensemble.average_distance_constraint_violation         ? 
_pdbx_nmr_ensemble.maximum_upper_distance_constraint_violation   ? 
_pdbx_nmr_ensemble.maximum_lower_distance_constraint_violation   ? 
_pdbx_nmr_ensemble.distance_constraint_violation_method          ? 
_pdbx_nmr_ensemble.maximum_torsion_angle_constraint_violation    ? 
_pdbx_nmr_ensemble.average_torsion_angle_constraint_violation    ? 
_pdbx_nmr_ensemble.torsion_angle_constraint_violation_method     ? 
# 
_pdbx_nmr_details.entry_id   1D83 
_pdbx_nmr_details.text       
;CHROMOMYCIN BINDS AS A MG2 CATION-COORDINATED DIMER. EACH CHROMOMYCIN IS REPRESENTED AS A SET OF SIX HET GROUPS: 1GL - ARI - CPH - CDR - CDR - ERI. THE COORDINATING MG IS PRESENTED AS A SEPARATE HET GROUP.
;
# 
_pdbx_nmr_software.name             X-PLOR 
_pdbx_nmr_software.version          ? 
_pdbx_nmr_software.classification   refinement 
_pdbx_nmr_software.authors          BRUNGER 
_pdbx_nmr_software.ordinal          1 
# 
loop_
_chem_comp_atom.comp_id 
_chem_comp_atom.atom_id 
_chem_comp_atom.type_symbol 
_chem_comp_atom.pdbx_aromatic_flag 
_chem_comp_atom.pdbx_stereo_config 
_chem_comp_atom.pdbx_ordinal 
1GL O1     O  N N 1   
1GL C1     C  N S 2   
1GL C2     C  N N 3   
1GL C3     C  N R 4   
1GL O3     O  N N 5   
1GL C4     C  N R 6   
1GL O4     O  N N 7   
1GL CME    C  N N 8   
1GL C5     C  N R 9   
1GL O5     O  N N 10  
1GL C6     C  N N 11  
1GL HO1    H  N N 12  
1GL H1     H  N N 13  
1GL H2     H  N N 14  
1GL H22    H  N N 15  
1GL H3     H  N N 16  
1GL HO3    H  N N 17  
1GL H4     H  N N 18  
1GL HM41   H  N N 19  
1GL HM42   H  N N 20  
1GL HM43   H  N N 21  
1GL H5     H  N N 22  
1GL H61    H  N N 23  
1GL H62    H  N N 24  
1GL H63    H  N N 25  
ARI O1     O  N N 26  
ARI C1     C  N R 27  
ARI C2     C  N N 28  
ARI C3     C  N N 29  
ARI C4     C  N R 30  
ARI O4     O  N N 31  
ARI CME    C  N N 32  
ARI CO4    C  N N 33  
ARI OC4    O  N N 34  
ARI C5     C  N R 35  
ARI O5     O  N N 36  
ARI C6     C  N N 37  
ARI HO1    H  N N 38  
ARI H1     H  N N 39  
ARI H2     H  N N 40  
ARI H22    H  N N 41  
ARI H3     H  N N 42  
ARI H32    H  N N 43  
ARI H4     H  N N 44  
ARI H41    H  N N 45  
ARI H42    H  N N 46  
ARI H43    H  N N 47  
ARI H5     H  N N 48  
ARI H61    H  N N 49  
ARI H62    H  N N 50  
ARI H63    H  N N 51  
CDR O1     O  N N 52  
CDR C1     C  N R 53  
CDR C2     C  N N 54  
CDR C3     C  N N 55  
CDR C4     C  N S 56  
CDR O4     O  N N 57  
CDR C5     C  N R 58  
CDR O5     O  N N 59  
CDR C6     C  N N 60  
CDR HO1    H  N N 61  
CDR H1     H  N N 62  
CDR H2     H  N N 63  
CDR H22    H  N N 64  
CDR H3     H  N N 65  
CDR H32    H  N N 66  
CDR H4     H  N N 67  
CDR HO4    H  N N 68  
CDR H5     H  N N 69  
CDR H61    H  N N 70  
CDR H62    H  N N 71  
CDR H63    H  N N 72  
CPH C1     C  N N 73  
CPH O1     O  N N 74  
CPH C2     C  N S 75  
CPH C3     C  N R 76  
CPH C4     C  N N 77  
CPH C5     C  Y N 78  
CPH C6     C  Y N 79  
CPH C7     C  Y N 80  
CPH C8     C  Y N 81  
CPH O8     O  N N 82  
CPH C9     C  Y N 83  
CPH O9     O  N N 84  
CPH "C1'"  C  N S 85  
CPH "O1'"  O  N N 86  
CPH C10    C  Y N 87  
CPH "C2'"  C  N N 88  
CPH "O2'"  O  N N 89  
CPH "C3'"  C  N S 90  
CPH "O3'"  O  N N 91  
CPH "C4'"  C  N R 92  
CPH "O4'"  O  N N 93  
CPH C4A    C  Y N 94  
CPH "C5'"  C  N N 95  
CPH C5A    C  Y N 96  
CPH C8A    C  Y N 97  
CPH C9A    C  Y N 98  
CPH CC7    C  N N 99  
CPH O6     O  N N 100 
CPH O2     O  N N 101 
CPH CME    C  N N 102 
CPH H2     H  N N 103 
CPH H3     H  N N 104 
CPH H4     H  N N 105 
CPH H4A    H  N N 106 
CPH H5     H  N N 107 
CPH HO8    H  N N 108 
CPH HO9    H  N N 109 
CPH "H1'"  H  N N 110 
CPH H10    H  N N 111 
CPH "H3'"  H  N N 112 
CPH "HO3'" H  N N 113 
CPH "H4'"  H  N N 114 
CPH "HO4'" H  N N 115 
CPH "H5'"  H  N N 116 
CPH "H5'A" H  N N 117 
CPH "H5'B" H  N N 118 
CPH HC7    H  N N 119 
CPH HC7A   H  N N 120 
CPH HC7B   H  N N 121 
CPH HO6    H  N N 122 
CPH HO2    H  N N 123 
CPH HME    H  N N 124 
CPH HMEA   H  N N 125 
CPH HMEB   H  N N 126 
DA  OP3    O  N N 127 
DA  P      P  N N 128 
DA  OP1    O  N N 129 
DA  OP2    O  N N 130 
DA  "O5'"  O  N N 131 
DA  "C5'"  C  N N 132 
DA  "C4'"  C  N R 133 
DA  "O4'"  O  N N 134 
DA  "C3'"  C  N S 135 
DA  "O3'"  O  N N 136 
DA  "C2'"  C  N N 137 
DA  "C1'"  C  N R 138 
DA  N9     N  Y N 139 
DA  C8     C  Y N 140 
DA  N7     N  Y N 141 
DA  C5     C  Y N 142 
DA  C6     C  Y N 143 
DA  N6     N  N N 144 
DA  N1     N  Y N 145 
DA  C2     C  Y N 146 
DA  N3     N  Y N 147 
DA  C4     C  Y N 148 
DA  HOP3   H  N N 149 
DA  HOP2   H  N N 150 
DA  "H5'"  H  N N 151 
DA  "H5''" H  N N 152 
DA  "H4'"  H  N N 153 
DA  "H3'"  H  N N 154 
DA  "HO3'" H  N N 155 
DA  "H2'"  H  N N 156 
DA  "H2''" H  N N 157 
DA  "H1'"  H  N N 158 
DA  H8     H  N N 159 
DA  H61    H  N N 160 
DA  H62    H  N N 161 
DA  H2     H  N N 162 
DC  OP3    O  N N 163 
DC  P      P  N N 164 
DC  OP1    O  N N 165 
DC  OP2    O  N N 166 
DC  "O5'"  O  N N 167 
DC  "C5'"  C  N N 168 
DC  "C4'"  C  N R 169 
DC  "O4'"  O  N N 170 
DC  "C3'"  C  N S 171 
DC  "O3'"  O  N N 172 
DC  "C2'"  C  N N 173 
DC  "C1'"  C  N R 174 
DC  N1     N  N N 175 
DC  C2     C  N N 176 
DC  O2     O  N N 177 
DC  N3     N  N N 178 
DC  C4     C  N N 179 
DC  N4     N  N N 180 
DC  C5     C  N N 181 
DC  C6     C  N N 182 
DC  HOP3   H  N N 183 
DC  HOP2   H  N N 184 
DC  "H5'"  H  N N 185 
DC  "H5''" H  N N 186 
DC  "H4'"  H  N N 187 
DC  "H3'"  H  N N 188 
DC  "HO3'" H  N N 189 
DC  "H2'"  H  N N 190 
DC  "H2''" H  N N 191 
DC  "H1'"  H  N N 192 
DC  H41    H  N N 193 
DC  H42    H  N N 194 
DC  H5     H  N N 195 
DC  H6     H  N N 196 
DG  OP3    O  N N 197 
DG  P      P  N N 198 
DG  OP1    O  N N 199 
DG  OP2    O  N N 200 
DG  "O5'"  O  N N 201 
DG  "C5'"  C  N N 202 
DG  "C4'"  C  N R 203 
DG  "O4'"  O  N N 204 
DG  "C3'"  C  N S 205 
DG  "O3'"  O  N N 206 
DG  "C2'"  C  N N 207 
DG  "C1'"  C  N R 208 
DG  N9     N  Y N 209 
DG  C8     C  Y N 210 
DG  N7     N  Y N 211 
DG  C5     C  Y N 212 
DG  C6     C  N N 213 
DG  O6     O  N N 214 
DG  N1     N  N N 215 
DG  C2     C  N N 216 
DG  N2     N  N N 217 
DG  N3     N  N N 218 
DG  C4     C  Y N 219 
DG  HOP3   H  N N 220 
DG  HOP2   H  N N 221 
DG  "H5'"  H  N N 222 
DG  "H5''" H  N N 223 
DG  "H4'"  H  N N 224 
DG  "H3'"  H  N N 225 
DG  "HO3'" H  N N 226 
DG  "H2'"  H  N N 227 
DG  "H2''" H  N N 228 
DG  "H1'"  H  N N 229 
DG  H8     H  N N 230 
DG  H1     H  N N 231 
DG  H21    H  N N 232 
DG  H22    H  N N 233 
DT  OP3    O  N N 234 
DT  P      P  N N 235 
DT  OP1    O  N N 236 
DT  OP2    O  N N 237 
DT  "O5'"  O  N N 238 
DT  "C5'"  C  N N 239 
DT  "C4'"  C  N R 240 
DT  "O4'"  O  N N 241 
DT  "C3'"  C  N S 242 
DT  "O3'"  O  N N 243 
DT  "C2'"  C  N N 244 
DT  "C1'"  C  N R 245 
DT  N1     N  N N 246 
DT  C2     C  N N 247 
DT  O2     O  N N 248 
DT  N3     N  N N 249 
DT  C4     C  N N 250 
DT  O4     O  N N 251 
DT  C5     C  N N 252 
DT  C7     C  N N 253 
DT  C6     C  N N 254 
DT  HOP3   H  N N 255 
DT  HOP2   H  N N 256 
DT  "H5'"  H  N N 257 
DT  "H5''" H  N N 258 
DT  "H4'"  H  N N 259 
DT  "H3'"  H  N N 260 
DT  "HO3'" H  N N 261 
DT  "H2'"  H  N N 262 
DT  "H2''" H  N N 263 
DT  "H1'"  H  N N 264 
DT  H3     H  N N 265 
DT  H71    H  N N 266 
DT  H72    H  N N 267 
DT  H73    H  N N 268 
DT  H6     H  N N 269 
ERI O1     O  N N 270 
ERI C1     C  N R 271 
ERI C2     C  N N 272 
ERI C3     C  N S 273 
ERI O3     O  N N 274 
ERI CC3    C  N N 275 
ERI C4     C  N S 276 
ERI O4     O  N N 277 
ERI CME    C  N N 278 
ERI CO4    C  N N 279 
ERI OC4    O  N N 280 
ERI C5     C  N S 281 
ERI O5     O  N N 282 
ERI C6     C  N N 283 
ERI HO1    H  N N 284 
ERI H1     H  N N 285 
ERI H21    H  N N 286 
ERI H22    H  N N 287 
ERI HO3    H  N N 288 
ERI H31    H  N N 289 
ERI H32    H  N N 290 
ERI H33    H  N N 291 
ERI H4     H  N N 292 
ERI H41    H  N N 293 
ERI H42    H  N N 294 
ERI H43    H  N N 295 
ERI H5     H  N N 296 
ERI H61    H  N N 297 
ERI H62    H  N N 298 
ERI H63    H  N N 299 
MG  MG     MG N N 300 
# 
loop_
_chem_comp_bond.comp_id 
_chem_comp_bond.atom_id_1 
_chem_comp_bond.atom_id_2 
_chem_comp_bond.value_order 
_chem_comp_bond.pdbx_aromatic_flag 
_chem_comp_bond.pdbx_stereo_config 
_chem_comp_bond.pdbx_ordinal 
1GL O1    C1     sing N N 1   
1GL O1    HO1    sing N N 2   
1GL C1    C2     sing N N 3   
1GL C1    O5     sing N N 4   
1GL C1    H1     sing N N 5   
1GL C2    C3     sing N N 6   
1GL C2    H2     sing N N 7   
1GL C2    H22    sing N N 8   
1GL C3    O3     sing N N 9   
1GL C3    C4     sing N N 10  
1GL C3    H3     sing N N 11  
1GL O3    HO3    sing N N 12  
1GL C4    O4     sing N N 13  
1GL C4    C5     sing N N 14  
1GL C4    H4     sing N N 15  
1GL O4    CME    sing N N 16  
1GL CME   HM41   sing N N 17  
1GL CME   HM42   sing N N 18  
1GL CME   HM43   sing N N 19  
1GL C5    O5     sing N N 20  
1GL C5    C6     sing N N 21  
1GL C5    H5     sing N N 22  
1GL C6    H61    sing N N 23  
1GL C6    H62    sing N N 24  
1GL C6    H63    sing N N 25  
ARI O1    C1     sing N N 26  
ARI O1    HO1    sing N N 27  
ARI C1    C2     sing N N 28  
ARI C1    O5     sing N N 29  
ARI C1    H1     sing N N 30  
ARI C2    C3     sing N N 31  
ARI C2    H2     sing N N 32  
ARI C2    H22    sing N N 33  
ARI C3    C4     sing N N 34  
ARI C3    H3     sing N N 35  
ARI C3    H32    sing N N 36  
ARI C4    O4     sing N N 37  
ARI C4    C5     sing N N 38  
ARI C4    H4     sing N N 39  
ARI O4    CO4    sing N N 40  
ARI CME   CO4    sing N N 41  
ARI CME   H41    sing N N 42  
ARI CME   H42    sing N N 43  
ARI CME   H43    sing N N 44  
ARI CO4   OC4    doub N N 45  
ARI C5    O5     sing N N 46  
ARI C5    C6     sing N N 47  
ARI C5    H5     sing N N 48  
ARI C6    H61    sing N N 49  
ARI C6    H62    sing N N 50  
ARI C6    H63    sing N N 51  
CDR O1    C1     sing N N 52  
CDR O1    HO1    sing N N 53  
CDR C1    C2     sing N N 54  
CDR C1    O5     sing N N 55  
CDR C1    H1     sing N N 56  
CDR C2    C3     sing N N 57  
CDR C2    H2     sing N N 58  
CDR C2    H22    sing N N 59  
CDR C3    C4     sing N N 60  
CDR C3    H3     sing N N 61  
CDR C3    H32    sing N N 62  
CDR C4    O4     sing N N 63  
CDR C4    C5     sing N N 64  
CDR C4    H4     sing N N 65  
CDR O4    HO4    sing N N 66  
CDR C5    O5     sing N N 67  
CDR C5    C6     sing N N 68  
CDR C5    H5     sing N N 69  
CDR C6    H61    sing N N 70  
CDR C6    H62    sing N N 71  
CDR C6    H63    sing N N 72  
CPH O1    C1     doub N N 73  
CPH C9A   C1     sing N N 74  
CPH C1    C2     sing N N 75  
CPH C2    O2     sing N N 76  
CPH C2    C3     sing N N 77  
CPH C2    H2     sing N N 78  
CPH C3    C4     sing N N 79  
CPH C3    "C1'"  sing N N 80  
CPH C3    H3     sing N N 81  
CPH C4A   C4     sing N N 82  
CPH C4    H4     sing N N 83  
CPH C4    H4A    sing N N 84  
CPH C6    C5     doub Y N 85  
CPH C5    C5A    sing Y N 86  
CPH C5    H5     sing N N 87  
CPH C7    C6     sing Y N 88  
CPH O6    C6     sing N N 89  
CPH CC7   C7     sing N N 90  
CPH C7    C8     doub Y N 91  
CPH O8    C8     sing N N 92  
CPH C8    C8A    sing Y N 93  
CPH O8    HO8    sing N N 94  
CPH O9    C9     sing N N 95  
CPH C8A   C9     doub Y N 96  
CPH C9    C9A    sing Y N 97  
CPH O9    HO9    sing N N 98  
CPH "C2'" "C1'"  sing N N 99  
CPH "C1'" "O1'"  sing N N 100 
CPH "C1'" "H1'"  sing N N 101 
CPH "O1'" CME    sing N N 102 
CPH C5A   C10    doub Y N 103 
CPH C10   C4A    sing Y N 104 
CPH C10   H10    sing N N 105 
CPH "O2'" "C2'"  doub N N 106 
CPH "C2'" "C3'"  sing N N 107 
CPH "O3'" "C3'"  sing N N 108 
CPH "C3'" "C4'"  sing N N 109 
CPH "C3'" "H3'"  sing N N 110 
CPH "O3'" "HO3'" sing N N 111 
CPH "O4'" "C4'"  sing N N 112 
CPH "C4'" "C5'"  sing N N 113 
CPH "C4'" "H4'"  sing N N 114 
CPH "O4'" "HO4'" sing N N 115 
CPH C9A   C4A    doub Y N 116 
CPH "C5'" "H5'"  sing N N 117 
CPH "C5'" "H5'A" sing N N 118 
CPH "C5'" "H5'B" sing N N 119 
CPH C8A   C5A    sing Y N 120 
CPH CC7   HC7    sing N N 121 
CPH CC7   HC7A   sing N N 122 
CPH CC7   HC7B   sing N N 123 
CPH O6    HO6    sing N N 124 
CPH O2    HO2    sing N N 125 
CPH CME   HME    sing N N 126 
CPH CME   HMEA   sing N N 127 
CPH CME   HMEB   sing N N 128 
DA  OP3   P      sing N N 129 
DA  OP3   HOP3   sing N N 130 
DA  P     OP1    doub N N 131 
DA  P     OP2    sing N N 132 
DA  P     "O5'"  sing N N 133 
DA  OP2   HOP2   sing N N 134 
DA  "O5'" "C5'"  sing N N 135 
DA  "C5'" "C4'"  sing N N 136 
DA  "C5'" "H5'"  sing N N 137 
DA  "C5'" "H5''" sing N N 138 
DA  "C4'" "O4'"  sing N N 139 
DA  "C4'" "C3'"  sing N N 140 
DA  "C4'" "H4'"  sing N N 141 
DA  "O4'" "C1'"  sing N N 142 
DA  "C3'" "O3'"  sing N N 143 
DA  "C3'" "C2'"  sing N N 144 
DA  "C3'" "H3'"  sing N N 145 
DA  "O3'" "HO3'" sing N N 146 
DA  "C2'" "C1'"  sing N N 147 
DA  "C2'" "H2'"  sing N N 148 
DA  "C2'" "H2''" sing N N 149 
DA  "C1'" N9     sing N N 150 
DA  "C1'" "H1'"  sing N N 151 
DA  N9    C8     sing Y N 152 
DA  N9    C4     sing Y N 153 
DA  C8    N7     doub Y N 154 
DA  C8    H8     sing N N 155 
DA  N7    C5     sing Y N 156 
DA  C5    C6     sing Y N 157 
DA  C5    C4     doub Y N 158 
DA  C6    N6     sing N N 159 
DA  C6    N1     doub Y N 160 
DA  N6    H61    sing N N 161 
DA  N6    H62    sing N N 162 
DA  N1    C2     sing Y N 163 
DA  C2    N3     doub Y N 164 
DA  C2    H2     sing N N 165 
DA  N3    C4     sing Y N 166 
DC  OP3   P      sing N N 167 
DC  OP3   HOP3   sing N N 168 
DC  P     OP1    doub N N 169 
DC  P     OP2    sing N N 170 
DC  P     "O5'"  sing N N 171 
DC  OP2   HOP2   sing N N 172 
DC  "O5'" "C5'"  sing N N 173 
DC  "C5'" "C4'"  sing N N 174 
DC  "C5'" "H5'"  sing N N 175 
DC  "C5'" "H5''" sing N N 176 
DC  "C4'" "O4'"  sing N N 177 
DC  "C4'" "C3'"  sing N N 178 
DC  "C4'" "H4'"  sing N N 179 
DC  "O4'" "C1'"  sing N N 180 
DC  "C3'" "O3'"  sing N N 181 
DC  "C3'" "C2'"  sing N N 182 
DC  "C3'" "H3'"  sing N N 183 
DC  "O3'" "HO3'" sing N N 184 
DC  "C2'" "C1'"  sing N N 185 
DC  "C2'" "H2'"  sing N N 186 
DC  "C2'" "H2''" sing N N 187 
DC  "C1'" N1     sing N N 188 
DC  "C1'" "H1'"  sing N N 189 
DC  N1    C2     sing N N 190 
DC  N1    C6     sing N N 191 
DC  C2    O2     doub N N 192 
DC  C2    N3     sing N N 193 
DC  N3    C4     doub N N 194 
DC  C4    N4     sing N N 195 
DC  C4    C5     sing N N 196 
DC  N4    H41    sing N N 197 
DC  N4    H42    sing N N 198 
DC  C5    C6     doub N N 199 
DC  C5    H5     sing N N 200 
DC  C6    H6     sing N N 201 
DG  OP3   P      sing N N 202 
DG  OP3   HOP3   sing N N 203 
DG  P     OP1    doub N N 204 
DG  P     OP2    sing N N 205 
DG  P     "O5'"  sing N N 206 
DG  OP2   HOP2   sing N N 207 
DG  "O5'" "C5'"  sing N N 208 
DG  "C5'" "C4'"  sing N N 209 
DG  "C5'" "H5'"  sing N N 210 
DG  "C5'" "H5''" sing N N 211 
DG  "C4'" "O4'"  sing N N 212 
DG  "C4'" "C3'"  sing N N 213 
DG  "C4'" "H4'"  sing N N 214 
DG  "O4'" "C1'"  sing N N 215 
DG  "C3'" "O3'"  sing N N 216 
DG  "C3'" "C2'"  sing N N 217 
DG  "C3'" "H3'"  sing N N 218 
DG  "O3'" "HO3'" sing N N 219 
DG  "C2'" "C1'"  sing N N 220 
DG  "C2'" "H2'"  sing N N 221 
DG  "C2'" "H2''" sing N N 222 
DG  "C1'" N9     sing N N 223 
DG  "C1'" "H1'"  sing N N 224 
DG  N9    C8     sing Y N 225 
DG  N9    C4     sing Y N 226 
DG  C8    N7     doub Y N 227 
DG  C8    H8     sing N N 228 
DG  N7    C5     sing Y N 229 
DG  C5    C6     sing N N 230 
DG  C5    C4     doub Y N 231 
DG  C6    O6     doub N N 232 
DG  C6    N1     sing N N 233 
DG  N1    C2     sing N N 234 
DG  N1    H1     sing N N 235 
DG  C2    N2     sing N N 236 
DG  C2    N3     doub N N 237 
DG  N2    H21    sing N N 238 
DG  N2    H22    sing N N 239 
DG  N3    C4     sing N N 240 
DT  OP3   P      sing N N 241 
DT  OP3   HOP3   sing N N 242 
DT  P     OP1    doub N N 243 
DT  P     OP2    sing N N 244 
DT  P     "O5'"  sing N N 245 
DT  OP2   HOP2   sing N N 246 
DT  "O5'" "C5'"  sing N N 247 
DT  "C5'" "C4'"  sing N N 248 
DT  "C5'" "H5'"  sing N N 249 
DT  "C5'" "H5''" sing N N 250 
DT  "C4'" "O4'"  sing N N 251 
DT  "C4'" "C3'"  sing N N 252 
DT  "C4'" "H4'"  sing N N 253 
DT  "O4'" "C1'"  sing N N 254 
DT  "C3'" "O3'"  sing N N 255 
DT  "C3'" "C2'"  sing N N 256 
DT  "C3'" "H3'"  sing N N 257 
DT  "O3'" "HO3'" sing N N 258 
DT  "C2'" "C1'"  sing N N 259 
DT  "C2'" "H2'"  sing N N 260 
DT  "C2'" "H2''" sing N N 261 
DT  "C1'" N1     sing N N 262 
DT  "C1'" "H1'"  sing N N 263 
DT  N1    C2     sing N N 264 
DT  N1    C6     sing N N 265 
DT  C2    O2     doub N N 266 
DT  C2    N3     sing N N 267 
DT  N3    C4     sing N N 268 
DT  N3    H3     sing N N 269 
DT  C4    O4     doub N N 270 
DT  C4    C5     sing N N 271 
DT  C5    C7     sing N N 272 
DT  C5    C6     doub N N 273 
DT  C7    H71    sing N N 274 
DT  C7    H72    sing N N 275 
DT  C7    H73    sing N N 276 
DT  C6    H6     sing N N 277 
ERI O1    C1     sing N N 278 
ERI O1    HO1    sing N N 279 
ERI C1    C2     sing N N 280 
ERI C1    O5     sing N N 281 
ERI C1    H1     sing N N 282 
ERI C2    C3     sing N N 283 
ERI C2    H21    sing N N 284 
ERI C2    H22    sing N N 285 
ERI C3    O3     sing N N 286 
ERI C3    CC3    sing N N 287 
ERI C3    C4     sing N N 288 
ERI O3    HO3    sing N N 289 
ERI CC3   H31    sing N N 290 
ERI CC3   H32    sing N N 291 
ERI CC3   H33    sing N N 292 
ERI C4    O4     sing N N 293 
ERI C4    C5     sing N N 294 
ERI C4    H4     sing N N 295 
ERI O4    CO4    sing N N 296 
ERI CME   CO4    sing N N 297 
ERI CME   H41    sing N N 298 
ERI CME   H42    sing N N 299 
ERI CME   H43    sing N N 300 
ERI CO4   OC4    doub N N 301 
ERI C5    O5     sing N N 302 
ERI C5    C6     sing N N 303 
ERI C5    H5     sing N N 304 
ERI C6    H61    sing N N 305 
ERI C6    H62    sing N N 306 
ERI C6    H63    sing N N 307 
# 
_ndb_struct_conf_na.entry_id   1D83 
_ndb_struct_conf_na.feature    'double helix' 
# 
loop_
_ndb_struct_na_base_pair.model_number 
_ndb_struct_na_base_pair.i_label_asym_id 
_ndb_struct_na_base_pair.i_label_comp_id 
_ndb_struct_na_base_pair.i_label_seq_id 
_ndb_struct_na_base_pair.i_symmetry 
_ndb_struct_na_base_pair.j_label_asym_id 
_ndb_struct_na_base_pair.j_label_comp_id 
_ndb_struct_na_base_pair.j_label_seq_id 
_ndb_struct_na_base_pair.j_symmetry 
_ndb_struct_na_base_pair.shear 
_ndb_struct_na_base_pair.stretch 
_ndb_struct_na_base_pair.stagger 
_ndb_struct_na_base_pair.buckle 
_ndb_struct_na_base_pair.propeller 
_ndb_struct_na_base_pair.opening 
_ndb_struct_na_base_pair.pair_number 
_ndb_struct_na_base_pair.pair_name 
_ndb_struct_na_base_pair.i_auth_asym_id 
_ndb_struct_na_base_pair.i_auth_seq_id 
_ndb_struct_na_base_pair.i_PDB_ins_code 
_ndb_struct_na_base_pair.j_auth_asym_id 
_ndb_struct_na_base_pair.j_auth_seq_id 
_ndb_struct_na_base_pair.j_PDB_ins_code 
_ndb_struct_na_base_pair.hbond_type_28 
_ndb_struct_na_base_pair.hbond_type_12 
1 A DA 1 1_555 B DT 8 1_555 0.356  -0.212 -1.256 -18.128 11.369 -6.534 1 A_DA1:DT18_B A 1 ? B 18 ? 20 1 
1 A DA 2 1_555 B DT 7 1_555 0.338  0.064  -0.083 7.583   22.375 2.349  2 A_DA2:DT17_B A 2 ? B 17 ? 20 1 
1 A DG 3 1_555 B DC 6 1_555 -0.644 -0.499 0.000  31.514  12.267 -9.401 3 A_DG3:DC16_B A 3 ? B 16 ? 19 1 
1 A DG 4 1_555 B DC 5 1_555 -0.091 -1.238 1.967  9.564   -5.484 -5.922 4 A_DG4:DC15_B A 4 ? B 15 ? 19 1 
1 A DC 5 1_555 B DG 4 1_555 0.095  -1.223 1.974  -9.968  -5.292 -5.902 5 A_DC5:DG14_B A 5 ? B 14 ? 19 1 
1 A DC 6 1_555 B DG 3 1_555 0.685  -0.470 0.022  -31.815 12.629 -9.377 6 A_DC6:DG13_B A 6 ? B 13 ? 19 1 
1 A DT 7 1_555 B DA 2 1_555 -0.260 0.089  -0.053 -7.924  22.780 2.336  7 A_DT7:DA12_B A 7 ? B 12 ? 20 1 
1 A DT 8 1_555 B DA 1 1_555 -0.250 -0.226 -1.256 18.221  11.835 -6.662 8 A_DT8:DA11_B A 8 ? B 11 ? 20 1 
# 
loop_
_ndb_struct_na_base_pair_step.model_number 
_ndb_struct_na_base_pair_step.i_label_asym_id_1 
_ndb_struct_na_base_pair_step.i_label_comp_id_1 
_ndb_struct_na_base_pair_step.i_label_seq_id_1 
_ndb_struct_na_base_pair_step.i_symmetry_1 
_ndb_struct_na_base_pair_step.j_label_asym_id_1 
_ndb_struct_na_base_pair_step.j_label_comp_id_1 
_ndb_struct_na_base_pair_step.j_label_seq_id_1 
_ndb_struct_na_base_pair_step.j_symmetry_1 
_ndb_struct_na_base_pair_step.i_label_asym_id_2 
_ndb_struct_na_base_pair_step.i_label_comp_id_2 
_ndb_struct_na_base_pair_step.i_label_seq_id_2 
_ndb_struct_na_base_pair_step.i_symmetry_2 
_ndb_struct_na_base_pair_step.j_label_asym_id_2 
_ndb_struct_na_base_pair_step.j_label_comp_id_2 
_ndb_struct_na_base_pair_step.j_label_seq_id_2 
_ndb_struct_na_base_pair_step.j_symmetry_2 
_ndb_struct_na_base_pair_step.shift 
_ndb_struct_na_base_pair_step.slide 
_ndb_struct_na_base_pair_step.rise 
_ndb_struct_na_base_pair_step.tilt 
_ndb_struct_na_base_pair_step.roll 
_ndb_struct_na_base_pair_step.twist 
_ndb_struct_na_base_pair_step.x_displacement 
_ndb_struct_na_base_pair_step.y_displacement 
_ndb_struct_na_base_pair_step.helical_rise 
_ndb_struct_na_base_pair_step.inclination 
_ndb_struct_na_base_pair_step.tip 
_ndb_struct_na_base_pair_step.helical_twist 
_ndb_struct_na_base_pair_step.step_number 
_ndb_struct_na_base_pair_step.step_name 
_ndb_struct_na_base_pair_step.i_auth_asym_id_1 
_ndb_struct_na_base_pair_step.i_auth_seq_id_1 
_ndb_struct_na_base_pair_step.i_PDB_ins_code_1 
_ndb_struct_na_base_pair_step.j_auth_asym_id_1 
_ndb_struct_na_base_pair_step.j_auth_seq_id_1 
_ndb_struct_na_base_pair_step.j_PDB_ins_code_1 
_ndb_struct_na_base_pair_step.i_auth_asym_id_2 
_ndb_struct_na_base_pair_step.i_auth_seq_id_2 
_ndb_struct_na_base_pair_step.i_PDB_ins_code_2 
_ndb_struct_na_base_pair_step.j_auth_asym_id_2 
_ndb_struct_na_base_pair_step.j_auth_seq_id_2 
_ndb_struct_na_base_pair_step.j_PDB_ins_code_2 
1 A DA 1 1_555 B DT 8 1_555 A DA 2 1_555 B DT 7 1_555 0.280  -0.854 3.352 -8.238 -14.021 27.907 1.159  -2.090 3.207 -26.424 15.525 
32.218 1 AA_DA1DA2:DT17DT18_BB A 1 ? B 18 ? A 2 ? B 17 ? 
1 A DA 2 1_555 B DT 7 1_555 A DG 3 1_555 B DC 6 1_555 -0.714 -1.240 2.744 -2.586 5.534   22.535 -4.591 1.051  2.439 13.837  6.466 
23.337 2 AA_DA2DG3:DC16DT17_BB A 2 ? B 17 ? A 3 ? B 16 ? 
1 A DG 3 1_555 B DC 6 1_555 A DG 4 1_555 B DC 5 1_555 0.892  -1.748 4.966 -7.446 -9.647  34.697 -0.711 -3.009 4.972 -15.592 12.036 
36.712 3 AA_DG3DG4:DC15DC16_BB A 3 ? B 16 ? A 4 ? B 15 ? 
1 A DG 4 1_555 B DC 5 1_555 A DC 5 1_555 B DG 4 1_555 0.001  -2.737 3.913 0.030  6.510   33.859 -5.753 0.004  3.344 11.052  -0.051 
34.462 4 AA_DG4DC5:DG14DC15_BB A 4 ? B 15 ? A 5 ? B 14 ? 
1 A DC 5 1_555 B DG 4 1_555 A DC 6 1_555 B DG 3 1_555 -0.892 -1.753 4.966 7.404  -9.606  34.701 -0.727 3.002  4.975 -15.530 
-11.969 36.698 5 AA_DC5DC6:DG13DG14_BB A 5 ? B 14 ? A 6 ? B 13 ? 
1 A DC 6 1_555 B DG 3 1_555 A DT 7 1_555 B DA 2 1_555 0.713  -1.238 2.749 2.551  5.544   22.565 -4.584 -1.059 2.443 13.845  -6.372 
23.365 6 AA_DC6DT7:DA12DG13_BB A 6 ? B 13 ? A 7 ? B 12 ? 
1 A DT 7 1_555 B DA 2 1_555 A DT 8 1_555 B DA 1 1_555 -0.287 -0.860 3.346 8.313  -14.086 27.868 1.154  2.113  3.199 -26.550 
-15.669 32.231 7 AA_DT7DT8:DA11DA12_BB A 7 ? B 12 ? A 8 ? B 11 ? 
# 
loop_
_pdbx_entity_branch_list.entity_id 
_pdbx_entity_branch_list.comp_id 
_pdbx_entity_branch_list.num 
_pdbx_entity_branch_list.hetero 
2 CDR 1 n 
2 CDR 2 n 
2 ERI 3 n 
3 ARI 1 n 
3 1GL 2 n 
# 
_atom_sites.entry_id                    1D83 
_atom_sites.fract_transf_matrix[1][1]   1.000000 
_atom_sites.fract_transf_matrix[1][2]   0.000000 
_atom_sites.fract_transf_matrix[1][3]   0.000000 
_atom_sites.fract_transf_matrix[2][1]   0.000000 
_atom_sites.fract_transf_matrix[2][2]   1.000000 
_atom_sites.fract_transf_matrix[2][3]   0.000000 
_atom_sites.fract_transf_matrix[3][1]   0.000000 
_atom_sites.fract_transf_matrix[3][2]   0.000000 
_atom_sites.fract_transf_matrix[3][3]   1.000000 
_atom_sites.fract_transf_vector[1]      0.00000 
_atom_sites.fract_transf_vector[2]      0.00000 
_atom_sites.fract_transf_vector[3]      0.00000 
# 
loop_
_atom_type.symbol 
C  
H  
MG 
N  
O  
P  
# 
loop_
_atom_site.group_PDB 
_atom_site.id 
_atom_site.type_symbol 
_atom_site.label_atom_id 
_atom_site.label_alt_id 
_atom_site.label_comp_id 
_atom_site.label_asym_id 
_atom_site.label_entity_id 
_atom_site.label_seq_id 
_atom_site.pdbx_PDB_ins_code 
_atom_site.Cartn_x 
_atom_site.Cartn_y 
_atom_site.Cartn_z 
_atom_site.occupancy 
_atom_site.B_iso_or_equiv 
_atom_site.pdbx_formal_charge 
_atom_site.auth_seq_id 
_atom_site.auth_comp_id 
_atom_site.auth_asym_id 
_atom_site.auth_atom_id 
_atom_site.pdbx_PDB_model_num 
ATOM   1   O  "O5'"  . DA  A 1 1 ? -15.590 4.348   10.618  1.00 0.03 ? 1  DA  A "O5'"  1 
ATOM   2   C  "C5'"  . DA  A 1 1 ? -16.055 5.717   10.537  1.00 0.03 ? 1  DA  A "C5'"  1 
ATOM   3   C  "C4'"  . DA  A 1 1 ? -14.908 6.651   10.047  1.00 0.01 ? 1  DA  A "C4'"  1 
ATOM   4   O  "O4'"  . DA  A 1 1 ? -13.752 6.644   11.008  1.00 0.01 ? 1  DA  A "O4'"  1 
ATOM   5   C  "C3'"  . DA  A 1 1 ? -14.334 6.183   8.713   1.00 0.01 ? 1  DA  A "C3'"  1 
ATOM   6   O  "O3'"  . DA  A 1 1 ? -14.212 7.284   7.804   1.00 0.01 ? 1  DA  A "O3'"  1 
ATOM   7   C  "C2'"  . DA  A 1 1 ? -13.044 5.462   9.142   1.00 0.07 ? 1  DA  A "C2'"  1 
ATOM   8   C  "C1'"  . DA  A 1 1 ? -12.454 6.189   10.444  1.00 0.02 ? 1  DA  A "C1'"  1 
ATOM   9   N  N9     . DA  A 1 1 ? -11.356 5.474   11.298  1.00 0.01 ? 1  DA  A N9     1 
ATOM   10  C  C8     . DA  A 1 1 ? -11.568 4.328   11.860  1.00 0.01 ? 1  DA  A C8     1 
ATOM   11  N  N7     . DA  A 1 1 ? -10.662 3.542   12.312  1.00 0.01 ? 1  DA  A N7     1 
ATOM   12  C  C5     . DA  A 1 1 ? -9.568  4.331   12.067  1.00 0.01 ? 1  DA  A C5     1 
ATOM   13  C  C6     . DA  A 1 1 ? -8.223  4.149   12.433  1.00 0.01 ? 1  DA  A C6     1 
ATOM   14  N  N6     . DA  A 1 1 ? -7.680  3.046   12.933  1.00 0.01 ? 1  DA  A N6     1 
ATOM   15  N  N1     . DA  A 1 1 ? -7.409  5.147   12.238  1.00 0.01 ? 1  DA  A N1     1 
ATOM   16  C  C2     . DA  A 1 1 ? -7.898  6.229   11.711  1.00 0.01 ? 1  DA  A C2     1 
ATOM   17  N  N3     . DA  A 1 1 ? -9.115  6.574   11.258  1.00 0.01 ? 1  DA  A N3     1 
ATOM   18  C  C4     . DA  A 1 1 ? -9.950  5.536   11.475  1.00 0.01 ? 1  DA  A C4     1 
ATOM   19  H  "H5'"  . DA  A 1 1 ? -16.361 6.074   11.540  1.00 0.02 ? 1  DA  A "H5'"  1 
ATOM   20  H  "H5''" . DA  A 1 1 ? -16.938 5.761   9.853   1.00 0.03 ? 1  DA  A "H5''" 1 
ATOM   21  H  "H4'"  . DA  A 1 1 ? -15.384 7.638   9.746   1.00 0.02 ? 1  DA  A "H4'"  1 
ATOM   22  H  "H3'"  . DA  A 1 1 ? -15.013 5.543   8.125   1.00 0.01 ? 1  DA  A "H3'"  1 
ATOM   23  H  "H2'"  . DA  A 1 1 ? -13.338 4.396   9.145   1.00 0.13 ? 1  DA  A "H2'"  1 
ATOM   24  H  "H2''" . DA  A 1 1 ? -12.427 5.602   8.286   1.00 0.10 ? 1  DA  A "H2''" 1 
ATOM   25  H  "H1'"  . DA  A 1 1 ? -11.858 7.016   10.168  1.00 0.01 ? 1  DA  A "H1'"  1 
ATOM   26  H  H8     . DA  A 1 1 ? -12.562 4.349   11.925  1.00 0.04 ? 1  DA  A H8     1 
ATOM   27  H  H61    . DA  A 1 1 ? -6.675  3.028   13.082  1.00 0.01 ? 1  DA  A H61    1 
ATOM   28  H  H62    . DA  A 1 1 ? -8.246  2.244   13.154  1.00 0.01 ? 1  DA  A H62    1 
ATOM   29  H  H2     . DA  A 1 1 ? -7.042  6.822   11.908  1.00 0.03 ? 1  DA  A H2     1 
ATOM   30  H  "HO5'" . DA  A 1 1 ? -14.756 4.316   11.102  1.00 0.02 ? 1  DA  A "HO5'" 1 
ATOM   31  P  P      . DA  A 1 2 ? -13.408 7.182   6.411   1.00 0.01 ? 2  DA  A P      1 
ATOM   32  O  OP1    . DA  A 1 2 ? -14.065 8.046   5.408   1.00 0.01 ? 2  DA  A OP1    1 
ATOM   33  O  OP2    . DA  A 1 2 ? -13.130 5.759   6.097   1.00 0.01 ? 2  DA  A OP2    1 
ATOM   34  O  "O5'"  . DA  A 1 2 ? -12.043 7.868   6.880   1.00 0.01 ? 2  DA  A "O5'"  1 
ATOM   35  C  "C5'"  . DA  A 1 2 ? -11.878 9.282   7.108   1.00 0.03 ? 2  DA  A "C5'"  1 
ATOM   36  C  "C4'"  . DA  A 1 2 ? -10.352 9.539   6.950   1.00 0.03 ? 2  DA  A "C4'"  1 
ATOM   37  O  "O4'"  . DA  A 1 2 ? -9.453  8.825   7.864   1.00 0.01 ? 2  DA  A "O4'"  1 
ATOM   38  C  "C3'"  . DA  A 1 2 ? -9.644  9.444   5.570   1.00 0.03 ? 2  DA  A "C3'"  1 
ATOM   39  O  "O3'"  . DA  A 1 2 ? -9.055  10.715  5.903   1.00 0.00 ? 2  DA  A "O3'"  1 
ATOM   40  C  "C2'"  . DA  A 1 2 ? -8.559  8.345   5.707   1.00 0.06 ? 2  DA  A "C2'"  1 
ATOM   41  C  "C1'"  . DA  A 1 2 ? -8.596  7.913   7.125   1.00 0.05 ? 2  DA  A "C1'"  1 
ATOM   42  N  N9     . DA  A 1 2 ? -8.409  6.522   7.541   1.00 0.01 ? 2  DA  A N9     1 
ATOM   43  C  C8     . DA  A 1 2 ? -9.361  5.593   7.535   1.00 0.00 ? 2  DA  A C8     1 
ATOM   44  N  N7     . DA  A 1 2 ? -8.938  4.394   7.941   1.00 0.01 ? 2  DA  A N7     1 
ATOM   45  C  C5     . DA  A 1 2 ? -7.554  4.582   8.236   1.00 0.01 ? 2  DA  A C5     1 
ATOM   46  C  C6     . DA  A 1 2 ? -6.451  3.734   8.677   1.00 0.00 ? 2  DA  A C6     1 
ATOM   47  N  N6     . DA  A 1 2 ? -6.448  2.418   8.935   1.00 0.00 ? 2  DA  A N6     1 
ATOM   48  N  N1     . DA  A 1 2 ? -5.236  4.290   8.813   1.00 0.00 ? 2  DA  A N1     1 
ATOM   49  C  C2     . DA  A 1 2 ? -5.045  5.566   8.547   1.00 0.01 ? 2  DA  A C2     1 
ATOM   50  N  N3     . DA  A 1 2 ? -5.974  6.449   8.137   1.00 0.01 ? 2  DA  A N3     1 
ATOM   51  C  C4     . DA  A 1 2 ? -7.222  5.888   7.997   1.00 0.01 ? 2  DA  A C4     1 
ATOM   52  H  "H5'"  . DA  A 1 2 ? -12.319 9.705   8.066   1.00 0.02 ? 2  DA  A "H5'"  1 
ATOM   53  H  "H5''" . DA  A 1 2 ? -12.418 9.889   6.370   1.00 0.06 ? 2  DA  A "H5''" 1 
ATOM   54  H  "H4'"  . DA  A 1 2 ? -10.267 10.597  7.140   1.00 0.04 ? 2  DA  A "H4'"  1 
ATOM   55  H  "H3'"  . DA  A 1 2 ? -10.243 9.355   4.602   1.00 0.10 ? 2  DA  A "H3'"  1 
ATOM   56  H  "H2'"  . DA  A 1 2 ? -8.991  7.360   5.184   1.00 0.16 ? 2  DA  A "H2'"  1 
ATOM   57  H  "H2''" . DA  A 1 2 ? -7.496  8.926   5.835   1.00 0.14 ? 2  DA  A "H2''" 1 
ATOM   58  H  "H1'"  . DA  A 1 2 ? -7.554  7.972   7.266   1.00 0.06 ? 2  DA  A "H1'"  1 
ATOM   59  H  H8     . DA  A 1 2 ? -10.340 6.065   7.164   1.00 0.05 ? 2  DA  A H8     1 
ATOM   60  H  H61    . DA  A 1 2 ? -5.539  1.936   9.046   1.00 0.01 ? 2  DA  A H61    1 
ATOM   61  H  H62    . DA  A 1 2 ? -7.314  1.911   9.030   1.00 0.01 ? 2  DA  A H62    1 
ATOM   62  H  H2     . DA  A 1 2 ? -3.962  5.801   8.648   1.00 0.02 ? 2  DA  A H2     1 
ATOM   63  P  P      . DG  A 1 3 ? -8.650  11.992  5.046   1.00 0.00 ? 3  DG  A P      1 
ATOM   64  O  OP1    . DG  A 1 3 ? -8.479  13.139  5.967   1.00 0.01 ? 3  DG  A OP1    1 
ATOM   65  O  OP2    . DG  A 1 3 ? -9.533  12.101  3.865   1.00 0.01 ? 3  DG  A OP2    1 
ATOM   66  O  "O5'"  . DG  A 1 3 ? -7.221  11.457  4.603   1.00 0.00 ? 3  DG  A "O5'"  1 
ATOM   67  C  "C5'"  . DG  A 1 3 ? -5.979  11.835  5.205   1.00 0.01 ? 3  DG  A "C5'"  1 
ATOM   68  C  "C4'"  . DG  A 1 3 ? -4.867  10.968  4.568   1.00 0.02 ? 3  DG  A "C4'"  1 
ATOM   69  O  "O4'"  . DG  A 1 3 ? -4.985  9.635   5.202   1.00 0.00 ? 3  DG  A "O4'"  1 
ATOM   70  C  "C3'"  . DG  A 1 3 ? -5.254  10.746  3.028   1.00 0.01 ? 3  DG  A "C3'"  1 
ATOM   71  O  "O3'"  . DG  A 1 3 ? -4.444  11.363  1.959   1.00 0.00 ? 3  DG  A "O3'"  1 
ATOM   72  C  "C2'"  . DG  A 1 3 ? -4.947  9.230   2.900   1.00 0.01 ? 3  DG  A "C2'"  1 
ATOM   73  C  "C1'"  . DG  A 1 3 ? -4.453  8.564   4.373   1.00 0.00 ? 3  DG  A "C1'"  1 
ATOM   74  N  N9     . DG  A 1 3 ? -4.784  7.113   4.692   1.00 0.00 ? 3  DG  A N9     1 
ATOM   75  C  C8     . DG  A 1 3 ? -5.911  6.337   4.621   1.00 0.01 ? 3  DG  A C8     1 
ATOM   76  N  N7     . DG  A 1 3 ? -5.892  5.159   5.110   1.00 0.01 ? 3  DG  A N7     1 
ATOM   77  C  C5     . DG  A 1 3 ? -4.605  5.075   5.549   1.00 0.01 ? 3  DG  A C5     1 
ATOM   78  C  C6     . DG  A 1 3 ? -3.986  3.981   6.117   1.00 0.01 ? 3  DG  A C6     1 
ATOM   79  O  O6     . DG  A 1 3 ? -4.532  2.954   6.472   1.00 0.01 ? 3  DG  A O6     1 
ATOM   80  N  N1     . DG  A 1 3 ? -2.661  4.211   6.345   1.00 0.01 ? 3  DG  A N1     1 
ATOM   81  C  C2     . DG  A 1 3 ? -2.007  5.388   6.067   1.00 0.01 ? 3  DG  A C2     1 
ATOM   82  N  N2     . DG  A 1 3 ? -0.706  5.407   6.306   1.00 0.01 ? 3  DG  A N2     1 
ATOM   83  N  N3     . DG  A 1 3 ? -2.600  6.462   5.541   1.00 0.00 ? 3  DG  A N3     1 
ATOM   84  C  C4     . DG  A 1 3 ? -3.906  6.229   5.299   1.00 0.00 ? 3  DG  A C4     1 
ATOM   85  H  "H5'"  . DG  A 1 3 ? -5.996  11.649  6.290   1.00 0.03 ? 3  DG  A "H5'"  1 
ATOM   86  H  "H5''" . DG  A 1 3 ? -5.957  12.903  5.024   1.00 0.02 ? 3  DG  A "H5''" 1 
ATOM   87  H  "H4'"  . DG  A 1 3 ? -3.892  11.530  4.759   1.00 0.03 ? 3  DG  A "H4'"  1 
ATOM   88  H  "H3'"  . DG  A 1 3 ? -6.391  11.053  2.904   1.00 0.03 ? 3  DG  A "H3'"  1 
ATOM   89  H  "H2'"  . DG  A 1 3 ? -5.838  9.086   2.171   1.00 0.04 ? 3  DG  A "H2'"  1 
ATOM   90  H  "H2''" . DG  A 1 3 ? -4.012  9.249   2.367   1.00 0.02 ? 3  DG  A "H2''" 1 
ATOM   91  H  "H1'"  . DG  A 1 3 ? -3.377  8.349   4.833   1.00 0.02 ? 3  DG  A "H1'"  1 
ATOM   92  H  H8     . DG  A 1 3 ? -6.808  6.407   4.090   1.00 0.03 ? 3  DG  A H8     1 
ATOM   93  H  H1     . DG  A 1 3 ? -2.168  3.415   6.710   1.00 0.01 ? 3  DG  A H1     1 
ATOM   94  H  H21    . DG  A 1 3 ? -0.260  4.580   6.660   1.00 0.01 ? 3  DG  A H21    1 
ATOM   95  H  H22    . DG  A 1 3 ? -0.175  6.243   6.123   1.00 0.01 ? 3  DG  A H22    1 
ATOM   96  P  P      . DG  A 1 4 ? -4.336  10.866  0.350   1.00 0.00 ? 4  DG  A P      1 
ATOM   97  O  OP1    . DG  A 1 4 ? -4.004  12.069  -0.447  1.00 0.00 ? 4  DG  A OP1    1 
ATOM   98  O  OP2    . DG  A 1 4 ? -5.587  10.138  0.038   1.00 0.00 ? 4  DG  A OP2    1 
ATOM   99  O  "O5'"  . DG  A 1 4 ? -3.084  9.774   0.103   1.00 0.01 ? 4  DG  A "O5'"  1 
ATOM   100 C  "C5'"  . DG  A 1 4 ? -1.699  10.074  0.431   1.00 0.01 ? 4  DG  A "C5'"  1 
ATOM   101 C  "C4'"  . DG  A 1 4 ? -0.673  8.996   0.824   1.00 0.00 ? 4  DG  A "C4'"  1 
ATOM   102 O  "O4'"  . DG  A 1 4 ? -1.330  8.004   1.594   1.00 0.00 ? 4  DG  A "O4'"  1 
ATOM   103 C  "C3'"  . DG  A 1 4 ? -0.131  8.195   -0.437  1.00 0.00 ? 4  DG  A "C3'"  1 
ATOM   104 O  "O3'"  . DG  A 1 4 ? 1.079   8.719   -1.031  1.00 0.00 ? 4  DG  A "O3'"  1 
ATOM   105 C  "C2'"  . DG  A 1 4 ? 0.261   6.818   0.159   1.00 0.01 ? 4  DG  A "C2'"  1 
ATOM   106 C  "C1'"  . DG  A 1 4 ? -0.619  6.764   1.436   1.00 0.00 ? 4  DG  A "C1'"  1 
ATOM   107 N  N9     . DG  A 1 4 ? -1.461  5.696   1.037   1.00 0.01 ? 4  DG  A N9     1 
ATOM   108 C  C8     . DG  A 1 4 ? -2.794  5.874   0.571   1.00 0.03 ? 4  DG  A C8     1 
ATOM   109 N  N7     . DG  A 1 4 ? -3.299  4.693   0.375   1.00 0.00 ? 4  DG  A N7     1 
ATOM   110 C  C5     . DG  A 1 4 ? -2.297  3.727   0.692   1.00 0.01 ? 4  DG  A C5     1 
ATOM   111 C  C6     . DG  A 1 4 ? -2.409  2.320   0.605   1.00 0.00 ? 4  DG  A C6     1 
ATOM   112 O  O6     . DG  A 1 4 ? -3.408  1.666   0.318   1.00 0.00 ? 4  DG  A O6     1 
ATOM   113 N  N1     . DG  A 1 4 ? -1.245  1.658   0.939   1.00 0.00 ? 4  DG  A N1     1 
ATOM   114 C  C2     . DG  A 1 4 ? -0.049  2.246   1.329   1.00 0.00 ? 4  DG  A C2     1 
ATOM   115 N  N2     . DG  A 1 4 ? 0.975   1.420   1.549   1.00 0.00 ? 4  DG  A N2     1 
ATOM   116 N  N3     . DG  A 1 4 ? 0.164   3.578   1.465   1.00 0.01 ? 4  DG  A N3     1 
ATOM   117 C  C4     . DG  A 1 4 ? -1.092  4.282   1.106   1.00 0.01 ? 4  DG  A C4     1 
ATOM   118 H  "H5'"  . DG  A 1 4 ? -1.999  10.892  0.968   1.00 0.01 ? 4  DG  A "H5'"  1 
ATOM   119 H  "H5''" . DG  A 1 4 ? -1.010  10.760  0.032   1.00 0.04 ? 4  DG  A "H5''" 1 
ATOM   120 H  "H4'"  . DG  A 1 4 ? 0.069   9.485   1.474   1.00 0.01 ? 4  DG  A "H4'"  1 
ATOM   121 H  "H3'"  . DG  A 1 4 ? -0.982  8.114   -1.153  1.00 0.01 ? 4  DG  A "H3'"  1 
ATOM   122 H  "H2'"  . DG  A 1 4 ? 0.195   5.957   -0.589  1.00 0.01 ? 4  DG  A "H2'"  1 
ATOM   123 H  "H2''" . DG  A 1 4 ? 1.289   6.757   0.507   1.00 0.01 ? 4  DG  A "H2''" 1 
ATOM   124 H  "H1'"  . DG  A 1 4 ? -0.325  6.581   2.490   1.00 0.03 ? 4  DG  A "H1'"  1 
ATOM   125 H  H8     . DG  A 1 4 ? -3.383  6.902   0.283   1.00 0.06 ? 4  DG  A H8     1 
ATOM   126 H  H1     . DG  A 1 4 ? -1.353  0.646   0.937   1.00 0.00 ? 4  DG  A H1     1 
ATOM   127 H  H21    . DG  A 1 4 ? 0.892   0.419   1.437   1.00 0.00 ? 4  DG  A H21    1 
ATOM   128 H  H22    . DG  A 1 4 ? 1.854   1.860   1.857   1.00 0.00 ? 4  DG  A H22    1 
ATOM   129 P  P      . DC  A 1 5 ? 1.706   8.238   -2.467  1.00 0.00 ? 5  DC  A P      1 
ATOM   130 O  OP1    . DC  A 1 5 ? 2.959   9.001   -2.676  1.00 0.00 ? 5  DC  A OP1    1 
ATOM   131 O  OP2    . DC  A 1 5 ? 0.629   8.331   -3.476  1.00 0.00 ? 5  DC  A OP2    1 
ATOM   132 O  "O5'"  . DC  A 1 5 ? 2.138   6.675   -2.360  1.00 0.00 ? 5  DC  A "O5'"  1 
ATOM   133 C  "C5'"  . DC  A 1 5 ? 3.407   6.262   -1.818  1.00 0.01 ? 5  DC  A "C5'"  1 
ATOM   134 C  "C4'"  . DC  A 1 5 ? 3.574   4.703   -1.746  1.00 0.01 ? 5  DC  A "C4'"  1 
ATOM   135 O  "O4'"  . DC  A 1 5 ? 2.516   3.962   -1.027  1.00 0.00 ? 5  DC  A "O4'"  1 
ATOM   136 C  "C3'"  . DC  A 1 5 ? 3.516   4.048   -3.092  1.00 0.00 ? 5  DC  A "C3'"  1 
ATOM   137 O  "O3'"  . DC  A 1 5 ? 4.669   4.167   -3.927  1.00 0.00 ? 5  DC  A "O3'"  1 
ATOM   138 C  "C2'"  . DC  A 1 5 ? 3.340   2.577   -2.634  1.00 0.00 ? 5  DC  A "C2'"  1 
ATOM   139 C  "C1'"  . DC  A 1 5 ? 2.224   2.659   -1.659  1.00 0.00 ? 5  DC  A "C1'"  1 
ATOM   140 N  N1     . DC  A 1 5 ? 0.867   2.399   -2.229  1.00 0.00 ? 5  DC  A N1     1 
ATOM   141 C  C2     . DC  A 1 5 ? 0.567   1.092   -2.573  1.00 0.00 ? 5  DC  A C2     1 
ATOM   142 O  O2     . DC  A 1 5 ? 1.459   0.252   -2.643  1.00 0.00 ? 5  DC  A O2     1 
ATOM   143 N  N3     . DC  A 1 5 ? -0.715  0.786   -2.910  1.00 0.00 ? 5  DC  A N3     1 
ATOM   144 C  C4     . DC  A 1 5 ? -1.671  1.722   -2.937  1.00 0.00 ? 5  DC  A C4     1 
ATOM   145 N  N4     . DC  A 1 5 ? -2.929  1.385   -3.218  1.00 0.00 ? 5  DC  A N4     1 
ATOM   146 C  C5     . DC  A 1 5 ? -1.361  3.070   -2.622  1.00 0.00 ? 5  DC  A C5     1 
ATOM   147 C  C6     . DC  A 1 5 ? -0.098  3.347   -2.278  1.00 0.00 ? 5  DC  A C6     1 
ATOM   148 H  "H5'"  . DC  A 1 5 ? 3.352   6.592   -0.790  1.00 0.00 ? 5  DC  A "H5'"  1 
ATOM   149 H  "H5''" . DC  A 1 5 ? 4.273   6.797   -2.320  1.00 0.01 ? 5  DC  A "H5''" 1 
ATOM   150 H  "H4'"  . DC  A 1 5 ? 4.561   4.515   -1.347  1.00 0.00 ? 5  DC  A "H4'"  1 
ATOM   151 H  "H3'"  . DC  A 1 5 ? 2.629   4.505   -3.543  1.00 0.00 ? 5  DC  A "H3'"  1 
ATOM   152 H  "H2'"  . DC  A 1 5 ? 3.131   1.941   -3.504  1.00 0.01 ? 5  DC  A "H2'"  1 
ATOM   153 H  "H2''" . DC  A 1 5 ? 4.090   2.138   -1.915  1.00 0.01 ? 5  DC  A "H2''" 1 
ATOM   154 H  "H1'"  . DC  A 1 5 ? 2.360   1.767   -1.015  1.00 0.01 ? 5  DC  A "H1'"  1 
ATOM   155 H  H41    . DC  A 1 5 ? -3.202  0.409   -3.166  1.00 0.00 ? 5  DC  A H41    1 
ATOM   156 H  H42    . DC  A 1 5 ? -3.600  2.095   -3.481  1.00 0.00 ? 5  DC  A H42    1 
ATOM   157 H  H5     . DC  A 1 5 ? -2.078  3.880   -2.657  1.00 0.00 ? 5  DC  A H5     1 
ATOM   158 H  H6     . DC  A 1 5 ? 0.101   4.364   -2.063  1.00 0.01 ? 5  DC  A H6     1 
ATOM   159 P  P      . DC  A 1 6 ? 4.514   3.832   -5.507  1.00 0.00 ? 6  DC  A P      1 
ATOM   160 O  OP1    . DC  A 1 6 ? 5.723   4.317   -6.208  1.00 0.00 ? 6  DC  A OP1    1 
ATOM   161 O  OP2    . DC  A 1 6 ? 3.175   4.275   -5.958  1.00 0.00 ? 6  DC  A OP2    1 
ATOM   162 O  "O5'"  . DC  A 1 6 ? 4.530   2.218   -5.504  1.00 0.00 ? 6  DC  A "O5'"  1 
ATOM   163 C  "C5'"  . DC  A 1 6 ? 5.701   1.553   -5.024  1.00 0.02 ? 6  DC  A "C5'"  1 
ATOM   164 C  "C4'"  . DC  A 1 6 ? 5.586   -0.006  -4.836  1.00 0.00 ? 6  DC  A "C4'"  1 
ATOM   165 O  "O4'"  . DC  A 1 6 ? 4.274   -0.441  -4.235  1.00 0.00 ? 6  DC  A "O4'"  1 
ATOM   166 C  "C3'"  . DC  A 1 6 ? 5.613   -0.718  -6.226  1.00 0.00 ? 6  DC  A "C3'"  1 
ATOM   167 O  "O3'"  . DC  A 1 6 ? 6.888   -1.300  -6.532  1.00 0.00 ? 6  DC  A "O3'"  1 
ATOM   168 C  "C2'"  . DC  A 1 6 ? 4.692   -1.925  -5.889  1.00 0.02 ? 6  DC  A "C2'"  1 
ATOM   169 C  "C1'"  . DC  A 1 6 ? 3.486   -1.426  -5.034  1.00 0.01 ? 6  DC  A "C1'"  1 
ATOM   170 N  N1     . DC  A 1 6 ? 2.280   -0.923  -5.781  1.00 0.00 ? 6  DC  A N1     1 
ATOM   171 C  C2     . DC  A 1 6 ? 1.353   -1.843  -6.302  1.00 0.00 ? 6  DC  A C2     1 
ATOM   172 O  O2     . DC  A 1 6 ? 1.636   -3.036  -6.408  1.00 0.00 ? 6  DC  A O2     1 
ATOM   173 N  N3     . DC  A 1 6 ? 0.126   -1.395  -6.700  1.00 0.00 ? 6  DC  A N3     1 
ATOM   174 C  C4     . DC  A 1 6 ? -0.190  -0.097  -6.592  1.00 0.00 ? 6  DC  A C4     1 
ATOM   175 N  N4     . DC  A 1 6 ? -1.372  0.427   -6.921  1.00 0.00 ? 6  DC  A N4     1 
ATOM   176 C  C5     . DC  A 1 6 ? 0.734   0.818   -6.090  1.00 0.01 ? 6  DC  A C5     1 
ATOM   177 C  C6     . DC  A 1 6 ? 1.944   0.378   -5.726  1.00 0.00 ? 6  DC  A C6     1 
ATOM   178 H  "H5'"  . DC  A 1 6 ? 6.400   2.178   -4.472  1.00 0.01 ? 6  DC  A "H5'"  1 
ATOM   179 H  "H5''" . DC  A 1 6 ? 6.421   1.715   -5.772  1.00 0.02 ? 6  DC  A "H5''" 1 
ATOM   180 H  "H4'"  . DC  A 1 6 ? 6.498   -0.265  -4.231  1.00 0.01 ? 6  DC  A "H4'"  1 
ATOM   181 H  "H3'"  . DC  A 1 6 ? 5.460   -0.004  -7.073  1.00 0.01 ? 6  DC  A "H3'"  1 
ATOM   182 H  "H2'"  . DC  A 1 6 ? 4.227   -2.477  -6.655  1.00 0.02 ? 6  DC  A "H2'"  1 
ATOM   183 H  "H2''" . DC  A 1 6 ? 5.467   -2.609  -5.501  1.00 0.02 ? 6  DC  A "H2''" 1 
ATOM   184 H  "H1'"  . DC  A 1 6 ? 2.715   -2.147  -4.538  1.00 0.03 ? 6  DC  A "H1'"  1 
ATOM   185 H  H41    . DC  A 1 6 ? -2.106  -0.131  -7.309  1.00 0.00 ? 6  DC  A H41    1 
ATOM   186 H  H42    . DC  A 1 6 ? -1.531  1.415   -6.773  1.00 0.00 ? 6  DC  A H42    1 
ATOM   187 H  H5     . DC  A 1 6 ? 0.367   1.809   -5.934  1.00 0.02 ? 6  DC  A H5     1 
ATOM   188 H  H6     . DC  A 1 6 ? 2.687   1.103   -5.510  1.00 0.01 ? 6  DC  A H6     1 
ATOM   189 P  P      . DT  A 1 7 ? 7.351   -1.540  -8.073  1.00 0.00 ? 7  DT  A P      1 
ATOM   190 O  OP1    . DT  A 1 7 ? 8.736   -2.063  -8.043  1.00 0.00 ? 7  DT  A OP1    1 
ATOM   191 O  OP2    . DT  A 1 7 ? 7.065   -0.297  -8.822  1.00 0.00 ? 7  DT  A OP2    1 
ATOM   192 O  "O5'"  . DT  A 1 7 ? 6.383   -2.704  -8.679  1.00 0.00 ? 7  DT  A "O5'"  1 
ATOM   193 C  "C5'"  . DT  A 1 7 ? 6.724   -4.106  -8.705  1.00 0.00 ? 7  DT  A "C5'"  1 
ATOM   194 C  "C4'"  . DT  A 1 7 ? 5.650   -4.996  -9.561  1.00 0.01 ? 7  DT  A "C4'"  1 
ATOM   195 O  "O4'"  . DT  A 1 7 ? 4.245   -4.742  -9.105  1.00 0.00 ? 7  DT  A "O4'"  1 
ATOM   196 C  "C3'"  . DT  A 1 7 ? 5.531   -4.856  -11.115 1.00 0.01 ? 7  DT  A "C3'"  1 
ATOM   197 O  "O3'"  . DT  A 1 7 ? 5.541   -6.227  -11.539 1.00 0.00 ? 7  DT  A "O3'"  1 
ATOM   198 C  "C2'"  . DT  A 1 7 ? 4.090   -4.208  -11.370 1.00 0.02 ? 7  DT  A "C2'"  1 
ATOM   199 C  "C1'"  . DT  A 1 7 ? 3.208   -4.504  -10.145 1.00 0.00 ? 7  DT  A "C1'"  1 
ATOM   200 N  N1     . DT  A 1 7 ? 2.184   -3.371  -9.904  1.00 0.00 ? 7  DT  A N1     1 
ATOM   201 C  C2     . DT  A 1 7 ? 0.835   -3.650  -10.153 1.00 0.00 ? 7  DT  A C2     1 
ATOM   202 O  O2     . DT  A 1 7 ? 0.430   -4.778  -10.431 1.00 0.00 ? 7  DT  A O2     1 
ATOM   203 N  N3     . DT  A 1 7 ? -0.053  -2.577  -10.059 1.00 0.00 ? 7  DT  A N3     1 
ATOM   204 C  C4     . DT  A 1 7 ? 0.255   -1.249  -9.749  1.00 0.00 ? 7  DT  A C4     1 
ATOM   205 O  O4     . DT  A 1 7 ? -0.701  -0.461  -9.819  1.00 0.00 ? 7  DT  A O4     1 
ATOM   206 C  C5     . DT  A 1 7 ? 1.709   -0.999  -9.471  1.00 0.00 ? 7  DT  A C5     1 
ATOM   207 C  C7     . DT  A 1 7 ? 2.373   0.469   -9.151  1.00 0.01 ? 7  DT  A C7     1 
ATOM   208 C  C6     . DT  A 1 7 ? 2.564   -2.073  -9.560  1.00 0.01 ? 7  DT  A C6     1 
ATOM   209 H  "H5'"  . DT  A 1 7 ? 6.809   -4.484  -7.696  1.00 0.01 ? 7  DT  A "H5'"  1 
ATOM   210 H  "H5''" . DT  A 1 7 ? 7.824   -4.178  -8.681  1.00 0.02 ? 7  DT  A "H5''" 1 
ATOM   211 H  "H4'"  . DT  A 1 7 ? 5.967   -6.078  -9.485  1.00 0.01 ? 7  DT  A "H4'"  1 
ATOM   212 H  "H3'"  . DT  A 1 7 ? 6.453   -4.391  -11.582 1.00 0.02 ? 7  DT  A "H3'"  1 
ATOM   213 H  "H2'"  . DT  A 1 7 ? 4.231   -3.186  -11.035 1.00 0.04 ? 7  DT  A "H2'"  1 
ATOM   214 H  "H2''" . DT  A 1 7 ? 3.524   -4.332  -12.371 1.00 0.04 ? 7  DT  A "H2''" 1 
ATOM   215 H  "H1'"  . DT  A 1 7 ? 2.554   -5.369  -10.348 1.00 0.03 ? 7  DT  A "H1'"  1 
ATOM   216 H  H3     . DT  A 1 7 ? -1.048  -2.770  -10.214 1.00 0.00 ? 7  DT  A H3     1 
ATOM   217 H  H71    . DT  A 1 7 ? 3.231   0.657   -8.434  1.00 0.02 ? 7  DT  A H71    1 
ATOM   218 H  H72    . DT  A 1 7 ? 2.689   0.863   -10.104 1.00 0.01 ? 7  DT  A H72    1 
ATOM   219 H  H73    . DT  A 1 7 ? 1.683   1.238   -8.851  1.00 0.01 ? 7  DT  A H73    1 
ATOM   220 H  H6     . DT  A 1 7 ? 3.595   -1.918  -9.291  1.00 0.03 ? 7  DT  A H6     1 
ATOM   221 P  P      . DT  A 1 8 ? 5.642   -6.721  -13.067 1.00 0.00 ? 8  DT  A P      1 
ATOM   222 O  OP1    . DT  A 1 8 ? 6.602   -7.848  -13.117 1.00 0.00 ? 8  DT  A OP1    1 
ATOM   223 O  OP2    . DT  A 1 8 ? 5.850   -5.540  -13.934 1.00 0.00 ? 8  DT  A OP2    1 
ATOM   224 O  "O5'"  . DT  A 1 8 ? 4.160   -7.292  -13.341 1.00 0.01 ? 8  DT  A "O5'"  1 
ATOM   225 C  "C5'"  . DT  A 1 8 ? 3.709   -8.578  -12.885 1.00 0.03 ? 8  DT  A "C5'"  1 
ATOM   226 C  "C4'"  . DT  A 1 8 ? 2.260   -8.851  -13.269 1.00 0.01 ? 8  DT  A "C4'"  1 
ATOM   227 O  "O4'"  . DT  A 1 8 ? 1.567   -7.750  -12.574 1.00 0.00 ? 8  DT  A "O4'"  1 
ATOM   228 C  "C3'"  . DT  A 1 8 ? 1.736   -8.841  -14.730 1.00 0.01 ? 8  DT  A "C3'"  1 
ATOM   229 O  "O3'"  . DT  A 1 8 ? 0.576   -9.676  -14.800 1.00 0.01 ? 8  DT  A "O3'"  1 
ATOM   230 C  "C2'"  . DT  A 1 8 ? 1.323   -7.415  -14.821 1.00 0.00 ? 8  DT  A "C2'"  1 
ATOM   231 C  "C1'"  . DT  A 1 8 ? 0.694   -7.067  -13.502 1.00 0.00 ? 8  DT  A "C1'"  1 
ATOM   232 N  N1     . DT  A 1 8 ? 0.378   -5.607  -13.610 1.00 0.00 ? 8  DT  A N1     1 
ATOM   233 C  C2     . DT  A 1 8 ? -0.974  -5.276  -13.387 1.00 0.01 ? 8  DT  A C2     1 
ATOM   234 O  O2     . DT  A 1 8 ? -1.838  -6.120  -13.152 1.00 0.01 ? 8  DT  A O2     1 
ATOM   235 N  N3     . DT  A 1 8 ? -1.318  -3.945  -13.446 1.00 0.00 ? 8  DT  A N3     1 
ATOM   236 C  C4     . DT  A 1 8 ? -0.437  -2.911  -13.662 1.00 0.00 ? 8  DT  A C4     1 
ATOM   237 O  O4     . DT  A 1 8 ? -0.872  -1.762  -13.702 1.00 0.00 ? 8  DT  A O4     1 
ATOM   238 C  C5     . DT  A 1 8 ? 0.949   -3.321  -13.875 1.00 0.00 ? 8  DT  A C5     1 
ATOM   239 C  C7     . DT  A 1 8 ? 2.027   -2.247  -13.950 1.00 0.01 ? 8  DT  A C7     1 
ATOM   240 C  C6     . DT  A 1 8 ? 1.325   -4.627  -13.890 1.00 0.01 ? 8  DT  A C6     1 
ATOM   241 H  "H5'"  . DT  A 1 8 ? 3.908   -8.794  -11.835 1.00 0.02 ? 8  DT  A "H5'"  1 
ATOM   242 H  "H5''" . DT  A 1 8 ? 4.297   -9.353  -13.269 1.00 0.04 ? 8  DT  A "H5''" 1 
ATOM   243 H  "H4'"  . DT  A 1 8 ? 2.099   -9.921  -13.127 1.00 0.02 ? 8  DT  A "H4'"  1 
ATOM   244 H  "H3'"  . DT  A 1 8 ? 2.381   -9.166  -15.555 1.00 0.01 ? 8  DT  A "H3'"  1 
ATOM   245 H  "HO3'" . DT  A 1 8 ? -0.074  -9.327  -14.190 1.00 0.00 ? 8  DT  A "HO3'" 1 
ATOM   246 H  "H2'"  . DT  A 1 8 ? 2.250   -6.834  -14.883 1.00 0.00 ? 8  DT  A "H2'"  1 
ATOM   247 H  "H2''" . DT  A 1 8 ? 0.585   -7.156  -15.574 1.00 0.02 ? 8  DT  A "H2''" 1 
ATOM   248 H  "H1'"  . DT  A 1 8 ? -0.262  -7.449  -13.126 1.00 0.04 ? 8  DT  A "H1'"  1 
ATOM   249 H  H3     . DT  A 1 8 ? -2.313  -3.712  -13.434 1.00 0.00 ? 8  DT  A H3     1 
ATOM   250 H  H71    . DT  A 1 8 ? 2.855   -2.422  -13.250 1.00 0.00 ? 8  DT  A H71    1 
ATOM   251 H  H72    . DT  A 1 8 ? 2.335   -2.270  -14.997 1.00 0.01 ? 8  DT  A H72    1 
ATOM   252 H  H73    . DT  A 1 8 ? 1.613   -1.291  -13.628 1.00 0.00 ? 8  DT  A H73    1 
ATOM   253 H  H6     . DT  A 1 8 ? 2.323   -4.867  -14.361 1.00 0.03 ? 8  DT  A H6     1 
ATOM   254 O  "O5'"  . DA  B 1 1 ? -11.566 -0.031  -15.563 1.00 0.03 ? 11 DA  B "O5'"  1 
ATOM   255 C  "C5'"  . DA  B 1 1 ? -12.424 -1.187  -15.714 1.00 0.03 ? 11 DA  B "C5'"  1 
ATOM   256 C  "C4'"  . DA  B 1 1 ? -11.856 -2.395  -14.911 1.00 0.01 ? 11 DA  B "C4'"  1 
ATOM   257 O  "O4'"  . DA  B 1 1 ? -10.498 -2.794  -15.417 1.00 0.01 ? 11 DA  B "O4'"  1 
ATOM   258 C  "C3'"  . DA  B 1 1 ? -11.657 -2.045  -13.440 1.00 0.00 ? 11 DA  B "C3'"  1 
ATOM   259 O  "O3'"  . DA  B 1 1 ? -12.194 -3.074  -12.600 1.00 0.01 ? 11 DA  B "O3'"  1 
ATOM   260 C  "C2'"  . DA  B 1 1 ? -10.144 -1.776  -13.364 1.00 0.06 ? 11 DA  B "C2'"  1 
ATOM   261 C  "C1'"  . DA  B 1 1 ? -9.398  -2.722  -14.421 1.00 0.02 ? 11 DA  B "C1'"  1 
ATOM   262 N  N9     . DA  B 1 1 ? -7.911  -2.426  -14.810 1.00 0.01 ? 11 DA  B N9     1 
ATOM   263 C  C8     . DA  B 1 1 ? -7.559  -1.305  -15.353 1.00 0.01 ? 11 DA  B C8     1 
ATOM   264 N  N7     . DA  B 1 1 ? -6.361  -0.859  -15.426 1.00 0.01 ? 11 DA  B N7     1 
ATOM   265 C  C5     . DA  B 1 1 ? -5.712  -1.927  -14.862 1.00 0.01 ? 11 DA  B C5     1 
ATOM   266 C  C6     . DA  B 1 1 ? -4.336  -2.182  -14.738 1.00 0.01 ? 11 DA  B C6     1 
ATOM   267 N  N6     . DA  B 1 1 ? -3.345  -1.329  -14.963 1.00 0.01 ? 11 DA  B N6     1 
ATOM   268 N  N1     . DA  B 1 1 ? -3.984  -3.367  -14.327 1.00 0.01 ? 11 DA  B N1     1 
ATOM   269 C  C2     . DA  B 1 1 ? -4.932  -4.214  -14.058 1.00 0.01 ? 11 DA  B C2     1 
ATOM   270 N  N3     . DA  B 1 1 ? -6.270  -4.148  -14.061 1.00 0.01 ? 11 DA  B N3     1 
ATOM   271 C  C4     . DA  B 1 1 ? -6.620  -2.922  -14.500 1.00 0.01 ? 11 DA  B C4     1 
ATOM   272 H  "H5'"  . DA  B 1 1 ? -12.463 -1.493  -16.778 1.00 0.02 ? 11 DA  B "H5'"  1 
ATOM   273 H  "H5''" . DA  B 1 1 ? -13.453 -0.919  -15.376 1.00 0.03 ? 11 DA  B "H5''" 1 
ATOM   274 H  "H4'"  . DA  B 1 1 ? -12.683 -3.170  -14.839 1.00 0.02 ? 11 DA  B "H4'"  1 
ATOM   275 H  "H3'"  . DA  B 1 1 ? -12.268 -1.196  -13.094 1.00 0.01 ? 11 DA  B "H3'"  1 
ATOM   276 H  "H2'"  . DA  B 1 1 ? -10.087 -0.672  -13.419 1.00 0.12 ? 11 DA  B "H2'"  1 
ATOM   277 H  "H2''" . DA  B 1 1 ? -9.916  -2.042  -12.356 1.00 0.09 ? 11 DA  B "H2''" 1 
ATOM   278 H  "H1'"  . DA  B 1 1 ? -9.217  -3.671  -13.996 1.00 0.01 ? 11 DA  B "H1'"  1 
ATOM   279 H  H8     . DA  B 1 1 ? -8.427  -1.028  -15.755 1.00 0.04 ? 11 DA  B H8     1 
ATOM   280 H  H61    . DA  B 1 1 ? -2.395  -1.626  -14.760 1.00 0.01 ? 11 DA  B H61    1 
ATOM   281 H  H62    . DA  B 1 1 ? -3.528  -0.408  -15.324 1.00 0.01 ? 11 DA  B H62    1 
ATOM   282 H  H2     . DA  B 1 1 ? -4.304  -5.048  -13.982 1.00 0.03 ? 11 DA  B H2     1 
ATOM   283 H  "HO5'" . DA  B 1 1 ? -10.650 -0.281  -15.730 1.00 0.02 ? 11 DA  B "HO5'" 1 
ATOM   284 P  P      . DA  B 1 2 ? -11.922 -3.139  -11.013 1.00 0.01 ? 12 DA  B P      1 
ATOM   285 O  OP1    . DA  B 1 2 ? -13.113 -3.703  -10.341 1.00 0.01 ? 12 DA  B OP1    1 
ATOM   286 O  OP2    . DA  B 1 2 ? -11.348 -1.852  -10.551 1.00 0.01 ? 12 DA  B OP2    1 
ATOM   287 O  "O5'"  . DA  B 1 2 ? -10.756 -4.234  -11.020 1.00 0.01 ? 12 DA  B "O5'"  1 
ATOM   288 C  "C5'"  . DA  B 1 2 ? -10.968 -5.642  -11.242 1.00 0.02 ? 12 DA  B "C5'"  1 
ATOM   289 C  "C4'"  . DA  B 1 2 ? -9.746  -6.372  -10.608 1.00 0.02 ? 12 DA  B "C4'"  1 
ATOM   290 O  "O4'"  . DA  B 1 2 ? -8.413  -5.993  -11.109 1.00 0.02 ? 12 DA  B "O4'"  1 
ATOM   291 C  "C3'"  . DA  B 1 2 ? -9.545  -6.390  -9.062  1.00 0.03 ? 12 DA  B "C3'"  1 
ATOM   292 O  "O3'"  . DA  B 1 2 ? -9.299  -7.795  -9.228  1.00 0.00 ? 12 DA  B "O3'"  1 
ATOM   293 C  "C2'"  . DA  B 1 2 ? -8.211  -5.678  -8.760  1.00 0.05 ? 12 DA  B "C2'"  1 
ATOM   294 C  "C1'"  . DA  B 1 2 ? -7.623  -5.336  -10.074 1.00 0.05 ? 12 DA  B "C1'"  1 
ATOM   295 N  N9     . DA  B 1 2 ? -6.888  -4.095  -10.331 1.00 0.01 ? 12 DA  B N9     1 
ATOM   296 C  C8     . DA  B 1 2 ? -7.443  -2.922  -10.601 1.00 0.00 ? 12 DA  B C8     1 
ATOM   297 N  N7     . DA  B 1 2 ? -6.570  -1.934  -10.778 1.00 0.01 ? 12 DA  B N7     1 
ATOM   298 C  C5     . DA  B 1 2 ? -5.299  -2.551  -10.592 1.00 0.01 ? 12 DA  B C5     1 
ATOM   299 C  C6     . DA  B 1 2 ? -3.909  -2.105  -10.584 1.00 0.00 ? 12 DA  B C6     1 
ATOM   300 N  N6     . DA  B 1 2 ? -3.416  -0.869  -10.757 1.00 0.00 ? 12 DA  B N6     1 
ATOM   301 N  N1     . DA  B 1 2 ? -2.946  -3.009  -10.328 1.00 0.00 ? 12 DA  B N1     1 
ATOM   302 C  C2     . DA  B 1 2 ? -3.260  -4.265  -10.081 1.00 0.01 ? 12 DA  B C2     1 
ATOM   303 N  N3     . DA  B 1 2 ? -4.496  -4.801  -10.056 1.00 0.01 ? 12 DA  B N3     1 
ATOM   304 C  C4     . DA  B 1 2 ? -5.484  -3.880  -10.320 1.00 0.01 ? 12 DA  B C4     1 
ATOM   305 H  "H5'"  . DA  B 1 2 ? -11.172 -5.946  -12.306 1.00 0.03 ? 12 DA  B "H5'"  1 
ATOM   306 H  "H5''" . DA  B 1 2 ? -11.890 -6.007  -10.761 1.00 0.06 ? 12 DA  B "H5''" 1 
ATOM   307 H  "H4'"  . DA  B 1 2 ? -9.975  -7.442  -10.876 1.00 0.02 ? 12 DA  B "H4'"  1 
ATOM   308 H  "H3'"  . DA  B 1 2 ? -10.354 -6.032  -8.361  1.00 0.09 ? 12 DA  B "H3'"  1 
ATOM   309 H  "H2'"  . DA  B 1 2 ? -8.544  -4.612  -8.365  1.00 0.13 ? 12 DA  B "H2'"  1 
ATOM   310 H  "H2''" . DA  B 1 2 ? -7.389  -6.530  -8.514  1.00 0.11 ? 12 DA  B "H2''" 1 
ATOM   311 H  "H1'"  . DA  B 1 2 ? -6.664  -5.687  -9.810  1.00 0.06 ? 12 DA  B "H1'"  1 
ATOM   312 H  H8     . DA  B 1 2 ? -8.562  -3.048  -10.605 1.00 0.04 ? 12 DA  B H8     1 
ATOM   313 H  H61    . DA  B 1 2 ? -2.421  -0.692  -10.525 1.00 0.01 ? 12 DA  B H61    1 
ATOM   314 H  H62    . DA  B 1 2 ? -4.003  -0.132  -11.118 1.00 0.01 ? 12 DA  B H62    1 
ATOM   315 H  H2     . DA  B 1 2 ? -2.319  -4.814  -9.859  1.00 0.03 ? 12 DA  B H2     1 
ATOM   316 P  P      . DG  B 1 3 ? -9.623  -9.078  -8.351  1.00 0.00 ? 13 DG  B P      1 
ATOM   317 O  OP1    . DG  B 1 3 ? -9.507  -10.276 -9.216  1.00 0.01 ? 13 DG  B OP1    1 
ATOM   318 O  OP2    . DG  B 1 3 ? -10.845 -8.844  -7.550  1.00 0.01 ? 13 DG  B OP2    1 
ATOM   319 O  "O5'"  . DG  B 1 3 ? -8.340  -8.977  -7.418  1.00 0.00 ? 13 DG  B "O5'"  1 
ATOM   320 C  "C5'"  . DG  B 1 3 ? -7.147  -9.750  -7.578  1.00 0.01 ? 13 DG  B "C5'"  1 
ATOM   321 C  "C4'"  . DG  B 1 3 ? -6.109  -9.224  -6.558  1.00 0.01 ? 13 DG  B "C4'"  1 
ATOM   322 O  "O4'"  . DG  B 1 3 ? -5.593  -7.958  -7.125  1.00 0.00 ? 13 DG  B "O4'"  1 
ATOM   323 C  "C3'"  . DG  B 1 3 ? -6.908  -8.808  -5.231  1.00 0.01 ? 13 DG  B "C3'"  1 
ATOM   324 O  "O3'"  . DG  B 1 3 ? -6.740  -9.575  -3.983  1.00 0.00 ? 13 DG  B "O3'"  1 
ATOM   325 C  "C2'"  . DG  B 1 3 ? -6.220  -7.447  -4.931  1.00 0.01 ? 13 DG  B "C2'"  1 
ATOM   326 C  "C1'"  . DG  B 1 3 ? -5.090  -7.046  -6.113  1.00 0.00 ? 13 DG  B "C1'"  1 
ATOM   327 N  N9     . DG  B 1 3 ? -4.816  -5.589  -6.449  1.00 0.00 ? 13 DG  B N9     1 
ATOM   328 C  C8     . DG  B 1 3 ? -5.592  -4.507  -6.726  1.00 0.00 ? 13 DG  B C8     1 
ATOM   329 N  N7     . DG  B 1 3 ? -5.060  -3.420  -7.122  1.00 0.01 ? 13 DG  B N7     1 
ATOM   330 C  C5     . DG  B 1 3 ? -3.742  -3.755  -7.088  1.00 0.00 ? 13 DG  B C5     1 
ATOM   331 C  C6     . DG  B 1 3 ? -2.665  -2.933  -7.353  1.00 0.01 ? 13 DG  B C6     1 
ATOM   332 O  O6     . DG  B 1 3 ? -2.711  -1.800  -7.810  1.00 0.01 ? 13 DG  B O6     1 
ATOM   333 N  N1     . DG  B 1 3 ? -1.478  -3.567  -7.124  1.00 0.01 ? 13 DG  B N1     1 
ATOM   334 C  C2     . DG  B 1 3 ? -1.351  -4.871  -6.701  1.00 0.01 ? 13 DG  B C2     1 
ATOM   335 N  N2     . DG  B 1 3 ? -0.117  -5.294  -6.480  1.00 0.01 ? 13 DG  B N2     1 
ATOM   336 N  N3     . DG  B 1 3 ? -2.385  -5.683  -6.465  1.00 0.00 ? 13 DG  B N3     1 
ATOM   337 C  C4     . DG  B 1 3 ? -3.558  -5.052  -6.675  1.00 0.00 ? 13 DG  B C4     1 
ATOM   338 H  "H5'"  . DG  B 1 3 ? -6.740  -9.610  -8.599  1.00 0.02 ? 13 DG  B "H5'"  1 
ATOM   339 H  "H5''" . DG  B 1 3 ? -7.514  -10.767 -7.438  1.00 0.02 ? 13 DG  B "H5''" 1 
ATOM   340 H  "H4'"  . DG  B 1 3 ? -5.350  -10.066 -6.438  1.00 0.03 ? 13 DG  B "H4'"  1 
ATOM   341 H  "H3'"  . DG  B 1 3 ? -8.055  -8.776  -5.500  1.00 0.03 ? 13 DG  B "H3'"  1 
ATOM   342 H  "H2'"  . DG  B 1 3 ? -7.216  -6.997  -4.551  1.00 0.03 ? 13 DG  B "H2'"  1 
ATOM   343 H  "H2''" . DG  B 1 3 ? -5.580  -7.713  -4.111  1.00 0.02 ? 13 DG  B "H2''" 1 
ATOM   344 H  "H1'"  . DG  B 1 3 ? -3.930  -7.167  -6.180  1.00 0.01 ? 13 DG  B "H1'"  1 
ATOM   345 H  H8     . DG  B 1 3 ? -6.551  -4.257  -6.509  1.00 0.02 ? 13 DG  B H8     1 
ATOM   346 H  H1     . DG  B 1 3 ? -0.670  -2.971  -7.249  1.00 0.01 ? 13 DG  B H1     1 
ATOM   347 H  H21    . DG  B 1 3 ? 0.655   -4.656  -6.614  1.00 0.01 ? 13 DG  B H21    1 
ATOM   348 H  H22    . DG  B 1 3 ? 0.035   -6.243  -6.172  1.00 0.01 ? 13 DG  B H22    1 
ATOM   349 P  P      . DG  B 1 4 ? -7.043  -9.039  -2.411  1.00 0.00 ? 14 DG  B P      1 
ATOM   350 O  OP1    . DG  B 1 4 ? -7.385  -10.238 -1.612  1.00 0.00 ? 14 DG  B OP1    1 
ATOM   351 O  OP2    . DG  B 1 4 ? -8.040  -7.949  -2.510  1.00 0.00 ? 14 DG  B OP2    1 
ATOM   352 O  "O5'"  . DG  B 1 4 ? -5.679  -8.365  -1.698  1.00 0.00 ? 14 DG  B "O5'"  1 
ATOM   353 C  "C5'"  . DG  B 1 4 ? -4.432  -9.098  -1.552  1.00 0.01 ? 14 DG  B "C5'"  1 
ATOM   354 C  "C4'"  . DG  B 1 4 ? -3.038  -8.436  -1.524  1.00 0.01 ? 14 DG  B "C4'"  1 
ATOM   355 O  "O4'"  . DG  B 1 4 ? -3.068  -7.314  -2.406  1.00 0.00 ? 14 DG  B "O4'"  1 
ATOM   356 C  "C3'"  . DG  B 1 4 ? -2.757  -7.734  -0.101  1.00 0.01 ? 14 DG  B "C3'"  1 
ATOM   357 O  "O3'"  . DG  B 1 4 ? -2.043  -8.560  0.846   1.00 0.00 ? 14 DG  B "O3'"  1 
ATOM   358 C  "C2'"  . DG  B 1 4 ? -1.790  -6.567  -0.450  1.00 0.01 ? 14 DG  B "C2'"  1 
ATOM   359 C  "C1'"  . DG  B 1 4 ? -2.122  -6.330  -1.946  1.00 0.00 ? 14 DG  B "C1'"  1 
ATOM   360 N  N9     . DG  B 1 4 ? -2.673  -5.035  -1.809  1.00 0.01 ? 14 DG  B N9     1 
ATOM   361 C  C8     . DG  B 1 4 ? -4.064  -4.773  -1.840  1.00 0.02 ? 14 DG  B C8     1 
ATOM   362 N  N7     . DG  B 1 4 ? -4.229  -3.486  -1.767  1.00 0.00 ? 14 DG  B N7     1 
ATOM   363 C  C5     . DG  B 1 4 ? -2.936  -2.888  -1.672  1.00 0.01 ? 14 DG  B C5     1 
ATOM   364 C  C6     . DG  B 1 4 ? -2.636  -1.512  -1.557  1.00 0.00 ? 14 DG  B C6     1 
ATOM   365 O  O6     . DG  B 1 4 ? -3.421  -0.568  -1.600  1.00 0.00 ? 14 DG  B O6     1 
ATOM   366 N  N1     . DG  B 1 4 ? -1.284  -1.256  -1.439  1.00 0.00 ? 14 DG  B N1     1 
ATOM   367 C  C2     . DG  B 1 4 ? -0.267  -2.200  -1.425  1.00 0.00 ? 14 DG  B C2     1 
ATOM   368 N  N2     . DG  B 1 4 ? 0.970   -1.738  -1.240  1.00 0.00 ? 14 DG  B N2     1 
ATOM   369 N  N3     . DG  B 1 4 ? -0.433  -3.540  -1.545  1.00 0.01 ? 14 DG  B N3     1 
ATOM   370 C  C4     . DG  B 1 4 ? -1.890  -3.807  -1.674  1.00 0.01 ? 14 DG  B C4     1 
ATOM   371 H  "H5'"  . DG  B 1 4 ? -4.779  -9.845  -2.176  1.00 0.02 ? 14 DG  B "H5'"  1 
ATOM   372 H  "H5''" . DG  B 1 4 ? -4.174  -9.927  -0.967  1.00 0.04 ? 14 DG  B "H5''" 1 
ATOM   373 H  "H4'"  . DG  B 1 4 ? -2.379  -9.304  -1.927  1.00 0.02 ? 14 DG  B "H4'"  1 
ATOM   374 H  "H3'"  . DG  B 1 4 ? -3.729  -7.340  0.299   1.00 0.01 ? 14 DG  B "H3'"  1 
ATOM   375 H  "H2'"  . DG  B 1 4 ? -1.833  -5.678  0.276   1.00 0.01 ? 14 DG  B "H2'"  1 
ATOM   376 H  "H2''" . DG  B 1 4 ? -0.742  -6.825  -0.441  1.00 0.01 ? 14 DG  B "H2''" 1 
ATOM   377 H  "H1'"  . DG  B 1 4 ? -1.457  -6.267  -2.818  1.00 0.03 ? 14 DG  B "H1'"  1 
ATOM   378 H  H8     . DG  B 1 4 ? -4.963  -5.577  -1.849  1.00 0.03 ? 14 DG  B H8     1 
ATOM   379 H  H1     . DG  B 1 4 ? -1.072  -0.259  -1.425  1.00 0.00 ? 14 DG  B H1     1 
ATOM   380 H  H21    . DG  B 1 4 ? 1.163   -0.753  -1.114  1.00 0.00 ? 14 DG  B H21    1 
ATOM   381 H  H22    . DG  B 1 4 ? 1.722   -2.444  -1.248  1.00 0.00 ? 14 DG  B H22    1 
ATOM   382 P  P      . DC  B 1 5 ? -1.827  -8.209  2.432   1.00 0.00 ? 15 DC  B P      1 
ATOM   383 O  OP1    . DC  B 1 5 ? -1.017  -9.302  3.017   1.00 0.00 ? 15 DC  B OP1    1 
ATOM   384 O  OP2    . DC  B 1 5 ? -3.158  -7.910  3.006   1.00 0.00 ? 15 DC  B OP2    1 
ATOM   385 O  "O5'"  . DC  B 1 5 ? -0.931  -6.860  2.558   1.00 0.00 ? 15 DC  B "O5'"  1 
ATOM   386 C  "C5'"  . DC  B 1 5 ? 0.509   -6.879  2.505   1.00 0.01 ? 15 DC  B "C5'"  1 
ATOM   387 C  "C4'"  . DC  B 1 5 ? 1.157   -5.454  2.574   1.00 0.00 ? 15 DC  B "C4'"  1 
ATOM   388 O  "O4'"  . DC  B 1 5 ? 0.688   -4.471  1.575   1.00 0.00 ? 15 DC  B "O4'"  1 
ATOM   389 C  "C3'"  . DC  B 1 5 ? 0.847   -4.736  3.850   1.00 0.00 ? 15 DC  B "C3'"  1 
ATOM   390 O  "O3'"  . DC  B 1 5 ? 1.552   -5.150  5.023   1.00 0.00 ? 15 DC  B "O3'"  1 
ATOM   391 C  "C2'"  . DC  B 1 5 ? 1.295   -3.309  3.437   1.00 0.01 ? 15 DC  B "C2'"  1 
ATOM   392 C  "C1'"  . DC  B 1 5 ? 0.609   -3.107  2.137   1.00 0.00 ? 15 DC  B "C1'"  1 
ATOM   393 N  N1     . DC  B 1 5 ? -0.712  -2.415  2.220   1.00 0.00 ? 15 DC  B N1     1 
ATOM   394 C  C2     . DC  B 1 5 ? -0.699  -1.061  2.507   1.00 0.00 ? 15 DC  B C2     1 
ATOM   395 O  O2     . DC  B 1 5 ? 0.326   -0.530  2.922   1.00 0.00 ? 15 DC  B O2     1 
ATOM   396 N  N3     . DC  B 1 5 ? -1.861  -0.362  2.402   1.00 0.00 ? 15 DC  B N3     1 
ATOM   397 C  C4     . DC  B 1 5 ? -3.005  -0.959  2.051   1.00 0.00 ? 15 DC  B C4     1 
ATOM   398 N  N4     . DC  B 1 5 ? -4.116  -0.241  1.903   1.00 0.00 ? 15 DC  B N4     1 
ATOM   399 C  C5     . DC  B 1 5 ? -3.033  -2.354  1.792   1.00 0.00 ? 15 DC  B C5     1 
ATOM   400 C  C6     . DC  B 1 5 ? -1.877  -3.020  1.888   1.00 0.00 ? 15 DC  B C6     1 
ATOM   401 H  "H5'"  . DC  B 1 5 ? 0.713   -7.234  1.511   1.00 0.01 ? 15 DC  B "H5'"  1 
ATOM   402 H  "H5''" . DC  B 1 5 ? 0.962   -7.608  3.240   1.00 0.01 ? 15 DC  B "H5''" 1 
ATOM   403 H  "H4'"  . DC  B 1 5 ? 2.226   -5.592  2.552   1.00 0.00 ? 15 DC  B "H4'"  1 
ATOM   404 H  "H3'"  . DC  B 1 5 ? -0.233  -4.873  3.948   1.00 0.00 ? 15 DC  B "H3'"  1 
ATOM   405 H  "H2'"  . DC  B 1 5 ? 1.006   -2.581  4.204   1.00 0.01 ? 15 DC  B "H2'"  1 
ATOM   406 H  "H2''" . DC  B 1 5 ? 2.343   -3.155  3.048   1.00 0.01 ? 15 DC  B "H2''" 1 
ATOM   407 H  "H1'"  . DC  B 1 5 ? 1.223   -2.327  1.640   1.00 0.01 ? 15 DC  B "H1'"  1 
ATOM   408 H  H41    . DC  B 1 5 ? -4.045  0.766   1.812   1.00 0.00 ? 15 DC  B H41    1 
ATOM   409 H  H42    . DC  B 1 5 ? -5.019  -0.696  1.882   1.00 0.00 ? 15 DC  B H42    1 
ATOM   410 H  H5     . DC  B 1 5 ? -3.930  -2.903  1.535   1.00 0.01 ? 15 DC  B H5     1 
ATOM   411 H  H6     . DC  B 1 5 ? -1.938  -4.061  1.706   1.00 0.01 ? 15 DC  B H6     1 
ATOM   412 P  P      . DC  B 1 6 ? 0.977   -4.691  6.469   1.00 0.00 ? 16 DC  B P      1 
ATOM   413 O  OP1    . DC  B 1 6 ? 1.666   -5.478  7.516   1.00 0.00 ? 16 DC  B OP1    1 
ATOM   414 O  OP2    . DC  B 1 6 ? -0.503  -4.679  6.412   1.00 0.00 ? 16 DC  B OP2    1 
ATOM   415 O  "O5'"  . DC  B 1 6 ? 1.484   -3.161  6.554   1.00 0.00 ? 16 DC  B "O5'"  1 
ATOM   416 C  "C5'"  . DC  B 1 6 ? 2.891   -2.913  6.538   1.00 0.02 ? 16 DC  B "C5'"  1 
ATOM   417 C  "C4'"  . DC  B 1 6 ? 3.329   -1.404  6.402   1.00 0.00 ? 16 DC  B "C4'"  1 
ATOM   418 O  "O4'"  . DC  B 1 6 ? 2.499   -0.631  5.412   1.00 0.00 ? 16 DC  B "O4'"  1 
ATOM   419 C  "C3'"  . DC  B 1 6 ? 3.099   -0.651  7.751   1.00 0.00 ? 16 DC  B "C3'"  1 
ATOM   420 O  "O3'"  . DC  B 1 6 ? 4.305   -0.471  8.505   1.00 0.00 ? 16 DC  B "O3'"  1 
ATOM   421 C  "C2'"  . DC  B 1 6 ? 2.778   0.760   7.179   1.00 0.02 ? 16 DC  B "C2'"  1 
ATOM   422 C  "C1'"  . DC  B 1 6 ? 1.831   0.588   5.949   1.00 0.01 ? 16 DC  B "C1'"  1 
ATOM   423 N  N1     . DC  B 1 6 ? 0.348   0.523   6.205   1.00 0.00 ? 16 DC  B N1     1 
ATOM   424 C  C2     . DC  B 1 6 ? -0.372  1.704   6.422   1.00 0.00 ? 16 DC  B C2     1 
ATOM   425 O  O2     . DC  B 1 6 ? 0.213   2.749   6.683   1.00 0.00 ? 16 DC  B O2     1 
ATOM   426 N  N3     . DC  B 1 6 ? -1.734  1.668   6.352   1.00 0.00 ? 16 DC  B N3     1 
ATOM   427 C  C4     . DC  B 1 6 ? -2.377  0.532   6.077   1.00 0.00 ? 16 DC  B C4     1 
ATOM   428 N  N4     . DC  B 1 6 ? -3.699  0.411   5.955   1.00 0.00 ? 16 DC  B N4     1 
ATOM   429 C  C5     . DC  B 1 6 ? -1.663  -0.643  5.880   1.00 0.01 ? 16 DC  B C5     1 
ATOM   430 C  C6     . DC  B 1 6 ? -0.329  -0.613  5.973   1.00 0.01 ? 16 DC  B C6     1 
ATOM   431 H  "H5'"  . DC  B 1 6 ? 3.496   -3.764  6.241   1.00 0.02 ? 16 DC  B "H5'"  1 
ATOM   432 H  "H5''" . DC  B 1 6 ? 3.223   -3.243  7.479   1.00 0.02 ? 16 DC  B "H5''" 1 
ATOM   433 H  "H4'"  . DC  B 1 6 ? 4.425   -1.444  6.161   1.00 0.01 ? 16 DC  B "H4'"  1 
ATOM   434 H  "H3'"  . DC  B 1 6 ? 2.449   -1.214  8.463   1.00 0.00 ? 16 DC  B "H3'"  1 
ATOM   435 H  "H2'"  . DC  B 1 6 ? 2.248   1.470   7.775   1.00 0.02 ? 16 DC  B "H2'"  1 
ATOM   436 H  "H2''" . DC  B 1 6 ? 3.847   1.115   7.049   1.00 0.01 ? 16 DC  B "H2''" 1 
ATOM   437 H  "H1'"  . DC  B 1 6 ? 1.543   1.474   5.268   1.00 0.03 ? 16 DC  B "H1'"  1 
ATOM   438 H  H41    . DC  B 1 6 ? -4.318  1.176   6.094   1.00 0.00 ? 16 DC  B H41    1 
ATOM   439 H  H42    . DC  B 1 6 ? -4.093  -0.486  5.711   1.00 0.00 ? 16 DC  B H42    1 
ATOM   440 H  H5     . DC  B 1 6 ? -2.231  -1.488  5.568   1.00 0.02 ? 16 DC  B H5     1 
ATOM   441 H  H6     . DC  B 1 6 ? 0.185   -1.534  5.992   1.00 0.01 ? 16 DC  B H6     1 
ATOM   442 P  P      . DT  B 1 7 ? 4.264   -0.292  10.121  1.00 0.00 ? 17 DT  B P      1 
ATOM   443 O  OP1    . DT  B 1 7 ? 5.666   -0.217  10.592  1.00 0.00 ? 17 DT  B OP1    1 
ATOM   444 O  OP2    . DT  B 1 7 ? 3.375   -1.345  10.663  1.00 0.00 ? 17 DT  B OP2    1 
ATOM   445 O  "O5'"  . DT  B 1 7 ? 3.550   1.143   10.417  1.00 0.00 ? 17 DT  B "O5'"  1 
ATOM   446 C  "C5'"  . DT  B 1 7 ? 4.263   2.369   10.664  1.00 0.00 ? 17 DT  B "C5'"  1 
ATOM   447 C  "C4'"  . DT  B 1 7 ? 3.294   3.603   11.111  1.00 0.01 ? 17 DT  B "C4'"  1 
ATOM   448 O  "O4'"  . DT  B 1 7 ? 2.125   3.754   10.189  1.00 0.00 ? 17 DT  B "O4'"  1 
ATOM   449 C  "C3'"  . DT  B 1 7 ? 2.617   3.603   12.509  1.00 0.01 ? 17 DT  B "C3'"  1 
ATOM   450 O  "O3'"  . DT  B 1 7 ? 2.904   4.920   12.993  1.00 0.00 ? 17 DT  B "O3'"  1 
ATOM   451 C  "C2'"  . DT  B 1 7 ? 1.058   3.423   12.234  1.00 0.02 ? 17 DT  B "C2'"  1 
ATOM   452 C  "C1'"  . DT  B 1 7 ? 0.778   3.902   10.800  1.00 0.00 ? 17 DT  B "C1'"  1 
ATOM   453 N  N1     . DT  B 1 7 ? -0.402  3.127   10.167  1.00 0.01 ? 17 DT  B N1     1 
ATOM   454 C  C2     . DT  B 1 7 ? -1.595  3.816   9.951   1.00 0.01 ? 17 DT  B C2     1 
ATOM   455 O  O2     . DT  B 1 7 ? -1.707  5.029   10.131  1.00 0.00 ? 17 DT  B O2     1 
ATOM   456 N  N3     . DT  B 1 7 ? -2.678  3.057   9.505   1.00 0.00 ? 17 DT  B N3     1 
ATOM   457 C  C4     . DT  B 1 7 ? -2.705  1.683   9.251   1.00 0.00 ? 17 DT  B C4     1 
ATOM   458 O  O4     . DT  B 1 7 ? -3.815  1.223   8.950   1.00 0.00 ? 17 DT  B O4     1 
ATOM   459 C  C5     . DT  B 1 7 ? -1.401  0.989   9.477   1.00 0.00 ? 17 DT  B C5     1 
ATOM   460 C  C7     . DT  B 1 7 ? -1.144  -0.632  9.337   1.00 0.02 ? 17 DT  B C7     1 
ATOM   461 C  C6     . DT  B 1 7 ? -0.360  1.763   9.910   1.00 0.01 ? 17 DT  B C6     1 
ATOM   462 H  "H5'"  . DT  B 1 7 ? 4.770   2.688   9.816   1.00 0.01 ? 17 DT  B "H5'"  1 
ATOM   463 H  "H5''" . DT  B 1 7 ? 5.291   2.106   10.984  1.00 0.03 ? 17 DT  B "H5''" 1 
ATOM   464 H  "H4'"  . DT  B 1 7 ? 3.917   4.547   11.183  1.00 0.01 ? 17 DT  B "H4'"  1 
ATOM   465 H  "H3'"  . DT  B 1 7 ? 3.155   2.885   13.160  1.00 0.02 ? 17 DT  B "H3'"  1 
ATOM   466 H  "H2'"  . DT  B 1 7 ? 1.002   2.382   11.918  1.00 0.05 ? 17 DT  B "H2'"  1 
ATOM   467 H  "H2''" . DT  B 1 7 ? 0.260   3.776   12.993  1.00 0.05 ? 17 DT  B "H2''" 1 
ATOM   468 H  "H1'"  . DT  B 1 7 ? 0.416   4.935   10.833  1.00 0.04 ? 17 DT  B "H1'"  1 
ATOM   469 H  H3     . DT  B 1 7 ? -3.554  3.549   9.323   1.00 0.00 ? 17 DT  B H3     1 
ATOM   470 H  H71    . DT  B 1 7 ? -0.189  -1.135  8.985   1.00 0.03 ? 17 DT  B H71    1 
ATOM   471 H  H72    . DT  B 1 7 ? -1.330  -1.033  10.332  1.00 0.01 ? 17 DT  B H72    1 
ATOM   472 H  H73    . DT  B 1 7 ? -1.883  -1.164  8.765   1.00 0.02 ? 17 DT  B H73    1 
ATOM   473 H  H6     . DT  B 1 7 ? 0.545   1.281   10.044  1.00 0.04 ? 17 DT  B H6     1 
ATOM   474 P  P      . DT  B 1 8 ? 2.623   5.448   14.487  1.00 0.00 ? 18 DT  B P      1 
ATOM   475 O  OP1    . DT  B 1 8 ? 3.802   6.232   14.920  1.00 0.00 ? 18 DT  B OP1    1 
ATOM   476 O  OP2    . DT  B 1 8 ? 2.152   4.313   15.311  1.00 0.00 ? 18 DT  B OP2    1 
ATOM   477 O  "O5'"  . DT  B 1 8 ? 1.384   6.457   14.266  1.00 0.01 ? 18 DT  B "O5'"  1 
ATOM   478 C  "C5'"  . DT  B 1 8 ? 1.532   7.792   13.748  1.00 0.02 ? 18 DT  B "C5'"  1 
ATOM   479 C  "C4'"  . DT  B 1 8 ? 0.199   8.529   13.614  1.00 0.01 ? 18 DT  B "C4'"  1 
ATOM   480 O  "O4'"  . DT  B 1 8 ? -0.519  7.635   12.686  1.00 0.01 ? 18 DT  B "O4'"  1 
ATOM   481 C  "C3'"  . DT  B 1 8 ? -0.767  8.753   14.823  1.00 0.01 ? 18 DT  B "C3'"  1 
ATOM   482 O  "O3'"  . DT  B 1 8 ? -1.572  9.899   14.533  1.00 0.01 ? 18 DT  B "O3'"  1 
ATOM   483 C  "C2'"  . DT  B 1 8 ? -1.604  7.524   14.692  1.00 0.00 ? 18 DT  B "C2'"  1 
ATOM   484 C  "C1'"  . DT  B 1 8 ? -1.819  7.301   13.229  1.00 0.00 ? 18 DT  B "C1'"  1 
ATOM   485 N  N1     . DT  B 1 8 ? -2.584  6.018   13.140  1.00 0.01 ? 18 DT  B N1     1 
ATOM   486 C  C2     . DT  B 1 8 ? -3.811  6.100   12.451  1.00 0.01 ? 18 DT  B C2     1 
ATOM   487 O  O2     . DT  B 1 8 ? -4.242  7.152   11.978  1.00 0.01 ? 18 DT  B O2     1 
ATOM   488 N  N3     . DT  B 1 8 ? -4.544  4.942   12.320  1.00 0.00 ? 18 DT  B N3     1 
ATOM   489 C  C4     . DT  B 1 8 ? -4.149  3.705   12.772  1.00 0.00 ? 18 DT  B C4     1 
ATOM   490 O  O4     . DT  B 1 8 ? -4.900  2.746   12.603  1.00 0.00 ? 18 DT  B O4     1 
ATOM   491 C  C5     . DT  B 1 8 ? -2.864  3.686   13.466  1.00 0.00 ? 18 DT  B C5     1 
ATOM   492 C  C7     . DT  B 1 8 ? -2.258  2.339   13.848  1.00 0.01 ? 18 DT  B C7     1 
ATOM   493 C  C6     . DT  B 1 8 ? -2.138  4.817   13.673  1.00 0.01 ? 18 DT  B C6     1 
ATOM   494 H  "H5'"  . DT  B 1 8 ? 2.141   7.869   12.848  1.00 0.01 ? 18 DT  B "H5'"  1 
ATOM   495 H  "H5''" . DT  B 1 8 ? 2.158   8.372   14.357  1.00 0.03 ? 18 DT  B "H5''" 1 
ATOM   496 H  "H4'"  . DT  B 1 8 ? 0.452   9.586   13.354  1.00 0.02 ? 18 DT  B "H4'"  1 
ATOM   497 H  "H3'"  . DT  B 1 8 ? -0.382  8.905   15.851  1.00 0.01 ? 18 DT  B "H3'"  1 
ATOM   498 H  "HO3'" . DT  B 1 8 ? -2.049  9.727   13.718  1.00 0.00 ? 18 DT  B "HO3'" 1 
ATOM   499 H  "H2'"  . DT  B 1 8 ? -0.968  6.700   15.028  1.00 0.01 ? 18 DT  B "H2'"  1 
ATOM   500 H  "H2''" . DT  B 1 8 ? -2.598  7.542   15.134  1.00 0.01 ? 18 DT  B "H2''" 1 
ATOM   501 H  "H1'"  . DT  B 1 8 ? -2.462  7.928   12.627  1.00 0.02 ? 18 DT  B "H1'"  1 
ATOM   502 H  H3     . DT  B 1 8 ? -5.499  5.021   11.959  1.00 0.00 ? 18 DT  B H3     1 
ATOM   503 H  H71    . DT  B 1 8 ? -1.225  2.219   13.494  1.00 0.00 ? 18 DT  B H71    1 
ATOM   504 H  H72    . DT  B 1 8 ? -2.333  2.333   14.939  1.00 0.02 ? 18 DT  B H72    1 
ATOM   505 H  H73    . DT  B 1 8 ? -2.798  1.527   13.339  1.00 0.01 ? 18 DT  B H73    1 
ATOM   506 H  H6     . DT  B 1 8 ? -1.341  4.792   14.462  1.00 0.03 ? 18 DT  B H6     1 
HETATM 507 O  O1     . CDR C 2 . ? 6.268   -1.369  4.472   1.00 0.00 ? 1  CDR C O1     1 
HETATM 508 C  C1     . CDR C 2 . ? 6.822   -0.117  4.043   1.00 0.03 ? 1  CDR C C1     1 
HETATM 509 C  C2     . CDR C 2 . ? 6.301   0.924   5.053   1.00 0.10 ? 1  CDR C C2     1 
HETATM 510 C  C3     . CDR C 2 . ? 6.869   2.327   4.746   1.00 0.03 ? 1  CDR C C3     1 
HETATM 511 C  C4     . CDR C 2 . ? 8.406   2.146   4.852   1.00 0.01 ? 1  CDR C C4     1 
HETATM 512 O  O4     . CDR C 2 . ? 8.982   3.423   4.599   1.00 0.00 ? 1  CDR C O4     1 
HETATM 513 C  C5     . CDR C 2 . ? 8.829   1.156   3.710   1.00 0.01 ? 1  CDR C C5     1 
HETATM 514 O  O5     . CDR C 2 . ? 8.256   -0.118  4.025   1.00 0.00 ? 1  CDR C O5     1 
HETATM 515 C  C6     . CDR C 2 . ? 10.376  1.125   3.714   1.00 0.01 ? 1  CDR C C6     1 
HETATM 516 H  H1     . CDR C 2 . ? 6.475   0.076   3.018   1.00 0.02 ? 1  CDR C H1     1 
HETATM 517 H  H2     . CDR C 2 . ? 6.305   0.549   6.114   1.00 0.11 ? 1  CDR C H2     1 
HETATM 518 H  H22    . CDR C 2 . ? 5.261   1.060   4.832   1.00 0.19 ? 1  CDR C H22    1 
HETATM 519 H  H3     . CDR C 2 . ? 6.596   2.623   3.677   1.00 0.02 ? 1  CDR C H3     1 
HETATM 520 H  H4     . CDR C 2 . ? 8.756   1.860   5.907   1.00 0.03 ? 1  CDR C H4     1 
HETATM 521 H  HO4    . CDR C 2 . ? 8.554   4.062   5.174   1.00 0.00 ? 1  CDR C HO4    1 
HETATM 522 H  H5     . CDR C 2 . ? 8.451   1.351   2.661   1.00 0.01 ? 1  CDR C H5     1 
HETATM 523 H  H61    . CDR C 2 . ? 10.878  0.431   3.084   1.00 0.01 ? 1  CDR C H61    1 
HETATM 524 H  H62    . CDR C 2 . ? 10.855  2.046   3.461   1.00 0.01 ? 1  CDR C H62    1 
HETATM 525 H  H63    . CDR C 2 . ? 10.767  0.904   4.671   1.00 0.02 ? 1  CDR C H63    1 
HETATM 526 O  O1     . CDR C 2 . ? 6.475   3.141   5.878   1.00 0.00 ? 2  CDR C O1     1 
HETATM 527 C  C1     . CDR C 2 . ? 5.911   4.459   5.722   1.00 0.01 ? 2  CDR C C1     1 
HETATM 528 C  C2     . CDR C 2 . ? 4.973   4.760   6.931   1.00 0.02 ? 2  CDR C C2     1 
HETATM 529 C  C3     . CDR C 2 . ? 4.565   6.218   6.818   1.00 0.01 ? 2  CDR C C3     1 
HETATM 530 C  C4     . CDR C 2 . ? 5.701   7.260   6.641   1.00 0.00 ? 2  CDR C C4     1 
HETATM 531 O  O4     . CDR C 2 . ? 5.052   8.497   6.369   1.00 0.00 ? 2  CDR C O4     1 
HETATM 532 C  C5     . CDR C 2 . ? 6.509   6.844   5.374   1.00 0.00 ? 2  CDR C C5     1 
HETATM 533 O  O5     . CDR C 2 . ? 6.929   5.482   5.616   1.00 0.00 ? 2  CDR C O5     1 
HETATM 534 C  C6     . CDR C 2 . ? 7.663   7.876   5.291   1.00 0.01 ? 2  CDR C C6     1 
HETATM 535 H  H1     . CDR C 2 . ? 5.404   4.480   4.763   1.00 0.00 ? 2  CDR C H1     1 
HETATM 536 H  H2     . CDR C 2 . ? 5.659   4.814   7.784   1.00 0.02 ? 2  CDR C H2     1 
HETATM 537 H  H22    . CDR C 2 . ? 3.979   4.163   7.020   1.00 0.06 ? 2  CDR C H22    1 
HETATM 538 H  H3     . CDR C 2 . ? 4.155   6.038   5.869   1.00 0.02 ? 2  CDR C H3     1 
HETATM 539 H  H4     . CDR C 2 . ? 6.331   7.469   7.571   1.00 0.02 ? 2  CDR C H4     1 
HETATM 540 H  HO4    . CDR C 2 . ? 4.358   8.337   5.726   1.00 0.00 ? 2  CDR C HO4    1 
HETATM 541 H  H5     . CDR C 2 . ? 5.976   6.887   4.360   1.00 0.01 ? 2  CDR C H5     1 
HETATM 542 H  H61    . CDR C 2 . ? 8.360   7.644   4.485   1.00 0.01 ? 2  CDR C H61    1 
HETATM 543 H  H62    . CDR C 2 . ? 7.204   8.907   5.159   1.00 0.02 ? 2  CDR C H62    1 
HETATM 544 H  H63    . CDR C 2 . ? 8.352   7.788   6.144   1.00 0.02 ? 2  CDR C H63    1 
HETATM 545 O  O1     . ERI C 2 . ? 3.622   6.655   7.811   1.00 0.00 ? 3  ERI C O1     1 
HETATM 546 C  C1     . ERI C 2 . ? 2.230   6.391   7.587   1.00 0.01 ? 3  ERI C C1     1 
HETATM 547 C  C2     . ERI C 2 . ? 1.390   6.743   8.820   1.00 0.04 ? 3  ERI C C2     1 
HETATM 548 C  C3     . ERI C 2 . ? 0.896   8.195   8.921   1.00 0.01 ? 3  ERI C C3     1 
HETATM 549 O  O3     . ERI C 2 . ? -0.115  8.257   9.921   1.00 0.00 ? 3  ERI C O3     1 
HETATM 550 C  CC3    . ERI C 2 . ? 2.041   9.177   9.289   1.00 0.01 ? 3  ERI C CC3    1 
HETATM 551 C  C4     . ERI C 2 . ? 0.133   8.550   7.621   1.00 0.01 ? 3  ERI C C4     1 
HETATM 552 O  O4     . ERI C 2 . ? -0.703  9.747   7.732   1.00 0.01 ? 3  ERI C O4     1 
HETATM 553 C  CME    . ERI C 2 . ? -2.837  10.631  8.807   1.00 0.01 ? 3  ERI C CME    1 
HETATM 554 C  CO4    . ERI C 2 . ? -2.086  9.634   7.844   1.00 0.00 ? 3  ERI C CO4    1 
HETATM 555 O  OC4    . ERI C 2 . ? -2.756  8.817   7.245   1.00 0.00 ? 3  ERI C OC4    1 
HETATM 556 C  C5     . ERI C 2 . ? 1.187   8.402   6.477   1.00 0.02 ? 3  ERI C C5     1 
HETATM 557 O  O5     . ERI C 2 . ? 1.686   7.046   6.417   1.00 0.00 ? 3  ERI C O5     1 
HETATM 558 C  C6     . ERI C 2 . ? 0.487   8.790   5.172   1.00 0.01 ? 3  ERI C C6     1 
HETATM 559 H  H1     . ERI C 2 . ? 2.152   5.279   7.521   1.00 0.01 ? 3  ERI C H1     1 
HETATM 560 H  H21    . ERI C 2 . ? 0.613   5.983   8.794   1.00 0.07 ? 3  ERI C H21    1 
HETATM 561 H  H22    . ERI C 2 . ? 1.917   6.573   9.742   1.00 0.09 ? 3  ERI C H22    1 
HETATM 562 H  HO3    . ERI C 2 . ? 0.178   7.945   10.777  1.00 0.00 ? 3  ERI C HO3    1 
HETATM 563 H  H31    . ERI C 2 . ? 2.878   9.184   8.588   1.00 0.02 ? 3  ERI C H31    1 
HETATM 564 H  H32    . ERI C 2 . ? 1.617   10.174  9.385   1.00 0.01 ? 3  ERI C H32    1 
HETATM 565 H  H33    . ERI C 2 . ? 2.508   8.952   10.262  1.00 0.02 ? 3  ERI C H33    1 
HETATM 566 H  H4     . ERI C 2 . ? -0.593  7.755   7.474   1.00 0.04 ? 3  ERI C H4     1 
HETATM 567 H  H41    . ERI C 2 . ? -3.943  10.645  8.906   1.00 0.03 ? 3  ERI C H41    1 
HETATM 568 H  H42    . ERI C 2 . ? -2.366  10.534  9.733   1.00 0.01 ? 3  ERI C H42    1 
HETATM 569 H  H43    . ERI C 2 . ? -2.651  11.613  8.547   1.00 0.02 ? 3  ERI C H43    1 
HETATM 570 H  H5     . ERI C 2 . ? 2.055   9.071   6.536   1.00 0.01 ? 3  ERI C H5     1 
HETATM 571 H  H61    . ERI C 2 . ? 0.022   9.780   5.281   1.00 0.01 ? 3  ERI C H61    1 
HETATM 572 H  H62    . ERI C 2 . ? 1.049   8.703   4.262   1.00 0.03 ? 3  ERI C H62    1 
HETATM 573 H  H63    . ERI C 2 . ? -0.161  8.005   4.869   1.00 0.02 ? 3  ERI C H63    1 
HETATM 574 O  O1     . ARI D 3 . ? 4.425   7.842   2.496   1.00 0.00 ? 1  ARI D O1     1 
HETATM 575 C  C1     . ARI D 3 . ? 4.865   8.866   1.559   1.00 0.00 ? 1  ARI D C1     1 
HETATM 576 C  C2     . ARI D 3 . ? 3.876   10.026  1.324   1.00 0.01 ? 1  ARI D C2     1 
HETATM 577 C  C3     . ARI D 3 . ? 4.353   11.114  0.347   1.00 0.01 ? 1  ARI D C3     1 
HETATM 578 C  C4     . ARI D 3 . ? 5.786   11.555  0.688   1.00 0.00 ? 1  ARI D C4     1 
HETATM 579 O  O4     . ARI D 3 . ? 5.603   12.481  1.811   1.00 0.01 ? 1  ARI D O4     1 
HETATM 580 C  CME    . ARI D 3 . ? 3.623   13.908  2.704   1.00 0.02 ? 1  ARI D CME    1 
HETATM 581 C  CO4    . ARI D 3 . ? 4.868   13.660  1.736   1.00 0.01 ? 1  ARI D CO4    1 
HETATM 582 O  OC4    . ARI D 3 . ? 5.144   14.544  0.950   1.00 0.01 ? 1  ARI D OC4    1 
HETATM 583 C  C5     . ARI D 3 . ? 6.704   10.316  0.936   1.00 0.01 ? 1  ARI D C5     1 
HETATM 584 O  O5     . ARI D 3 . ? 6.124   9.444   1.916   1.00 0.00 ? 1  ARI D O5     1 
HETATM 585 C  C6     . ARI D 3 . ? 8.080   10.790  1.474   1.00 0.01 ? 1  ARI D C6     1 
HETATM 586 H  H1     . ARI D 3 . ? 5.007   8.412   0.611   1.00 0.01 ? 1  ARI D H1     1 
HETATM 587 H  H2     . ARI D 3 . ? 3.836   10.567  2.244   1.00 0.03 ? 1  ARI D H2     1 
HETATM 588 H  H22    . ARI D 3 . ? 2.873   9.660   1.036   1.00 0.02 ? 1  ARI D H22    1 
HETATM 589 H  H3     . ARI D 3 . ? 4.400   10.647  -0.578  1.00 0.01 ? 1  ARI D H3     1 
HETATM 590 H  H4     . ARI D 3 . ? 6.294   11.895  -0.238  1.00 0.02 ? 1  ARI D H4     1 
HETATM 591 H  H41    . ARI D 3 . ? 3.055   14.837  2.706   1.00 0.02 ? 1  ARI D H41    1 
HETATM 592 H  H42    . ARI D 3 . ? 2.874   13.260  2.481   1.00 0.02 ? 1  ARI D H42    1 
HETATM 593 H  H43    . ARI D 3 . ? 3.833   13.763  3.715   1.00 0.02 ? 1  ARI D H43    1 
HETATM 594 H  H5     . ARI D 3 . ? 6.853   9.720   -0.009  1.00 0.01 ? 1  ARI D H5     1 
HETATM 595 H  H61    . ARI D 3 . ? 7.925   11.376  2.473   1.00 0.02 ? 1  ARI D H61    1 
HETATM 596 H  H62    . ARI D 3 . ? 8.829   9.936   1.336   1.00 0.01 ? 1  ARI D H62    1 
HETATM 597 H  H63    . ARI D 3 . ? 8.547   11.474  0.779   1.00 0.01 ? 1  ARI D H63    1 
HETATM 598 O  O1     . 1GL D 3 . ? 3.227   11.873  -0.148  1.00 0.00 ? 2  1GL D O1     1 
HETATM 599 C  C1     . 1GL D 3 . ? 3.369   12.856  -1.202  1.00 0.00 ? 2  1GL D C1     1 
HETATM 600 C  C2     . 1GL D 3 . ? 2.381   14.017  -0.971  1.00 0.01 ? 2  1GL D C2     1 
HETATM 601 C  C3     . 1GL D 3 . ? 1.008   13.462  -1.312  1.00 0.00 ? 2  1GL D C3     1 
HETATM 602 O  O3     . 1GL D 3 . ? 0.126   14.577  -1.245  1.00 0.00 ? 2  1GL D O3     1 
HETATM 603 C  C4     . 1GL D 3 . ? 0.816   12.848  -2.709  1.00 0.00 ? 2  1GL D C4     1 
HETATM 604 O  O4     . 1GL D 3 . ? 0.835   13.861  -3.725  1.00 0.00 ? 2  1GL D O4     1 
HETATM 605 C  CME    . 1GL D 3 . ? -0.411  14.227  -4.359  1.00 0.01 ? 2  1GL D CME    1 
HETATM 606 C  C5     . 1GL D 3 . ? 1.887   11.742  -2.876  1.00 0.00 ? 2  1GL D C5     1 
HETATM 607 O  O5     . 1GL D 3 . ? 3.167   12.316  -2.532  1.00 0.00 ? 2  1GL D O5     1 
HETATM 608 C  C6     . 1GL D 3 . ? 1.739   11.293  -4.366  1.00 0.01 ? 2  1GL D C6     1 
HETATM 609 H  H1     . 1GL D 3 . ? 4.363   13.313  -1.154  1.00 0.01 ? 2  1GL D H1     1 
HETATM 610 H  H2     . 1GL D 3 . ? 2.547   14.800  -1.722  1.00 0.00 ? 2  1GL D H2     1 
HETATM 611 H  H22    . 1GL D 3 . ? 2.384   14.393  0.097   1.00 0.01 ? 2  1GL D H22    1 
HETATM 612 H  H3     . 1GL D 3 . ? 0.792   12.733  -0.581  1.00 0.01 ? 2  1GL D H3     1 
HETATM 613 H  HO3    . 1GL D 3 . ? 0.199   14.952  -0.365  1.00 0.00 ? 2  1GL D HO3    1 
HETATM 614 H  H4     . 1GL D 3 . ? -0.152  12.366  -2.776  1.00 0.01 ? 2  1GL D H4     1 
HETATM 615 H  HM41   . 1GL D 3 . ? -0.220  15.008  -5.100  1.00 0.00 ? 2  1GL D HM41   1 
HETATM 616 H  HM42   . 1GL D 3 . ? -0.897  13.368  -4.814  1.00 0.01 ? 2  1GL D HM42   1 
HETATM 617 H  HM43   . 1GL D 3 . ? -1.111  14.583  -3.621  1.00 0.01 ? 2  1GL D HM43   1 
HETATM 618 H  H5     . 1GL D 3 . ? 1.720   10.897  -2.156  1.00 0.01 ? 2  1GL D H5     1 
HETATM 619 H  H61    . 1GL D 3 . ? 1.892   12.153  -5.057  1.00 0.01 ? 2  1GL D H61    1 
HETATM 620 H  H62    . 1GL D 3 . ? 2.421   10.560  -4.763  1.00 0.01 ? 2  1GL D H62    1 
HETATM 621 H  H63    . 1GL D 3 . ? 0.785   10.748  -4.494  1.00 0.01 ? 2  1GL D H63    1 
HETATM 622 O  O1     . ARI E 3 . ? 2.375   -8.972  -1.166  1.00 0.00 ? 1  ARI E O1     1 
HETATM 623 C  C1     . ARI E 3 . ? 2.135   -10.021 -0.186  1.00 0.01 ? 1  ARI E C1     1 
HETATM 624 C  C2     . ARI E 3 . ? 0.823   -10.809 -0.360  1.00 0.01 ? 1  ARI E C2     1 
HETATM 625 C  C3     . ARI E 3 . ? 0.574   -11.927 0.665   1.00 0.01 ? 1  ARI E C3     1 
HETATM 626 C  C4     . ARI E 3 . ? 1.827   -12.805 0.812   1.00 0.01 ? 1  ARI E C4     1 
HETATM 627 O  O4     . ARI E 3 . ? 1.759   -13.697 -0.349  1.00 0.01 ? 1  ARI E O4     1 
HETATM 628 C  CME    . ARI E 3 . ? -0.134  -14.485 -1.928  1.00 0.01 ? 1  ARI E CME    1 
HETATM 629 C  CO4    . ARI E 3 . ? 0.717   -14.587 -0.585  1.00 0.01 ? 1  ARI E CO4    1 
HETATM 630 O  OC4    . ARI E 3 . ? 0.422   -15.464 0.200   1.00 0.01 ? 1  ARI E OC4    1 
HETATM 631 C  C5     . ARI E 3 . ? 3.109   -11.925 0.954   1.00 0.01 ? 1  ARI E C5     1 
HETATM 632 O  O5     . ARI E 3 . ? 3.195   -10.979 -0.121  1.00 0.00 ? 1  ARI E O5     1 
HETATM 633 C  C6     . ARI E 3 . ? 4.368   -12.831 0.896   1.00 0.01 ? 1  ARI E C6     1 
HETATM 634 H  H1     . ARI E 3 . ? 2.088   -9.577  0.776   1.00 0.00 ? 1  ARI E H1     1 
HETATM 635 H  H2     . ARI E 3 . ? 0.971   -11.358 -1.265  1.00 0.03 ? 1  ARI E H2     1 
HETATM 636 H  H22    . ARI E 3 . ? -0.056  -10.155 -0.425  1.00 0.02 ? 1  ARI E H22    1 
HETATM 637 H  H3     . ARI E 3 . ? 0.440   -11.449 1.578   1.00 0.01 ? 1  ARI E H3     1 
HETATM 638 H  H4     . ARI E 3 . ? 1.854   -13.230 1.833   1.00 0.02 ? 1  ARI E H4     1 
HETATM 639 H  H41    . ARI E 3 . ? -0.916  -15.138 -2.217  1.00 0.06 ? 1  ARI E H41    1 
HETATM 640 H  H42    . ARI E 3 . ? -0.680  -13.643 -1.951  1.00 0.02 ? 1  ARI E H42    1 
HETATM 641 H  H43    . ARI E 3 . ? 0.421   -14.441 -2.778  1.00 0.03 ? 1  ARI E H43    1 
HETATM 642 H  H5     . ARI E 3 . ? 3.107   -11.346 1.924   1.00 0.01 ? 1  ARI E H5     1 
HETATM 643 H  H61    . ARI E 3 . ? 4.381   -13.422 -0.112  1.00 0.02 ? 1  ARI E H61    1 
HETATM 644 H  H62    . ARI E 3 . ? 5.250   -12.261 1.355   1.00 0.01 ? 1  ARI E H62    1 
HETATM 645 H  H63    . ARI E 3 . ? 4.346   -13.583 1.667   1.00 0.01 ? 1  ARI E H63    1 
HETATM 646 O  O1     . 1GL E 3 . ? -0.829  -12.271 0.711   1.00 0.00 ? 2  1GL E O1     1 
HETATM 647 C  C1     . 1GL E 3 . ? -1.364  -13.183 1.700   1.00 0.00 ? 2  1GL E C1     1 
HETATM 648 C  C2     . 1GL E 3 . ? -2.523  -13.996 1.093   1.00 0.01 ? 2  1GL E C2     1 
HETATM 649 C  C3     . 1GL E 3 . ? -3.689  -13.027 0.968   1.00 0.01 ? 2  1GL E C3     1 
HETATM 650 O  O3     . 1GL E 3 . ? -4.792  -13.822 0.551   1.00 0.00 ? 2  1GL E O3     1 
HETATM 651 C  C4     . 1GL E 3 . ? -4.142  -12.298 2.243   1.00 0.00 ? 2  1GL E C4     1 
HETATM 652 O  O4     . 1GL E 3 . ? -4.782  -13.205 3.155   1.00 0.00 ? 2  1GL E O4     1 
HETATM 653 C  CME    . 1GL E 3 . ? -6.219  -13.137 3.309   1.00 0.01 ? 2  1GL E CME    1 
HETATM 654 C  C5     . 1GL E 3 . ? -2.905  -11.572 2.825   1.00 0.00 ? 2  1GL E C5     1 
HETATM 655 O  O5     . 1GL E 3 . ? -1.827  -12.527 2.907   1.00 0.00 ? 2  1GL E O5     1 
HETATM 656 C  C6     . 1GL E 3 . ? -3.405  -11.002 4.192   1.00 0.01 ? 2  1GL E C6     1 
HETATM 657 H  H1     . 1GL E 3 . ? -0.606  -13.918 1.988   1.00 0.01 ? 2  1GL E H1     1 
HETATM 658 H  H2     . 1GL E 3 . ? -2.871  -14.743 1.818   1.00 0.00 ? 2  1GL E H2     1 
HETATM 659 H  H22    . 1GL E 3 . ? -2.287  -14.415 0.077   1.00 0.01 ? 2  1GL E H22    1 
HETATM 660 H  H3     . 1GL E 3 . ? -3.427  -12.304 0.246   1.00 0.01 ? 2  1GL E H3     1 
HETATM 661 H  HO3    . 1GL E 3 . ? -4.544  -14.254 -0.269  1.00 0.00 ? 2  1GL E HO3    1 
HETATM 662 H  H4     . 1GL E 3 . ? -4.872  -11.532 1.988   1.00 0.00 ? 2  1GL E H4     1 
HETATM 663 H  HM41   . 1GL E 3 . ? -6.550  -13.887 4.040   1.00 0.00 ? 2  1GL E HM41   1 
HETATM 664 H  HM42   . 1GL E 3 . ? -6.550  -12.156 3.627   1.00 0.00 ? 2  1GL E HM42   1 
HETATM 665 H  HM43   . 1GL E 3 . ? -6.703  -13.300 2.354   1.00 0.01 ? 2  1GL E HM43   1 
HETATM 666 H  H5     . 1GL E 3 . ? -2.542  -10.773 2.139   1.00 0.00 ? 2  1GL E H5     1 
HETATM 667 H  H61    . 1GL E 3 . ? -3.779  -11.816 4.853   1.00 0.01 ? 2  1GL E H61    1 
HETATM 668 H  H62    . 1GL E 3 . ? -2.718  -10.508 4.857   1.00 0.01 ? 2  1GL E H62    1 
HETATM 669 H  H63    . 1GL E 3 . ? -4.126  -10.182 3.998   1.00 0.00 ? 2  1GL E H63    1 
HETATM 670 O  O1     . CDR F 2 . ? 7.476   -0.858  -1.947  1.00 0.00 ? 1  CDR F O1     1 
HETATM 671 C  C1     . CDR F 2 . ? 7.440   -2.197  -1.438  1.00 0.03 ? 1  CDR F C1     1 
HETATM 672 C  C2     . CDR F 2 . ? 7.005   -3.075  -2.628  1.00 0.09 ? 1  CDR F C2     1 
HETATM 673 C  C3     . CDR F 2 . ? 6.976   -4.566  -2.235  1.00 0.03 ? 1  CDR F C3     1 
HETATM 674 C  C4     . CDR F 2 . ? 8.431   -4.876  -1.797  1.00 0.01 ? 1  CDR F C4     1 
HETATM 675 O  O4     . CDR F 2 . ? 8.464   -6.254  -1.442  1.00 0.00 ? 1  CDR F O4     1 
HETATM 676 C  C5     . CDR F 2 . ? 8.721   -4.007  -0.522  1.00 0.01 ? 1  CDR F C5     1 
HETATM 677 O  O5     . CDR F 2 . ? 8.709   -2.638  -0.930  1.00 0.00 ? 1  CDR F O5     1 
HETATM 678 C  C6     . CDR F 2 . ? 10.107  -4.458  0.001   1.00 0.01 ? 1  CDR F C6     1 
HETATM 679 H  H1     . CDR F 2 . ? 6.716   -2.222  -0.612  1.00 0.02 ? 1  CDR F H1     1 
HETATM 680 H  H2     . CDR F 2 . ? 7.476   -2.788  -3.619  1.00 0.10 ? 1  CDR F H2     1 
HETATM 681 H  H22    . CDR F 2 . ? 5.960   -2.877  -2.768  1.00 0.18 ? 1  CDR F H22    1 
HETATM 682 H  H3     . CDR F 2 . ? 6.280   -4.706  -1.354  1.00 0.02 ? 1  CDR F H3     1 
HETATM 683 H  H4     . CDR F 2 . ? 9.185   -4.762  -2.653  1.00 0.03 ? 1  CDR F H4     1 
HETATM 684 H  HO4    . CDR F 2 . ? 8.084   -6.757  -2.166  1.00 0.00 ? 1  CDR F HO4    1 
HETATM 685 H  H5     . CDR F 2 . ? 7.970   -4.013  0.318   1.00 0.01 ? 1  CDR F H5     1 
HETATM 686 H  H61    . CDR F 2 . ? 10.556  -3.916  0.793   1.00 0.01 ? 1  CDR F H61    1 
HETATM 687 H  H62    . CDR F 2 . ? 10.163  -5.469  0.336   1.00 0.02 ? 1  CDR F H62    1 
HETATM 688 H  H63    . CDR F 2 . ? 10.846  -4.414  -0.754  1.00 0.02 ? 1  CDR F H63    1 
HETATM 689 O  O1     . CDR F 2 . ? 6.758   -5.276  -3.477  1.00 0.00 ? 2  CDR F O1     1 
HETATM 690 C  C1     . CDR F 2 . ? 5.800   -6.345  -3.604  1.00 0.01 ? 2  CDR F C1     1 
HETATM 691 C  C2     . CDR F 2 . ? 5.289   -6.404  -5.076  1.00 0.02 ? 2  CDR F C2     1 
HETATM 692 C  C3     . CDR F 2 . ? 4.429   -7.649  -5.186  1.00 0.01 ? 2  CDR F C3     1 
HETATM 693 C  C4     . CDR F 2 . ? 5.063   -8.983  -4.706  1.00 0.00 ? 2  CDR F C4     1 
HETATM 694 O  O4     . CDR F 2 . ? 4.019   -9.947  -4.747  1.00 0.00 ? 2  CDR F O4     1 
HETATM 695 C  C5     . CDR F 2 . ? 5.499   -8.781  -3.229  1.00 0.00 ? 2  CDR F C5     1 
HETATM 696 O  O5     . CDR F 2 . ? 6.359   -7.624  -3.219  1.00 0.00 ? 2  CDR F O5     1 
HETATM 697 C  C6     . CDR F 2 . ? 6.169   -10.113 -2.822  1.00 0.01 ? 2  CDR F C6     1 
HETATM 698 H  H1     . CDR F 2 . ? 5.019   -6.159  -2.879  1.00 0.01 ? 2  CDR F H1     1 
HETATM 699 H  H2     . CDR F 2 . ? 6.162   -6.713  -5.661  1.00 0.02 ? 2  CDR F H2     1 
HETATM 700 H  H22    . CDR F 2 . ? 4.623   -5.548  -5.489  1.00 0.06 ? 2  CDR F H22    1 
HETATM 701 H  H3     . CDR F 2 . ? 3.770   -7.274  -4.433  1.00 0.01 ? 2  CDR F H3     1 
HETATM 702 H  H4     . CDR F 2 . ? 5.877   -9.411  -5.372  1.00 0.02 ? 2  CDR F H4     1 
HETATM 703 H  HO4    . CDR F 2 . ? 3.232   -9.550  -4.368  1.00 0.00 ? 2  CDR F HO4    1 
HETATM 704 H  H5     . CDR F 2 . ? 4.705   -8.626  -2.467  1.00 0.01 ? 2  CDR F H5     1 
HETATM 705 H  H61    . CDR F 2 . ? 6.598   -10.058 -1.824  1.00 0.01 ? 2  CDR F H61    1 
HETATM 706 H  H62    . CDR F 2 . ? 5.395   -10.936 -2.948  1.00 0.01 ? 2  CDR F H62    1 
HETATM 707 H  H63    . CDR F 2 . ? 7.106   -10.294 -3.370  1.00 0.02 ? 2  CDR F H63    1 
HETATM 708 O  O1     . ERI F 2 . ? 3.805   -7.827  -6.469  1.00 0.00 ? 3  ERI F O1     1 
HETATM 709 C  C1     . ERI F 2 . ? 2.569   -7.144  -6.719  1.00 0.01 ? 3  ERI F C1     1 
HETATM 710 C  C2     . ERI F 2 . ? 2.146   -7.284  -8.184  1.00 0.04 ? 3  ERI F C2     1 
HETATM 711 C  C3     . ERI F 2 . ? 1.287   -8.506  -8.533  1.00 0.02 ? 3  ERI F C3     1 
HETATM 712 O  O3     . ERI F 2 . ? 0.712   -8.301  -9.819  1.00 0.00 ? 3  ERI F O3     1 
HETATM 713 C  CC3    . ERI F 2 . ? 2.122   -9.812  -8.532  1.00 0.00 ? 3  ERI F CC3    1 
HETATM 714 C  C4     . ERI F 2 . ? 0.063   -8.539  -7.589  1.00 0.01 ? 3  ERI F C4     1 
HETATM 715 O  O4     . ERI F 2 . ? -1.013  -9.422  -8.053  1.00 0.00 ? 3  ERI F O4     1 
HETATM 716 C  CME    . ERI F 2 . ? -2.816  -9.666  -9.840  1.00 0.01 ? 3  ERI F CME    1 
HETATM 717 C  CO4    . ERI F 2 . ? -2.170  -8.897  -8.621  1.00 0.00 ? 3  ERI F CO4    1 
HETATM 718 O  OC4    . ERI F 2 . ? -2.719  -7.884  -8.235  1.00 0.00 ? 3  ERI F OC4    1 
HETATM 719 C  C5     . ERI F 2 . ? 0.655   -8.672  -6.150  1.00 0.02 ? 3  ERI F C5     1 
HETATM 720 O  O5     . ERI F 2 . ? 1.489   -7.534  -5.841  1.00 0.00 ? 3  ERI F O5     1 
HETATM 721 C  C6     . ERI F 2 . ? -0.538  -8.773  -5.212  1.00 0.01 ? 3  ERI F C6     1 
HETATM 722 H  H1     . ERI F 2 . ? 2.783   -6.067  -6.609  1.00 0.01 ? 3  ERI F H1     1 
HETATM 723 H  H21    . ERI F 2 . ? 1.704   -6.337  -8.404  1.00 0.07 ? 3  ERI F H21    1 
HETATM 724 H  H22    . ERI F 2 . ? 2.965   -7.341  -8.883  1.00 0.08 ? 3  ERI F H22    1 
HETATM 725 H  HO3    . ERI F 2 . ? 1.359   -8.136  -10.504 1.00 0.00 ? 3  ERI F HO3    1 
HETATM 726 H  H31    . ERI F 2 . ? 2.636   -10.049 -7.601  1.00 0.02 ? 3  ERI F H31    1 
HETATM 727 H  H32    . ERI F 2 . ? 1.476   -10.640 -8.805  1.00 0.00 ? 3  ERI F H32    1 
HETATM 728 H  H33    . ERI F 2 . ? 2.947   -9.791  -9.221  1.00 0.02 ? 3  ERI F H33    1 
HETATM 729 H  H4     . ERI F 2 . ? -0.346  -7.529  -7.610  1.00 0.04 ? 3  ERI F H4     1 
HETATM 730 H  H41    . ERI F 2 . ? -3.760  -9.376  -10.330 1.00 0.05 ? 3  ERI F H41    1 
HETATM 731 H  H42    . ERI F 2 . ? -2.066  -9.776  -10.539 1.00 0.01 ? 3  ERI F H42    1 
HETATM 732 H  H43    . ERI F 2 . ? -3.040  -10.641 -9.596  1.00 0.02 ? 3  ERI F H43    1 
HETATM 733 H  H5     . ERI F 2 . ? 1.240   -9.561  -5.875  1.00 0.03 ? 3  ERI F H5     1 
HETATM 734 H  H61    . ERI F 2 . ? -1.204  -9.553  -5.510  1.00 0.02 ? 3  ERI F H61    1 
HETATM 735 H  H62    . ERI F 2 . ? -0.354  -8.926  -4.210  1.00 0.01 ? 3  ERI F H62    1 
HETATM 736 H  H63    . ERI F 2 . ? -1.032  -7.871  -5.155  1.00 0.01 ? 3  ERI F H63    1 
HETATM 737 C  C1     . CPH G 4 . ? 6.076   0.708   -0.436  1.00 0.00 ? 33 CPH A C1     1 
HETATM 738 O  O1     . CPH G 4 . ? 5.165   -0.102  -0.435  1.00 0.00 ? 33 CPH A O1     1 
HETATM 739 C  C2     . CPH G 4 . ? 7.379   0.269   -1.065  1.00 0.00 ? 33 CPH A C2     1 
HETATM 740 C  C3     . CPH G 4 . ? 8.035   1.487   -1.772  1.00 0.01 ? 33 CPH A C3     1 
HETATM 741 C  C4     . CPH G 4 . ? 8.078   2.582   -0.733  1.00 0.01 ? 33 CPH A C4     1 
HETATM 742 C  C5     . CPH G 4 . ? 5.631   6.047   1.544   1.00 0.01 ? 33 CPH A C5     1 
HETATM 743 C  C6     . CPH G 4 . ? 4.508   6.491   2.190   1.00 0.01 ? 33 CPH A C6     1 
HETATM 744 C  C7     . CPH G 4 . ? 3.469   5.553   2.461   1.00 0.00 ? 33 CPH A C7     1 
HETATM 745 C  C8     . CPH G 4 . ? 3.504   4.150   2.067   1.00 0.01 ? 33 CPH A C8     1 
HETATM 746 O  O8     . CPH G 4 . ? 2.550   3.164   2.362   1.00 0.00 ? 33 CPH A O8     1 
HETATM 747 C  C9     . CPH G 4 . ? 4.767   2.367   0.851   1.00 0.00 ? 33 CPH A C9     1 
HETATM 748 O  O9     . CPH G 4 . ? 3.839   1.361   1.034   1.00 0.00 ? 33 CPH A O9     1 
HETATM 749 C  "C1'"  . CPH G 4 . ? 9.504   1.180   -2.256  1.00 0.00 ? 33 CPH A "C1'"  1 
HETATM 750 O  "O1'"  . CPH G 4 . ? 10.692  1.932   -1.913  1.00 0.00 ? 33 CPH A "O1'"  1 
HETATM 751 C  C10    . CPH G 4 . ? 6.837   4.272   0.470   1.00 0.01 ? 33 CPH A C10    1 
HETATM 752 C  "C2'"  . CPH G 4 . ? 9.486   0.865   -3.751  1.00 0.00 ? 33 CPH A "C2'"  1 
HETATM 753 O  "O2'"  . CPH G 4 . ? 9.091   -0.221  -4.126  1.00 0.00 ? 33 CPH A "O2'"  1 
HETATM 754 C  "C3'"  . CPH G 4 . ? 9.955   1.893   -4.778  1.00 0.00 ? 33 CPH A "C3'"  1 
HETATM 755 O  "O3'"  . CPH G 4 . ? 9.378   1.584   -6.043  1.00 0.00 ? 33 CPH A "O3'"  1 
HETATM 756 C  "C4'"  . CPH G 4 . ? 9.540   3.322   -4.351  1.00 0.00 ? 33 CPH A "C4'"  1 
HETATM 757 O  "O4'"  . CPH G 4 . ? 8.363   3.763   -5.018  1.00 0.00 ? 33 CPH A "O4'"  1 
HETATM 758 C  C4A    . CPH G 4 . ? 6.884   2.958   -0.018  1.00 0.00 ? 33 CPH A C4A    1 
HETATM 759 C  "C5'"  . CPH G 4 . ? 10.724  4.205   -4.737  1.00 0.00 ? 33 CPH A "C5'"  1 
HETATM 760 C  C5A    . CPH G 4 . ? 5.717   4.685   1.149   1.00 0.01 ? 33 CPH A C5A    1 
HETATM 761 C  C8A    . CPH G 4 . ? 4.651   3.719   1.366   1.00 0.00 ? 33 CPH A C8A    1 
HETATM 762 C  C9A    . CPH G 4 . ? 5.903   1.997   0.133   1.00 0.00 ? 33 CPH A C9A    1 
HETATM 763 C  CC7    . CPH G 4 . ? 2.367   6.156   3.276   1.00 0.02 ? 33 CPH A CC7    1 
HETATM 764 C  CME    . CPH G 4 . ? 11.706  1.463   -0.964  1.00 0.00 ? 33 CPH A CME    1 
HETATM 765 H  H2     . CPH G 4 . ? 7.927   -0.145  -0.233  1.00 0.01 ? 33 CPH A H2     1 
HETATM 766 H  H3     . CPH G 4 . ? 7.374   1.858   -2.565  1.00 0.01 ? 33 CPH A H3     1 
HETATM 767 H  H4     . CPH G 4 . ? 8.612   2.241   0.087   1.00 0.01 ? 33 CPH A H4     1 
HETATM 768 H  H4A    . CPH G 4 . ? 8.440   3.453   -1.177  1.00 0.02 ? 33 CPH A H4A    1 
HETATM 769 H  H5     . CPH G 4 . ? 6.437   6.799   1.376   1.00 0.01 ? 33 CPH A H5     1 
HETATM 770 H  HO8    . CPH G 4 . ? 1.654   3.043   1.924   1.00 0.02 ? 33 CPH A HO8    1 
HETATM 771 H  "H1'"  . CPH G 4 . ? 9.775   0.285   -1.780  1.00 0.01 ? 33 CPH A "H1'"  1 
HETATM 772 H  H10    . CPH G 4 . ? 7.717   4.975   0.414   1.00 0.02 ? 33 CPH A H10    1 
HETATM 773 H  "H3'"  . CPH G 4 . ? 11.031  1.760   -4.936  1.00 0.00 ? 33 CPH A "H3'"  1 
HETATM 774 H  "HO3'" . CPH G 4 . ? 9.857   0.842   -6.417  1.00 0.00 ? 33 CPH A "HO3'" 1 
HETATM 775 H  "H4'"  . CPH G 4 . ? 9.302   3.436   -3.285  1.00 0.01 ? 33 CPH A "H4'"  1 
HETATM 776 H  "HO4'" . CPH G 4 . ? 8.127   4.626   -4.668  1.00 0.00 ? 33 CPH A "HO4'" 1 
HETATM 777 H  "H5'"  . CPH G 4 . ? 10.538  5.203   -4.406  1.00 0.01 ? 33 CPH A "H5'"  1 
HETATM 778 H  "H5'A" . CPH G 4 . ? 11.625  3.812   -4.262  1.00 0.01 ? 33 CPH A "H5'A" 1 
HETATM 779 H  "H5'B" . CPH G 4 . ? 10.867  4.265   -5.812  1.00 0.01 ? 33 CPH A "H5'B" 1 
HETATM 780 H  HC7    . CPH G 4 . ? 1.630   5.495   3.521   1.00 0.03 ? 33 CPH A HC7    1 
HETATM 781 H  HC7A   . CPH G 4 . ? 2.758   6.777   4.083   1.00 0.02 ? 33 CPH A HC7A   1 
HETATM 782 H  HC7B   . CPH G 4 . ? 1.760   6.721   2.672   1.00 0.01 ? 33 CPH A HC7B   1 
HETATM 783 H  HME    . CPH G 4 . ? 11.914  0.366   -0.905  1.00 0.00 ? 33 CPH A HME    1 
HETATM 784 H  HMEA   . CPH G 4 . ? 12.709  1.842   -1.206  1.00 0.01 ? 33 CPH A HMEA   1 
HETATM 785 H  HMEB   . CPH G 4 . ? 11.389  1.936   -0.020  1.00 0.01 ? 33 CPH A HMEB   1 
HETATM 786 MG MG     . MG  H 5 . ? 3.756   -0.676  0.687   1.00 0.00 ? 1  MG  B MG     1 
HETATM 787 C  C1     . CPH I 4 . ? 5.053   -2.522  2.500   1.00 0.00 ? 23 CPH B C1     1 
HETATM 788 O  O1     . CPH I 4 . ? 4.494   -1.474  2.231   1.00 0.00 ? 23 CPH B O1     1 
HETATM 789 C  C2     . CPH I 4 . ? 6.130   -2.465  3.557   1.00 0.00 ? 23 CPH B C2     1 
HETATM 790 C  C3     . CPH I 4 . ? 6.100   -3.780  4.383   1.00 0.01 ? 23 CPH B C3     1 
HETATM 791 C  C4     . CPH I 4 . ? 6.154   -4.902  3.372   1.00 0.02 ? 23 CPH B C4     1 
HETATM 792 C  C5     . CPH I 4 . ? 3.678   -7.579  0.236   1.00 0.01 ? 23 CPH B C5     1 
HETATM 793 C  C6     . CPH I 4 . ? 2.763   -7.700  -0.781  1.00 0.00 ? 23 CPH B C6     1 
HETATM 794 C  C7     . CPH I 4 . ? 2.228   -6.511  -1.350  1.00 0.00 ? 23 CPH B C7     1 
HETATM 795 C  C8     . CPH I 4 . ? 2.555   -5.157  -0.899  1.00 0.00 ? 23 CPH B C8     1 
HETATM 796 O  O8     . CPH I 4 . ? 2.119   -3.941  -1.454  1.00 0.00 ? 23 CPH B O8     1 
HETATM 797 C  C9     . CPH I 4 . ? 3.815   -3.770  0.766   1.00 0.00 ? 23 CPH B C9     1 
HETATM 798 O  O9     . CPH I 4 . ? 3.348   -2.549  0.313   1.00 0.00 ? 23 CPH B O9     1 
HETATM 799 C  "C1'"  . CPH I 4 . ? 7.336   -3.907  5.353   1.00 0.00 ? 23 CPH B "C1'"  1 
HETATM 800 O  "O1'"  . CPH I 4 . ? 8.275   -5.007  5.399   1.00 0.00 ? 23 CPH B "O1'"  1 
HETATM 801 C  C10    . CPH I 4 . ? 4.935   -6.197  1.738   1.00 0.01 ? 23 CPH B C10    1 
HETATM 802 C  "C2'"  . CPH I 4 . ? 6.911   -3.511  6.767   1.00 0.00 ? 23 CPH B "C2'"  1 
HETATM 803 O  "O2'"  . CPH I 4 . ? 6.767   -2.334  7.038   1.00 0.00 ? 23 CPH B "O2'"  1 
HETATM 804 C  "C3'"  . CPH I 4 . ? 6.666   -4.567  7.843   1.00 0.00 ? 23 CPH B "C3'"  1 
HETATM 805 O  "O3'"  . CPH I 4 . ? 5.817   -4.019  8.846   1.00 0.00 ? 23 CPH B "O3'"  1 
HETATM 806 C  "C4'"  . CPH I 4 . ? 5.997   -5.823  7.231   1.00 0.00 ? 23 CPH B "C4'"  1 
HETATM 807 O  "O4'"  . CPH I 4 . ? 4.589   -5.841  7.431   1.00 0.00 ? 23 CPH B "O4'"  1 
HETATM 808 C  C4A    . CPH I 4 . ? 5.217   -4.932  2.273   1.00 0.00 ? 23 CPH B C4A    1 
HETATM 809 C  "C5'"  . CPH I 4 . ? 6.648   -7.002  7.950   1.00 0.00 ? 23 CPH B "C5'"  1 
HETATM 810 C  C5A    . CPH I 4 . ? 4.039   -6.287  0.698   1.00 0.01 ? 23 CPH B C5A    1 
HETATM 811 C  C8A    . CPH I 4 . ? 3.469   -5.054  0.175   1.00 0.00 ? 23 CPH B C8A    1 
HETATM 812 C  C9A    . CPH I 4 . ? 4.695   -3.725  1.843   1.00 0.00 ? 23 CPH B C9A    1 
HETATM 813 C  CC7    . CPH I 4 . ? 1.333   -6.755  -2.522  1.00 0.01 ? 23 CPH B CC7    1 
HETATM 814 C  CME    . CPH I 4 . ? 9.643   -4.933  4.883   1.00 0.00 ? 23 CPH B CME    1 
HETATM 815 H  H2     . CPH I 4 . ? 7.025   -2.280  2.993   1.00 0.01 ? 23 CPH B H2     1 
HETATM 816 H  H3     . CPH I 4 . ? 5.129   -3.880  4.879   1.00 0.01 ? 23 CPH B H3     1 
HETATM 817 H  H4     . CPH I 4 . ? 7.012   -4.777  2.796   1.00 0.02 ? 23 CPH B H4     1 
HETATM 818 H  H4A    . CPH I 4 . ? 6.049   -5.827  3.874   1.00 0.03 ? 23 CPH B H4A    1 
HETATM 819 H  H5     . CPH I 4 . ? 4.090   -8.521  0.676   1.00 0.01 ? 23 CPH B H5     1 
HETATM 820 H  HO8    . CPH I 4 . ? 1.215   -3.510  -1.408  1.00 0.02 ? 23 CPH B HO8    1 
HETATM 821 H  "H1'"  . CPH I 4 . ? 8.021   -3.172  5.036   1.00 0.01 ? 23 CPH B "H1'"  1 
HETATM 822 H  H10    . CPH I 4 . ? 5.479   -7.131  2.078   1.00 0.02 ? 23 CPH B H10    1 
HETATM 823 H  "H3'"  . CPH I 4 . ? 7.618   -4.766  8.369   1.00 0.00 ? 23 CPH B "H3'"  1 
HETATM 824 H  "HO3'" . CPH I 4 . ? 6.344   -3.438  9.397   1.00 0.00 ? 23 CPH B "HO3'" 1 
HETATM 825 H  "H4'"  . CPH I 4 . ? 6.115   -5.928  6.153   1.00 0.01 ? 23 CPH B "H4'"  1 
HETATM 826 H  "HO4'" . CPH I 4 . ? 4.231   -6.610  6.980   1.00 0.00 ? 23 CPH B "HO4'" 1 
HETATM 827 H  "H5'"  . CPH I 4 . ? 6.286   -7.918  7.533   1.00 0.01 ? 23 CPH B "H5'"  1 
HETATM 828 H  "H5'A" . CPH I 4 . ? 7.731   -6.935  7.834   1.00 0.01 ? 23 CPH B "H5'A" 1 
HETATM 829 H  "H5'B" . CPH I 4 . ? 6.384   -7.032  8.999   1.00 0.01 ? 23 CPH B "H5'B" 1 
HETATM 830 H  HC7    . CPH I 4 . ? 1.077   -5.783  -2.827  1.00 0.03 ? 23 CPH B HC7    1 
HETATM 831 H  HC7A   . CPH I 4 . ? 1.678   -7.519  -3.253  1.00 0.01 ? 23 CPH B HC7A   1 
HETATM 832 H  HC7B   . CPH I 4 . ? 0.424   -7.075  -2.185  1.00 0.01 ? 23 CPH B HC7B   1 
HETATM 833 H  HME    . CPH I 4 . ? 10.174  -3.958  4.929   1.00 0.00 ? 23 CPH B HME    1 
HETATM 834 H  HMEA   . CPH I 4 . ? 10.335  -5.585  5.432   1.00 0.01 ? 23 CPH B HMEA   1 
HETATM 835 H  HMEB   . CPH I 4 . ? 9.543   -5.344  3.876   1.00 0.00 ? 23 CPH B HMEB   1 
# 
